data_1N73
#
_entry.id   1N73
#
_cell.length_a   49.732
_cell.length_b   99.302
_cell.length_c   120.732
_cell.angle_alpha   99.58
_cell.angle_beta   101.46
_cell.angle_gamma   92.36
#
_symmetry.space_group_name_H-M   'P 1'
#
loop_
_entity.id
_entity.type
_entity.pdbx_description
1 polymer 'Fibrin alpha-1 chain'
2 polymer 'Fibrin beta chain'
3 polymer 'Fibrin gamma chain'
4 polymer 'peptide ligand: Gly-his-Arg-Pro-amide'
5 non-polymer 2-acetamido-2-deoxy-beta-D-glucopyranose
6 non-polymer 'CALCIUM ION'
#
loop_
_entity_poly.entity_id
_entity_poly.type
_entity_poly.pdbx_seq_one_letter_code
_entity_poly.pdbx_strand_id
1 'polypeptide(L)'
;AVSDTSGQTLNEHNELEVRYSEVLRELERRIIHLQRRINMQLQQLTLLQHNIKTQVSQILRVEVDIDVALRACKGSCARY
LEYRLDKEKNLQLEKAASYIANLKFERFEEVVVEETLNR
;
A,D
2 'polypeptide(L)'
;SSTHVNAQKEIENRYKEVKIRIESTVAGSLRSMKSVLEHLRAKMQRMEEAIKTQKELCSAPCTVNCRVPVVSGMHCEDIY
RNGGRTSEAYYIQPDLFSEPYKVFCDMESHGGGWTVVQNRVDGSSNFARDWNTYKAEFGNIAFGNGKSICNIPGEYWLGT
KTVHQLTKQHTQQVLFDMSDWEGSSVYAQYASFRPENEAQGYRLWVEDYSGNAGNALLEGATQLMGDNRTMTIHNGMQFS
TFDRDNDNWNPGDPTKHCSREDAGGWWYNRCHAANPNGRYYWGGIYTKEQADYGTDDGVVWMNWKGSWYSMRQMAMKLRP
KWP
;
B,E
3 'polypeptide(L)'
;DSGQKTVQKILEEVRILEQIGVSHDAQIQELSEMWRVNQQFVTRLQQQLVDIRQTCSRSCQDTTANKISPITGKDCQQVV
DNGGKDSGLYYIKPLKAKQPFLVFCEIENGNGWTVIQHRHDGSVNFTRDWVSYREGFGYLAPTLTTEFWLGNEKIHLLTG
QQAYRLRIDLTDWENTHRYADYGHFKLTPESDEYRLFYSMYLDGDAGNAFDGFDFGDDPQDKFYTTHLGMLFSTPERDND
KYEGSCAEQDGSGWWMNRCHAGHLNGKYYFGGNYRKTDVEFPYDDGIIWATWHDRWYSLKMTTMKLLPMGRDLSGHGGQQ
QSKGNSRGDN
;
C,F
4 'polypeptide(L)' GHRP G,H,I,J
#
loop_
_chem_comp.id
_chem_comp.type
_chem_comp.name
_chem_comp.formula
CA non-polymer 'CALCIUM ION' 'Ca 2'
NAG D-saccharide, beta linking 2-acetamido-2-deoxy-beta-D-glucopyranose 'C8 H15 N O6'
#
# COMPACT_ATOMS: atom_id res chain seq x y z
N GLU A 22 82.64 -78.86 57.26
CA GLU A 22 82.94 -77.78 56.28
C GLU A 22 81.75 -77.50 55.38
N VAL A 23 80.86 -78.49 55.22
CA VAL A 23 79.67 -78.35 54.38
C VAL A 23 78.59 -77.56 55.11
N LEU A 24 78.45 -77.80 56.41
CA LEU A 24 77.45 -77.12 57.22
C LEU A 24 77.90 -75.68 57.48
N ARG A 25 79.20 -75.51 57.73
CA ARG A 25 79.77 -74.20 57.99
C ARG A 25 79.98 -73.44 56.67
N GLU A 26 79.28 -73.91 55.65
CA GLU A 26 79.32 -73.30 54.33
C GLU A 26 77.95 -72.67 54.18
N LEU A 27 76.92 -73.50 54.26
CA LEU A 27 75.54 -73.06 54.16
C LEU A 27 75.33 -71.76 54.95
N GLU A 28 76.19 -71.50 55.93
CA GLU A 28 76.11 -70.30 56.74
C GLU A 28 76.47 -69.07 55.94
N ARG A 29 77.74 -68.97 55.55
CA ARG A 29 78.18 -67.83 54.75
C ARG A 29 77.19 -67.67 53.62
N ARG A 30 76.77 -68.79 53.06
CA ARG A 30 75.82 -68.75 51.97
C ARG A 30 74.57 -68.00 52.39
N ILE A 31 73.95 -68.46 53.47
CA ILE A 31 72.74 -67.82 53.97
C ILE A 31 72.97 -66.37 54.38
N ILE A 32 74.21 -66.04 54.75
CA ILE A 32 74.54 -64.68 55.17
C ILE A 32 74.72 -63.76 53.96
N HIS A 33 75.32 -64.29 52.92
CA HIS A 33 75.54 -63.49 51.74
C HIS A 33 74.22 -63.12 51.10
N LEU A 34 73.25 -64.05 51.11
CA LEU A 34 71.92 -63.78 50.55
C LEU A 34 71.35 -62.53 51.25
N GLN A 35 71.55 -62.46 52.56
CA GLN A 35 71.06 -61.33 53.31
C GLN A 35 71.54 -60.00 52.72
N ARG A 36 72.85 -59.72 52.81
CA ARG A 36 73.40 -58.48 52.27
C ARG A 36 72.96 -58.24 50.84
N ARG A 37 72.51 -59.31 50.19
CA ARG A 37 72.03 -59.23 48.82
C ARG A 37 70.61 -58.63 48.87
N ILE A 38 69.84 -59.07 49.87
CA ILE A 38 68.47 -58.61 50.06
C ILE A 38 68.52 -57.19 50.59
N ASN A 39 69.44 -56.96 51.50
CA ASN A 39 69.59 -55.64 52.07
C ASN A 39 69.90 -54.65 50.96
N MET A 40 70.55 -55.09 49.91
CA MET A 40 70.85 -54.17 48.80
C MET A 40 69.54 -53.62 48.21
N GLN A 41 68.55 -54.50 48.15
CA GLN A 41 67.24 -54.20 47.62
C GLN A 41 66.50 -53.27 48.55
N LEU A 42 66.56 -53.56 49.84
CA LEU A 42 65.90 -52.75 50.86
C LEU A 42 66.41 -51.33 50.74
N GLN A 43 67.58 -51.20 50.14
CA GLN A 43 68.20 -49.91 49.92
C GLN A 43 67.59 -49.24 48.68
N GLN A 44 67.36 -50.01 47.63
CA GLN A 44 66.77 -49.46 46.41
C GLN A 44 65.32 -49.10 46.72
N LEU A 45 64.65 -50.01 47.41
CA LEU A 45 63.25 -49.88 47.80
C LEU A 45 62.99 -48.63 48.66
N THR A 46 64.01 -48.25 49.41
CA THR A 46 63.94 -47.08 50.27
C THR A 46 63.91 -45.83 49.39
N LEU A 47 64.95 -45.69 48.57
CA LEU A 47 65.06 -44.55 47.68
C LEU A 47 63.76 -44.45 46.86
N LEU A 48 63.29 -45.59 46.37
CA LEU A 48 62.06 -45.64 45.58
C LEU A 48 60.87 -45.11 46.39
N GLN A 49 60.83 -45.52 47.65
CA GLN A 49 59.80 -45.11 48.58
C GLN A 49 59.87 -43.59 48.68
N HIS A 50 61.10 -43.07 48.78
CA HIS A 50 61.28 -41.63 48.85
C HIS A 50 60.82 -41.01 47.54
N ASN A 51 61.48 -41.40 46.46
CA ASN A 51 61.11 -40.89 45.14
C ASN A 51 59.59 -40.90 44.99
N ILE A 52 58.98 -42.02 45.33
CA ILE A 52 57.53 -42.13 45.22
C ILE A 52 56.85 -41.02 45.99
N LYS A 53 57.22 -40.85 47.25
CA LYS A 53 56.59 -39.81 48.04
C LYS A 53 56.75 -38.49 47.32
N THR A 54 57.98 -38.01 47.19
CA THR A 54 58.18 -36.73 46.52
C THR A 54 57.50 -36.63 45.15
N GLN A 55 57.12 -37.77 44.59
CA GLN A 55 56.47 -37.76 43.29
C GLN A 55 54.94 -37.74 43.37
N VAL A 56 54.37 -38.50 44.31
CA VAL A 56 52.92 -38.55 44.48
C VAL A 56 52.39 -37.14 44.68
N SER A 57 53.07 -36.37 45.51
CA SER A 57 52.67 -35.00 45.78
C SER A 57 52.78 -34.20 44.50
N GLN A 58 54.01 -33.84 44.14
CA GLN A 58 54.29 -33.06 42.95
C GLN A 58 53.29 -33.25 41.78
N ILE A 59 52.81 -34.46 41.52
CA ILE A 59 51.84 -34.66 40.43
C ILE A 59 50.48 -34.02 40.78
N LEU A 60 50.13 -34.10 42.05
CA LEU A 60 48.88 -33.50 42.54
C LEU A 60 49.05 -32.01 42.33
N ARG A 61 50.03 -31.45 43.01
CA ARG A 61 50.36 -30.03 42.95
C ARG A 61 50.31 -29.49 41.53
N VAL A 62 50.88 -30.24 40.58
CA VAL A 62 50.85 -29.80 39.20
C VAL A 62 49.42 -29.86 38.67
N GLU A 63 48.63 -30.80 39.19
CA GLU A 63 47.26 -30.99 38.75
C GLU A 63 46.31 -29.94 39.31
N VAL A 64 46.41 -29.68 40.62
CA VAL A 64 45.56 -28.66 41.24
C VAL A 64 45.91 -27.39 40.48
N ASP A 65 47.19 -27.23 40.13
CA ASP A 65 47.67 -26.07 39.36
C ASP A 65 47.09 -26.12 37.94
N ILE A 66 47.12 -27.30 37.34
CA ILE A 66 46.60 -27.49 36.00
C ILE A 66 45.10 -27.28 35.98
N ASP A 67 44.47 -27.53 37.12
CA ASP A 67 43.03 -27.35 37.29
C ASP A 67 42.68 -25.86 37.26
N VAL A 68 43.34 -25.11 38.13
CA VAL A 68 43.17 -23.67 38.22
C VAL A 68 43.42 -22.98 36.88
N ALA A 69 44.69 -22.78 36.54
CA ALA A 69 45.08 -22.15 35.28
C ALA A 69 44.20 -22.50 34.09
N LEU A 70 43.83 -23.78 34.01
CA LEU A 70 43.01 -24.30 32.90
C LEU A 70 41.61 -23.72 32.92
N ARG A 71 41.11 -23.47 34.13
CA ARG A 71 39.76 -22.93 34.30
C ARG A 71 39.70 -21.45 33.90
N ALA A 72 40.85 -20.89 33.63
CA ALA A 72 40.90 -19.50 33.22
C ALA A 72 40.61 -19.42 31.72
N CYS A 73 40.42 -20.57 31.08
CA CYS A 73 40.16 -20.53 29.65
C CYS A 73 38.71 -20.20 29.36
N LYS A 74 37.83 -20.50 30.30
CA LYS A 74 36.41 -20.25 30.13
C LYS A 74 36.14 -18.91 29.51
N GLY A 75 36.90 -17.90 29.92
CA GLY A 75 36.69 -16.57 29.38
C GLY A 75 37.77 -16.15 28.42
N SER A 76 38.37 -17.11 27.74
CA SER A 76 39.46 -16.80 26.83
C SER A 76 39.46 -17.56 25.50
N CYS A 77 38.82 -18.72 25.45
CA CYS A 77 38.80 -19.53 24.24
C CYS A 77 37.44 -19.63 23.56
N ALA A 78 37.45 -20.03 22.30
CA ALA A 78 36.22 -20.16 21.55
C ALA A 78 35.37 -21.20 22.22
N ARG A 79 36.02 -22.30 22.60
CA ARG A 79 35.36 -23.40 23.25
C ARG A 79 36.08 -23.67 24.57
N TYR A 80 35.35 -24.21 25.54
CA TYR A 80 35.90 -24.47 26.85
C TYR A 80 35.61 -25.92 27.21
N LEU A 81 36.59 -26.59 27.79
CA LEU A 81 36.40 -27.98 28.20
C LEU A 81 36.80 -28.11 29.65
N GLU A 82 35.78 -28.20 30.52
CA GLU A 82 35.95 -28.31 31.96
C GLU A 82 36.64 -29.61 32.39
N TYR A 83 37.41 -29.52 33.46
CA TYR A 83 38.16 -30.65 34.01
C TYR A 83 38.02 -30.60 35.53
N ARG A 84 37.53 -31.67 36.12
CA ARG A 84 37.38 -31.72 37.56
C ARG A 84 38.28 -32.84 38.06
N LEU A 85 38.59 -32.87 39.35
CA LEU A 85 39.46 -33.92 39.85
C LEU A 85 38.67 -35.24 40.03
N ASP A 86 39.01 -36.09 41.01
CA ASP A 86 38.29 -37.35 41.16
C ASP A 86 38.63 -38.15 42.46
N LYS A 87 39.30 -39.29 42.26
CA LYS A 87 39.71 -40.21 43.33
C LYS A 87 41.09 -39.95 43.95
N GLU A 88 41.11 -39.93 45.28
CA GLU A 88 42.31 -39.71 46.06
C GLU A 88 42.60 -40.98 46.85
N LYS A 89 42.12 -42.11 46.35
CA LYS A 89 42.41 -43.39 46.99
C LYS A 89 43.89 -43.60 46.68
N ASN A 90 44.40 -42.68 45.87
CA ASN A 90 45.79 -42.65 45.46
C ASN A 90 46.62 -42.19 46.64
N LEU A 91 45.98 -41.49 47.58
CA LEU A 91 46.67 -40.99 48.77
C LEU A 91 46.68 -42.05 49.88
N GLN A 92 45.84 -43.07 49.71
CA GLN A 92 45.77 -44.14 50.69
C GLN A 92 46.79 -45.18 50.25
N LEU A 93 46.77 -45.49 48.96
CA LEU A 93 47.72 -46.43 48.40
C LEU A 93 49.08 -45.80 48.66
N GLU A 94 49.18 -44.50 48.37
CA GLU A 94 50.42 -43.76 48.58
C GLU A 94 50.79 -43.75 50.04
N LYS A 95 49.79 -43.60 50.89
CA LYS A 95 50.04 -43.57 52.31
C LYS A 95 50.80 -44.82 52.68
N ALA A 96 50.25 -45.97 52.31
CA ALA A 96 50.89 -47.26 52.58
C ALA A 96 52.28 -47.28 51.96
N ALA A 97 52.32 -47.13 50.64
CA ALA A 97 53.56 -47.15 49.86
C ALA A 97 54.52 -46.04 50.21
N SER A 98 54.81 -45.89 51.51
CA SER A 98 55.74 -44.87 52.01
C SER A 98 55.71 -44.89 53.54
N TYR A 99 55.03 -45.89 54.06
CA TYR A 99 54.92 -46.11 55.50
C TYR A 99 55.09 -47.60 55.73
N ILE A 100 55.33 -48.33 54.64
CA ILE A 100 55.55 -49.77 54.68
C ILE A 100 57.05 -49.86 54.84
N ALA A 101 57.63 -48.73 55.22
CA ALA A 101 59.06 -48.58 55.40
C ALA A 101 59.81 -49.71 56.11
N ASN A 102 59.22 -50.90 56.17
CA ASN A 102 59.91 -52.02 56.79
C ASN A 102 61.16 -52.27 55.96
N LEU A 103 61.16 -51.71 54.75
CA LEU A 103 62.28 -51.81 53.84
C LEU A 103 63.51 -51.42 54.65
N LYS A 104 63.25 -50.63 55.67
CA LYS A 104 64.29 -50.16 56.60
C LYS A 104 65.04 -51.38 57.14
N PHE A 105 64.36 -52.52 57.11
CA PHE A 105 64.92 -53.78 57.60
C PHE A 105 66.37 -53.99 57.18
N GLU A 106 67.02 -55.01 57.77
CA GLU A 106 68.40 -55.32 57.45
C GLU A 106 68.97 -56.38 58.40
N ARG A 107 70.20 -56.80 58.15
CA ARG A 107 70.89 -57.78 58.98
C ARG A 107 72.35 -57.34 59.13
N PHE A 108 73.20 -58.25 59.60
CA PHE A 108 74.64 -57.95 59.78
C PHE A 108 75.43 -59.25 59.59
N GLU A 109 75.58 -59.98 60.69
CA GLU A 109 76.26 -61.26 60.74
C GLU A 109 77.73 -61.38 60.34
N GLU A 110 78.53 -61.80 61.32
CA GLU A 110 79.98 -62.04 61.23
C GLU A 110 80.94 -60.85 61.10
N VAL A 111 81.35 -60.33 62.26
CA VAL A 111 82.29 -59.21 62.35
C VAL A 111 83.13 -59.48 63.61
N VAL A 112 83.42 -58.43 64.38
CA VAL A 112 84.19 -58.53 65.62
C VAL A 112 85.63 -59.02 65.41
N ALA B 7 75.72 -74.93 63.56
CA ALA B 7 74.84 -76.10 63.86
C ALA B 7 73.81 -76.28 62.76
N GLN B 8 72.69 -76.91 63.09
CA GLN B 8 71.64 -77.14 62.10
C GLN B 8 70.53 -76.11 62.24
N LYS B 9 70.09 -75.86 63.46
CA LYS B 9 69.03 -74.90 63.70
C LYS B 9 69.56 -73.47 63.64
N GLU B 10 70.89 -73.33 63.72
CA GLU B 10 71.52 -72.01 63.66
C GLU B 10 71.36 -71.46 62.25
N ILE B 11 71.96 -72.14 61.29
CA ILE B 11 71.88 -71.73 59.90
C ILE B 11 70.40 -71.71 59.54
N GLU B 12 69.69 -72.73 60.00
CA GLU B 12 68.26 -72.85 59.76
C GLU B 12 67.61 -71.54 60.15
N ASN B 13 68.02 -71.00 61.29
CA ASN B 13 67.50 -69.74 61.80
C ASN B 13 67.45 -68.70 60.70
N ARG B 14 68.64 -68.15 60.39
CA ARG B 14 68.76 -67.11 59.38
C ARG B 14 68.08 -67.47 58.06
N TYR B 15 67.82 -68.77 57.85
CA TYR B 15 67.16 -69.17 56.62
C TYR B 15 65.69 -68.79 56.65
N LYS B 16 64.92 -69.53 57.44
CA LYS B 16 63.49 -69.31 57.60
C LYS B 16 63.15 -67.82 57.66
N GLU B 17 64.00 -67.04 58.31
CA GLU B 17 63.77 -65.61 58.45
C GLU B 17 63.92 -64.89 57.11
N VAL B 18 65.01 -65.16 56.41
CA VAL B 18 65.26 -64.53 55.11
C VAL B 18 64.11 -64.78 54.13
N LYS B 19 63.54 -65.97 54.18
CA LYS B 19 62.46 -66.33 53.28
C LYS B 19 61.25 -65.41 53.37
N ILE B 20 60.93 -64.98 54.59
CA ILE B 20 59.77 -64.11 54.75
C ILE B 20 60.04 -62.70 54.21
N ARG B 21 61.14 -62.09 54.63
CA ARG B 21 61.50 -60.75 54.17
C ARG B 21 61.57 -60.61 52.66
N ILE B 22 61.49 -61.74 51.95
CA ILE B 22 61.53 -61.72 50.51
C ILE B 22 60.13 -61.79 49.98
N GLU B 23 59.47 -62.91 50.26
CA GLU B 23 58.11 -63.15 49.78
C GLU B 23 57.11 -62.19 50.37
N SER B 24 57.59 -61.21 51.12
CA SER B 24 56.71 -60.25 51.77
C SER B 24 57.27 -58.82 51.85
N THR B 25 58.34 -58.65 52.62
CA THR B 25 58.95 -57.34 52.79
C THR B 25 59.61 -56.76 51.54
N VAL B 26 59.80 -57.58 50.51
CA VAL B 26 60.45 -57.14 49.27
C VAL B 26 59.46 -57.35 48.13
N ALA B 27 59.01 -58.60 47.97
CA ALA B 27 58.06 -58.93 46.92
C ALA B 27 56.82 -58.03 47.02
N GLY B 28 56.30 -57.89 48.23
CA GLY B 28 55.13 -57.08 48.44
C GLY B 28 55.37 -55.66 48.04
N SER B 29 56.34 -55.03 48.69
CA SER B 29 56.67 -53.66 48.40
C SER B 29 56.68 -53.35 46.90
N LEU B 30 57.12 -54.32 46.10
CA LEU B 30 57.19 -54.12 44.65
C LEU B 30 55.83 -54.05 44.02
N ARG B 31 54.93 -54.92 44.49
CA ARG B 31 53.56 -54.98 43.99
C ARG B 31 52.82 -53.67 44.26
N SER B 32 52.99 -53.15 45.46
CA SER B 32 52.34 -51.91 45.85
C SER B 32 52.92 -50.74 45.10
N MET B 33 54.21 -50.50 45.27
CA MET B 33 54.88 -49.39 44.60
C MET B 33 54.59 -49.43 43.10
N LYS B 34 54.55 -50.64 42.52
CA LYS B 34 54.28 -50.75 41.10
C LYS B 34 52.86 -50.29 40.78
N SER B 35 51.93 -50.62 41.67
CA SER B 35 50.52 -50.27 41.50
C SER B 35 50.41 -48.74 41.44
N VAL B 36 50.89 -48.09 42.49
CA VAL B 36 50.87 -46.64 42.57
C VAL B 36 51.44 -45.99 41.33
N LEU B 37 52.65 -46.39 40.93
CA LEU B 37 53.30 -45.81 39.76
C LEU B 37 52.44 -45.84 38.51
N GLU B 38 51.59 -46.86 38.39
CA GLU B 38 50.71 -46.95 37.21
C GLU B 38 49.64 -45.85 37.31
N HIS B 39 49.10 -45.68 38.51
CA HIS B 39 48.09 -44.66 38.76
C HIS B 39 48.65 -43.33 38.29
N LEU B 40 49.71 -42.88 38.96
CA LEU B 40 50.36 -41.62 38.61
C LEU B 40 50.54 -41.49 37.11
N ARG B 41 50.84 -42.61 36.47
CA ARG B 41 51.02 -42.63 35.04
C ARG B 41 49.69 -42.22 34.40
N ALA B 42 48.63 -42.96 34.73
CA ALA B 42 47.29 -42.69 34.22
C ALA B 42 46.86 -41.26 34.50
N LYS B 43 46.93 -40.85 35.76
CA LYS B 43 46.57 -39.49 36.13
C LYS B 43 47.19 -38.49 35.17
N MET B 44 48.49 -38.66 34.90
CA MET B 44 49.20 -37.76 34.01
C MET B 44 48.74 -37.91 32.56
N GLN B 45 48.18 -39.06 32.22
CA GLN B 45 47.68 -39.24 30.87
C GLN B 45 46.44 -38.34 30.75
N ARG B 46 45.58 -38.39 31.76
CA ARG B 46 44.34 -37.57 31.80
C ARG B 46 44.72 -36.10 31.53
N MET B 47 45.54 -35.56 32.41
CA MET B 47 46.02 -34.20 32.33
C MET B 47 46.72 -33.92 30.99
N GLU B 48 47.40 -34.93 30.46
CA GLU B 48 48.11 -34.75 29.21
C GLU B 48 47.18 -34.22 28.13
N GLU B 49 46.10 -34.94 27.88
CA GLU B 49 45.19 -34.54 26.83
C GLU B 49 44.08 -33.61 27.29
N ALA B 50 43.86 -33.56 28.61
CA ALA B 50 42.85 -32.67 29.16
C ALA B 50 43.29 -31.27 28.81
N ILE B 51 44.60 -31.06 28.72
CA ILE B 51 45.16 -29.75 28.38
C ILE B 51 45.37 -29.69 26.88
N LYS B 52 45.50 -30.87 26.28
CA LYS B 52 45.74 -31.02 24.85
C LYS B 52 44.54 -30.57 24.02
N THR B 53 43.38 -31.18 24.23
CA THR B 53 42.19 -30.80 23.48
C THR B 53 41.82 -29.35 23.73
N GLN B 54 41.95 -28.90 24.98
CA GLN B 54 41.63 -27.52 25.31
C GLN B 54 42.48 -26.55 24.52
N LYS B 55 43.80 -26.78 24.48
CA LYS B 55 44.68 -25.89 23.73
C LYS B 55 44.21 -25.78 22.28
N GLU B 56 43.65 -26.86 21.75
CA GLU B 56 43.16 -26.88 20.38
C GLU B 56 41.99 -25.93 20.20
N LEU B 57 41.03 -26.02 21.12
CA LEU B 57 39.82 -25.20 21.11
C LEU B 57 40.12 -23.73 21.26
N CYS B 58 41.29 -23.42 21.81
CA CYS B 58 41.70 -22.05 22.01
C CYS B 58 42.30 -21.39 20.78
N SER B 59 42.11 -22.04 19.63
CA SER B 59 42.60 -21.50 18.36
C SER B 59 41.86 -20.19 18.14
N ALA B 60 40.56 -20.23 18.40
CA ALA B 60 39.69 -19.08 18.25
C ALA B 60 39.38 -18.54 19.64
N PRO B 61 39.37 -17.22 19.81
CA PRO B 61 39.06 -16.66 21.12
C PRO B 61 37.55 -16.62 21.32
N CYS B 62 37.12 -16.41 22.55
CA CYS B 62 35.71 -16.33 22.86
C CYS B 62 35.23 -14.94 22.45
N THR B 63 33.93 -14.80 22.27
CA THR B 63 33.39 -13.50 21.88
C THR B 63 32.14 -13.19 22.68
N VAL B 64 31.82 -11.91 22.78
CA VAL B 64 30.61 -11.49 23.48
C VAL B 64 29.89 -10.59 22.49
N ASN B 65 28.73 -11.02 21.99
CA ASN B 65 27.99 -10.20 21.05
C ASN B 65 26.74 -9.64 21.74
N CYS B 66 26.92 -8.89 22.83
CA CYS B 66 25.72 -8.41 23.48
C CYS B 66 25.39 -6.95 23.22
N ARG B 67 24.09 -6.68 23.15
CA ARG B 67 23.54 -5.35 22.88
C ARG B 67 24.01 -4.33 23.94
N VAL B 68 24.21 -3.08 23.54
CA VAL B 68 24.66 -2.07 24.50
C VAL B 68 23.53 -1.14 25.00
N PRO B 69 23.41 -1.02 26.33
CA PRO B 69 22.40 -0.19 27.00
C PRO B 69 22.48 1.29 26.58
N VAL B 70 21.35 1.86 26.17
CA VAL B 70 21.29 3.26 25.76
C VAL B 70 21.79 4.18 26.86
N VAL B 71 21.12 4.14 28.01
CA VAL B 71 21.48 4.97 29.16
C VAL B 71 22.97 4.85 29.47
N SER B 72 23.57 5.97 29.85
CA SER B 72 24.97 6.00 30.18
C SER B 72 25.13 7.12 31.20
N GLY B 73 26.37 7.41 31.60
CA GLY B 73 26.59 8.44 32.57
C GLY B 73 28.06 8.78 32.56
N MET B 74 28.65 8.90 33.74
CA MET B 74 30.06 9.20 33.86
C MET B 74 30.62 8.29 34.92
N HIS B 75 29.73 7.54 35.54
CA HIS B 75 30.06 6.62 36.62
C HIS B 75 28.77 5.83 36.81
N CYS B 76 28.86 4.63 37.39
CA CYS B 76 27.69 3.79 37.64
C CYS B 76 26.59 4.49 38.42
N GLU B 77 26.99 5.37 39.35
CA GLU B 77 26.02 6.09 40.15
C GLU B 77 25.23 7.06 39.28
N ASP B 78 25.92 7.73 38.37
CA ASP B 78 25.28 8.67 37.48
C ASP B 78 24.18 7.96 36.70
N ILE B 79 24.47 6.72 36.31
CA ILE B 79 23.52 5.91 35.55
C ILE B 79 22.30 5.60 36.41
N TYR B 80 22.54 5.10 37.61
CA TYR B 80 21.46 4.78 38.53
C TYR B 80 20.56 6.03 38.63
N ARG B 81 21.21 7.18 38.78
CA ARG B 81 20.53 8.45 38.85
C ARG B 81 19.72 8.67 37.56
N ASN B 82 20.25 8.24 36.43
CA ASN B 82 19.54 8.41 35.18
C ASN B 82 18.59 7.28 34.84
N GLY B 83 18.46 6.28 35.71
CA GLY B 83 17.51 5.21 35.44
C GLY B 83 18.04 3.82 35.25
N GLY B 84 19.36 3.65 35.36
CA GLY B 84 19.94 2.34 35.19
C GLY B 84 19.74 1.66 36.52
N ARG B 85 18.67 0.88 36.62
CA ARG B 85 18.39 0.21 37.88
C ARG B 85 18.68 -1.28 37.96
N THR B 86 19.17 -1.85 36.86
CA THR B 86 19.53 -3.26 36.85
C THR B 86 21.05 -3.40 36.83
N SER B 87 21.55 -4.50 37.37
CA SER B 87 22.98 -4.77 37.42
C SER B 87 23.36 -5.45 36.12
N GLU B 88 24.34 -4.85 35.45
CA GLU B 88 24.84 -5.36 34.17
C GLU B 88 26.02 -4.52 33.68
N ALA B 89 26.28 -4.60 32.39
CA ALA B 89 27.37 -3.86 31.78
C ALA B 89 26.86 -2.60 31.12
N TYR B 90 27.55 -1.48 31.35
CA TYR B 90 27.18 -0.21 30.73
C TYR B 90 28.44 0.55 30.34
N TYR B 91 28.27 1.57 29.51
CA TYR B 91 29.40 2.41 29.13
C TYR B 91 29.30 3.62 30.02
N ILE B 92 30.43 4.05 30.55
CA ILE B 92 30.47 5.24 31.38
C ILE B 92 31.54 6.13 30.74
N GLN B 93 31.53 7.41 31.09
CA GLN B 93 32.49 8.36 30.56
C GLN B 93 32.78 9.39 31.64
N PRO B 94 33.67 9.05 32.57
CA PRO B 94 34.02 9.96 33.67
C PRO B 94 34.69 11.26 33.24
N ASP B 95 35.38 11.22 32.11
CA ASP B 95 36.04 12.42 31.61
C ASP B 95 35.55 12.75 30.21
N LEU B 96 35.32 14.03 29.98
CA LEU B 96 34.84 14.48 28.68
C LEU B 96 35.92 14.28 27.63
N PHE B 97 37.17 14.20 28.08
CA PHE B 97 38.29 14.02 27.17
C PHE B 97 38.83 12.59 27.15
N SER B 98 37.94 11.61 27.27
CA SER B 98 38.34 10.21 27.25
C SER B 98 37.20 9.31 26.78
N GLU B 99 37.44 8.55 25.71
CA GLU B 99 36.43 7.66 25.13
C GLU B 99 35.72 6.82 26.21
N PRO B 100 34.41 6.64 26.09
CA PRO B 100 33.63 5.87 27.05
C PRO B 100 34.08 4.41 27.12
N TYR B 101 34.00 3.81 28.31
CA TYR B 101 34.40 2.40 28.45
C TYR B 101 33.39 1.54 29.21
N LYS B 102 33.25 0.30 28.74
CA LYS B 102 32.32 -0.67 29.32
C LYS B 102 32.75 -0.98 30.74
N VAL B 103 31.79 -1.36 31.56
CA VAL B 103 32.08 -1.65 32.96
C VAL B 103 30.85 -2.31 33.57
N PHE B 104 31.04 -3.05 34.66
CA PHE B 104 29.92 -3.70 35.31
C PHE B 104 29.46 -2.86 36.46
N CYS B 105 28.19 -2.48 36.42
CA CYS B 105 27.58 -1.66 37.47
C CYS B 105 26.73 -2.52 38.37
N ASP B 106 26.92 -2.37 39.68
CA ASP B 106 26.14 -3.11 40.63
C ASP B 106 25.08 -2.16 41.14
N MET B 107 23.84 -2.38 40.73
CA MET B 107 22.74 -1.52 41.11
C MET B 107 21.81 -2.23 42.08
N GLU B 108 22.35 -3.12 42.92
CA GLU B 108 21.51 -3.85 43.86
C GLU B 108 22.14 -4.03 45.24
N SER B 109 23.46 -4.11 45.29
CA SER B 109 24.15 -4.27 46.55
C SER B 109 24.26 -2.91 47.24
N HIS B 110 24.25 -2.92 48.56
CA HIS B 110 24.38 -1.71 49.36
C HIS B 110 24.07 -0.40 48.65
N GLY B 111 22.80 -0.07 48.53
CA GLY B 111 22.42 1.20 47.91
C GLY B 111 22.49 1.25 46.40
N GLY B 112 23.56 0.74 45.81
CA GLY B 112 23.69 0.77 44.37
C GLY B 112 24.62 1.85 43.88
N GLY B 113 24.66 2.03 42.55
CA GLY B 113 25.53 3.03 41.95
C GLY B 113 26.99 2.63 42.08
N TRP B 114 27.25 1.34 42.20
CA TRP B 114 28.60 0.84 42.36
C TRP B 114 29.28 0.49 41.05
N THR B 115 30.47 1.06 40.84
CA THR B 115 31.21 0.76 39.63
C THR B 115 32.19 -0.32 40.03
N VAL B 116 32.07 -1.50 39.42
CA VAL B 116 32.99 -2.58 39.79
C VAL B 116 34.38 -2.32 39.22
N VAL B 117 35.36 -2.31 40.10
CA VAL B 117 36.74 -2.08 39.71
C VAL B 117 37.53 -3.39 39.56
N GLN B 118 37.11 -4.39 40.34
CA GLN B 118 37.72 -5.73 40.35
C GLN B 118 36.65 -6.73 40.73
N ASN B 119 36.79 -7.97 40.24
CA ASN B 119 35.80 -9.00 40.51
C ASN B 119 36.25 -10.44 40.22
N ARG B 120 36.02 -11.30 41.21
CA ARG B 120 36.35 -12.71 41.12
C ARG B 120 35.05 -13.47 41.35
N VAL B 121 34.80 -14.51 40.59
CA VAL B 121 33.58 -15.27 40.76
C VAL B 121 33.66 -16.73 40.28
N ASP B 122 34.46 -16.99 39.25
CA ASP B 122 34.57 -18.34 38.73
C ASP B 122 35.98 -18.71 38.27
N GLY B 123 36.96 -17.88 38.65
CA GLY B 123 38.33 -18.12 38.24
C GLY B 123 38.44 -18.20 36.74
N SER B 124 37.63 -17.41 36.04
CA SER B 124 37.64 -17.41 34.58
C SER B 124 38.73 -16.54 33.94
N SER B 125 39.45 -15.77 34.76
CA SER B 125 40.53 -14.92 34.26
C SER B 125 41.82 -15.07 35.07
N ASN B 126 42.94 -14.72 34.48
CA ASN B 126 44.22 -14.84 35.16
C ASN B 126 44.67 -13.45 35.65
N PHE B 127 45.02 -13.38 36.93
CA PHE B 127 45.45 -12.13 37.54
C PHE B 127 46.95 -12.02 37.78
N ALA B 128 47.72 -13.01 37.38
CA ALA B 128 49.16 -12.95 37.58
C ALA B 128 49.76 -12.17 36.42
N ARG B 129 49.33 -10.91 36.29
CA ARG B 129 49.78 -10.07 35.21
C ARG B 129 50.81 -9.05 35.68
N ASP B 130 51.43 -8.37 34.71
CA ASP B 130 52.45 -7.35 34.96
C ASP B 130 51.91 -5.91 35.08
N TRP B 131 52.78 -5.03 35.56
CA TRP B 131 52.44 -3.63 35.76
C TRP B 131 51.64 -2.93 34.65
N ASN B 132 51.89 -3.29 33.40
CA ASN B 132 51.17 -2.64 32.30
C ASN B 132 49.80 -3.21 32.09
N THR B 133 49.67 -4.52 32.31
CA THR B 133 48.39 -5.18 32.16
C THR B 133 47.44 -4.66 33.21
N TYR B 134 47.96 -4.51 34.43
CA TYR B 134 47.18 -4.00 35.53
C TYR B 134 46.83 -2.53 35.35
N LYS B 135 47.73 -1.79 34.71
CA LYS B 135 47.50 -0.38 34.49
C LYS B 135 46.45 -0.13 33.43
N ALA B 136 46.49 -0.95 32.39
CA ALA B 136 45.58 -0.80 31.27
C ALA B 136 44.24 -1.45 31.43
N GLU B 137 44.14 -2.41 32.34
CA GLU B 137 42.88 -3.13 32.56
C GLU B 137 42.96 -4.44 31.79
N PHE B 138 42.50 -5.51 32.43
CA PHE B 138 42.52 -6.84 31.81
C PHE B 138 41.36 -7.67 32.31
N GLY B 139 40.79 -8.49 31.41
CA GLY B 139 39.68 -9.37 31.77
C GLY B 139 38.39 -9.12 30.99
N ASN B 140 37.34 -9.83 31.39
CA ASN B 140 36.03 -9.68 30.76
C ASN B 140 35.05 -8.96 31.70
N ILE B 141 34.53 -7.83 31.26
CA ILE B 141 33.57 -7.13 32.10
C ILE B 141 32.33 -7.99 32.37
N ALA B 142 31.74 -8.57 31.33
CA ALA B 142 30.54 -9.39 31.52
C ALA B 142 30.31 -10.49 30.49
N PHE B 143 29.25 -11.29 30.67
CA PHE B 143 28.96 -12.39 29.75
C PHE B 143 27.51 -12.40 29.27
N GLY B 144 27.30 -12.90 28.07
CA GLY B 144 25.95 -12.98 27.50
C GLY B 144 25.08 -13.95 28.27
N ASN B 145 23.92 -13.47 28.70
CA ASN B 145 22.99 -14.30 29.46
C ASN B 145 22.12 -15.13 28.52
N GLY B 146 22.42 -15.04 27.23
CA GLY B 146 21.67 -15.81 26.26
C GLY B 146 20.70 -14.92 25.51
N LYS B 147 20.13 -13.95 26.21
CA LYS B 147 19.17 -13.02 25.60
C LYS B 147 19.96 -11.85 25.03
N SER B 148 21.27 -12.04 24.89
CA SER B 148 22.15 -11.01 24.36
C SER B 148 22.32 -9.76 25.25
N ILE B 149 21.89 -9.90 26.51
CA ILE B 149 22.03 -8.84 27.51
C ILE B 149 23.16 -9.31 28.42
N CYS B 150 24.20 -8.50 28.57
CA CYS B 150 25.33 -8.90 29.40
C CYS B 150 25.23 -8.54 30.88
N ASN B 151 24.51 -9.37 31.62
CA ASN B 151 24.34 -9.16 33.06
C ASN B 151 25.11 -10.17 33.91
N ILE B 152 25.85 -11.07 33.26
CA ILE B 152 26.64 -12.05 33.98
C ILE B 152 28.03 -11.44 34.16
N PRO B 153 28.37 -11.04 35.38
CA PRO B 153 29.69 -10.46 35.57
C PRO B 153 30.80 -11.46 35.33
N GLY B 154 31.86 -11.01 34.67
CA GLY B 154 32.99 -11.87 34.40
C GLY B 154 34.09 -11.36 35.28
N GLU B 155 35.24 -12.03 35.31
CA GLU B 155 36.36 -11.58 36.12
C GLU B 155 37.17 -10.52 35.36
N TYR B 156 37.71 -9.54 36.10
CA TYR B 156 38.51 -8.50 35.47
C TYR B 156 39.02 -7.52 36.48
N TRP B 157 39.84 -6.59 35.99
CA TRP B 157 40.39 -5.54 36.82
C TRP B 157 40.53 -4.34 35.91
N LEU B 158 39.59 -3.40 36.02
CA LEU B 158 39.58 -2.18 35.22
C LEU B 158 40.97 -1.64 35.49
N GLY B 159 41.58 -0.96 34.55
CA GLY B 159 42.93 -0.48 34.83
C GLY B 159 43.12 0.38 36.07
N THR B 160 44.23 0.18 36.76
CA THR B 160 44.56 0.97 37.95
C THR B 160 44.60 2.44 37.59
N LYS B 161 45.08 2.76 36.39
CA LYS B 161 45.16 4.12 35.91
C LYS B 161 43.77 4.70 35.88
N THR B 162 42.84 3.96 35.28
CA THR B 162 41.44 4.36 35.16
C THR B 162 40.92 4.66 36.54
N VAL B 163 41.07 3.71 37.45
CA VAL B 163 40.64 3.89 38.83
C VAL B 163 41.25 5.19 39.35
N HIS B 164 42.57 5.29 39.25
CA HIS B 164 43.25 6.48 39.71
C HIS B 164 42.57 7.76 39.25
N GLN B 165 42.37 7.87 37.94
CA GLN B 165 41.74 9.05 37.34
C GLN B 165 40.38 9.29 37.97
N LEU B 166 39.63 8.21 38.14
CA LEU B 166 38.30 8.30 38.70
C LEU B 166 38.33 8.93 40.09
N THR B 167 39.28 8.51 40.91
CA THR B 167 39.38 9.02 42.28
C THR B 167 39.99 10.43 42.34
N LYS B 168 40.80 10.79 41.35
CA LYS B 168 41.42 12.10 41.32
C LYS B 168 40.40 13.15 40.94
N GLN B 169 39.40 12.75 40.15
CA GLN B 169 38.36 13.67 39.73
C GLN B 169 37.42 13.92 40.91
N HIS B 170 37.11 12.87 41.66
CA HIS B 170 36.26 12.96 42.84
C HIS B 170 36.59 11.81 43.78
N THR B 171 36.76 12.12 45.06
CA THR B 171 37.08 11.09 46.04
C THR B 171 35.94 10.07 46.11
N GLN B 172 36.32 8.80 46.08
CA GLN B 172 35.36 7.71 46.12
C GLN B 172 35.24 7.08 47.49
N GLN B 173 34.43 6.04 47.55
CA GLN B 173 34.25 5.24 48.75
C GLN B 173 34.22 3.83 48.17
N VAL B 174 35.05 2.95 48.69
CA VAL B 174 35.10 1.61 48.16
C VAL B 174 34.25 0.71 49.01
N LEU B 175 33.94 -0.45 48.47
CA LEU B 175 33.13 -1.44 49.16
C LEU B 175 33.59 -2.78 48.64
N PHE B 176 34.02 -3.64 49.54
CA PHE B 176 34.48 -4.97 49.17
C PHE B 176 33.38 -5.95 49.53
N ASP B 177 33.13 -6.91 48.65
CA ASP B 177 32.12 -7.95 48.86
C ASP B 177 32.80 -9.29 48.63
N MET B 178 32.43 -10.30 49.42
CA MET B 178 33.02 -11.62 49.25
C MET B 178 32.08 -12.71 49.77
N SER B 179 32.16 -13.89 49.17
CA SER B 179 31.33 -15.01 49.58
C SER B 179 32.14 -16.28 49.62
N ASP B 180 32.00 -17.05 50.70
CA ASP B 180 32.72 -18.31 50.83
C ASP B 180 32.01 -19.43 50.06
N TRP B 181 32.66 -20.58 49.96
CA TRP B 181 32.10 -21.70 49.23
C TRP B 181 31.01 -22.44 50.02
N GLU B 182 30.78 -22.01 51.26
CA GLU B 182 29.76 -22.61 52.10
C GLU B 182 28.40 -21.98 51.84
N GLY B 183 28.35 -20.66 51.75
CA GLY B 183 27.10 -19.99 51.48
C GLY B 183 27.01 -18.63 52.14
N SER B 184 27.89 -18.39 53.12
CA SER B 184 27.91 -17.12 53.84
C SER B 184 28.61 -16.06 53.01
N SER B 185 28.59 -14.82 53.50
CA SER B 185 29.22 -13.71 52.79
C SER B 185 29.21 -12.46 53.63
N VAL B 186 30.37 -11.83 53.78
CA VAL B 186 30.49 -10.60 54.53
C VAL B 186 30.78 -9.46 53.55
N TYR B 187 31.03 -8.26 54.07
CA TYR B 187 31.32 -7.12 53.21
C TYR B 187 32.13 -6.15 54.03
N ALA B 188 32.86 -5.29 53.35
CA ALA B 188 33.68 -4.29 54.03
C ALA B 188 33.68 -3.03 53.19
N GLN B 189 33.52 -1.89 53.83
CA GLN B 189 33.54 -0.64 53.10
C GLN B 189 34.32 0.45 53.79
N TYR B 190 34.80 1.39 52.99
CA TYR B 190 35.58 2.53 53.47
C TYR B 190 35.00 3.79 52.88
N ALA B 191 34.74 4.77 53.73
CA ALA B 191 34.18 6.03 53.29
C ALA B 191 35.05 6.71 52.24
N SER B 192 36.37 6.61 52.37
CA SER B 192 37.25 7.25 51.40
C SER B 192 38.21 6.30 50.71
N PHE B 193 38.41 6.55 49.41
CA PHE B 193 39.30 5.74 48.58
C PHE B 193 39.92 6.64 47.53
N ARG B 194 41.22 6.47 47.29
CA ARG B 194 41.94 7.27 46.31
C ARG B 194 43.38 6.80 46.23
N PRO B 195 43.92 6.70 44.99
CA PRO B 195 45.31 6.27 44.84
C PRO B 195 46.03 7.37 44.10
N GLU B 196 47.30 7.55 44.41
CA GLU B 196 48.13 8.56 43.75
C GLU B 196 48.44 8.06 42.34
N ASN B 197 49.04 8.91 41.51
CA ASN B 197 49.37 8.54 40.15
C ASN B 197 50.42 7.44 40.03
N GLU B 198 50.58 6.92 38.82
CA GLU B 198 51.55 5.87 38.57
C GLU B 198 52.91 6.30 39.15
N ALA B 199 53.27 7.56 38.91
CA ALA B 199 54.52 8.10 39.40
C ALA B 199 54.76 7.64 40.82
N GLN B 200 53.73 7.72 41.66
CA GLN B 200 53.85 7.33 43.06
C GLN B 200 53.64 5.83 43.26
N GLY B 201 53.50 5.09 42.17
CA GLY B 201 53.28 3.67 42.30
C GLY B 201 51.84 3.41 42.71
N TYR B 202 50.97 4.36 42.36
CA TYR B 202 49.56 4.27 42.67
C TYR B 202 49.29 3.95 44.13
N ARG B 203 49.92 4.71 45.03
CA ARG B 203 49.76 4.52 46.47
C ARG B 203 48.31 4.55 46.93
N LEU B 204 47.98 3.60 47.81
CA LEU B 204 46.63 3.42 48.36
C LEU B 204 46.36 4.22 49.63
N TRP B 205 45.25 4.95 49.61
CA TRP B 205 44.82 5.76 50.75
C TRP B 205 43.31 5.59 50.94
N VAL B 206 42.92 4.99 52.06
CA VAL B 206 41.52 4.76 52.37
C VAL B 206 41.20 5.28 53.76
N GLU B 207 39.95 5.71 53.96
CA GLU B 207 39.52 6.23 55.26
C GLU B 207 38.21 5.64 55.79
N ASP B 208 38.12 5.53 57.10
CA ASP B 208 36.93 5.05 57.78
C ASP B 208 36.33 3.73 57.35
N TYR B 209 36.65 2.70 58.11
CA TYR B 209 36.14 1.35 57.85
C TYR B 209 34.74 1.23 58.42
N SER B 210 34.06 0.16 58.03
CA SER B 210 32.72 -0.13 58.51
C SER B 210 32.43 -1.46 57.86
N GLY B 211 31.53 -2.24 58.43
CA GLY B 211 31.23 -3.52 57.84
C GLY B 211 31.52 -4.68 58.76
N ASN B 212 31.24 -5.89 58.29
CA ASN B 212 31.43 -7.10 59.08
C ASN B 212 32.58 -7.97 58.64
N ALA B 213 33.41 -7.49 57.73
CA ALA B 213 34.50 -8.31 57.22
C ALA B 213 35.80 -8.23 58.00
N GLY B 214 36.13 -7.02 58.48
CA GLY B 214 37.35 -6.84 59.22
C GLY B 214 38.19 -5.77 58.53
N ASN B 215 38.56 -4.74 59.26
CA ASN B 215 39.34 -3.64 58.71
C ASN B 215 40.74 -4.08 58.33
N ALA B 216 40.81 -4.88 57.27
CA ALA B 216 42.09 -5.42 56.80
C ALA B 216 42.96 -4.39 56.11
N LEU B 217 42.38 -3.29 55.67
CA LEU B 217 43.18 -2.27 54.98
C LEU B 217 43.91 -1.28 55.91
N LEU B 218 43.27 -0.93 57.02
CA LEU B 218 43.84 0.02 57.99
C LEU B 218 44.38 -0.65 59.25
N GLU B 219 43.90 -1.85 59.53
CA GLU B 219 44.31 -2.62 60.72
C GLU B 219 45.14 -3.85 60.35
N GLY B 220 44.96 -4.35 59.12
CA GLY B 220 45.69 -5.52 58.71
C GLY B 220 45.11 -6.76 59.36
N ALA B 221 45.83 -7.87 59.32
CA ALA B 221 45.36 -9.12 59.92
C ALA B 221 45.36 -8.97 61.44
N THR B 222 44.24 -8.49 61.98
CA THR B 222 44.09 -8.27 63.42
C THR B 222 44.21 -9.49 64.31
N GLN B 223 44.54 -10.64 63.72
CA GLN B 223 44.72 -11.88 64.46
C GLN B 223 46.23 -12.08 64.62
N LEU B 224 46.96 -10.98 64.57
CA LEU B 224 48.41 -11.02 64.69
C LEU B 224 48.84 -10.03 65.77
N MET B 225 50.11 -10.08 66.14
CA MET B 225 50.64 -9.20 67.17
C MET B 225 51.74 -8.28 66.63
N GLY B 226 51.97 -7.17 67.33
CA GLY B 226 52.99 -6.20 66.95
C GLY B 226 53.26 -6.06 65.47
N ASP B 227 54.52 -6.23 65.09
CA ASP B 227 54.94 -6.13 63.69
C ASP B 227 54.11 -7.03 62.77
N ASN B 228 53.86 -8.25 63.21
CA ASN B 228 53.11 -9.19 62.39
C ASN B 228 51.80 -8.61 61.90
N ARG B 229 51.19 -7.71 62.67
CA ARG B 229 49.93 -7.11 62.24
C ARG B 229 50.20 -5.87 61.39
N THR B 230 50.96 -4.93 61.92
CA THR B 230 51.26 -3.71 61.17
C THR B 230 51.78 -3.97 59.77
N MET B 231 52.67 -4.95 59.61
CA MET B 231 53.22 -5.23 58.30
C MET B 231 52.25 -5.86 57.33
N THR B 232 50.96 -5.85 57.68
CA THR B 232 49.95 -6.41 56.81
C THR B 232 48.90 -5.35 56.54
N ILE B 233 49.28 -4.10 56.80
CA ILE B 233 48.42 -2.95 56.58
C ILE B 233 48.60 -2.46 55.16
N HIS B 234 47.49 -2.37 54.42
CA HIS B 234 47.52 -1.95 53.02
C HIS B 234 47.39 -0.42 52.81
N ASN B 235 46.98 0.32 53.84
CA ASN B 235 46.83 1.75 53.67
C ASN B 235 48.16 2.46 53.56
N GLY B 236 48.31 3.28 52.52
CA GLY B 236 49.55 4.00 52.32
C GLY B 236 50.57 3.26 51.48
N MET B 237 50.26 2.02 51.12
CA MET B 237 51.17 1.21 50.32
C MET B 237 51.08 1.47 48.82
N GLN B 238 52.16 1.16 48.09
CA GLN B 238 52.17 1.34 46.63
C GLN B 238 51.74 0.02 46.02
N PHE B 239 51.55 0.03 44.71
CA PHE B 239 51.11 -1.17 44.01
C PHE B 239 52.31 -1.98 43.49
N SER B 240 52.17 -3.30 43.44
CA SER B 240 53.25 -4.16 42.97
C SER B 240 52.73 -5.19 42.00
N THR B 241 53.62 -5.70 41.17
CA THR B 241 53.30 -6.72 40.17
C THR B 241 54.48 -7.67 40.16
N PHE B 242 54.39 -8.81 39.48
CA PHE B 242 55.53 -9.71 39.51
C PHE B 242 56.76 -9.07 38.90
N ASP B 243 56.51 -8.07 38.05
CA ASP B 243 57.59 -7.37 37.38
C ASP B 243 57.74 -5.94 37.88
N ARG B 244 57.65 -5.75 39.19
CA ARG B 244 57.78 -4.43 39.80
C ARG B 244 57.52 -4.46 41.29
N ASP B 245 58.57 -4.58 42.08
CA ASP B 245 58.48 -4.64 43.52
C ASP B 245 58.47 -3.28 44.18
N ASN B 246 57.37 -2.97 44.86
CA ASN B 246 57.20 -1.70 45.58
C ASN B 246 56.70 -1.95 46.98
N ASP B 247 56.65 -3.22 47.39
CA ASP B 247 56.16 -3.55 48.71
C ASP B 247 57.06 -3.00 49.79
N ASN B 248 56.80 -3.36 51.04
CA ASN B 248 57.61 -2.90 52.15
C ASN B 248 58.47 -4.02 52.69
N TRP B 249 58.73 -4.98 51.82
CA TRP B 249 59.51 -6.14 52.19
C TRP B 249 60.93 -6.06 51.64
N ASN B 250 61.84 -5.44 52.40
CA ASN B 250 63.24 -5.31 52.02
C ASN B 250 63.41 -4.77 50.59
N PRO B 251 63.43 -3.44 50.45
CA PRO B 251 63.57 -2.72 49.18
C PRO B 251 64.58 -3.22 48.13
N GLY B 252 65.86 -3.25 48.48
CA GLY B 252 66.87 -3.67 47.51
C GLY B 252 66.87 -5.15 47.17
N ASP B 253 66.57 -6.00 48.15
CA ASP B 253 66.55 -7.45 47.99
C ASP B 253 65.46 -7.89 46.99
N PRO B 254 65.87 -8.39 45.81
CA PRO B 254 64.98 -8.86 44.75
C PRO B 254 64.34 -10.20 45.08
N THR B 255 64.72 -10.74 46.23
CA THR B 255 64.22 -12.02 46.73
C THR B 255 62.92 -11.82 47.48
N LYS B 256 62.74 -10.60 48.01
CA LYS B 256 61.56 -10.27 48.77
C LYS B 256 60.51 -9.56 47.90
N HIS B 257 59.76 -10.36 47.15
CA HIS B 257 58.76 -9.84 46.25
C HIS B 257 57.39 -10.42 46.58
N CYS B 258 56.61 -9.71 47.41
CA CYS B 258 55.28 -10.19 47.78
C CYS B 258 54.44 -10.54 46.54
N SER B 259 54.50 -9.70 45.54
CA SER B 259 53.78 -9.94 44.31
C SER B 259 54.17 -11.26 43.65
N ARG B 260 55.43 -11.67 43.78
CA ARG B 260 55.91 -12.91 43.20
C ARG B 260 55.35 -14.10 43.95
N GLU B 261 55.40 -14.01 45.27
CA GLU B 261 54.92 -15.08 46.12
C GLU B 261 53.41 -15.17 46.27
N ASP B 262 52.70 -14.05 46.21
CA ASP B 262 51.25 -14.10 46.38
C ASP B 262 50.36 -14.04 45.13
N ALA B 263 50.96 -14.33 43.98
CA ALA B 263 50.30 -14.42 42.67
C ALA B 263 49.33 -13.36 42.18
N GLY B 264 49.54 -12.10 42.53
CA GLY B 264 48.62 -11.08 42.06
C GLY B 264 49.14 -9.67 42.17
N GLY B 265 48.52 -8.75 41.42
CA GLY B 265 48.92 -7.36 41.48
C GLY B 265 48.12 -6.74 42.61
N TRP B 266 48.82 -6.29 43.65
CA TRP B 266 48.14 -5.71 44.80
C TRP B 266 48.95 -4.60 45.48
N TRP B 267 48.41 -4.08 46.59
CA TRP B 267 49.05 -3.03 47.36
C TRP B 267 49.73 -3.75 48.51
N TYR B 268 50.71 -4.58 48.19
CA TYR B 268 51.43 -5.34 49.21
C TYR B 268 52.29 -4.48 50.11
N ASN B 269 52.39 -4.91 51.35
CA ASN B 269 53.19 -4.25 52.38
C ASN B 269 53.74 -5.37 53.24
N ARG B 270 55.00 -5.74 53.05
CA ARG B 270 55.56 -6.84 53.83
C ARG B 270 54.51 -7.93 53.68
N CYS B 271 53.88 -7.85 52.51
CA CYS B 271 52.85 -8.73 51.97
C CYS B 271 51.38 -8.40 52.25
N HIS B 272 50.63 -9.22 53.01
CA HIS B 272 49.22 -8.84 53.17
C HIS B 272 48.33 -9.35 54.30
N ALA B 273 47.13 -8.80 54.27
CA ALA B 273 46.05 -9.13 55.19
C ALA B 273 44.93 -9.53 54.25
N ALA B 274 44.70 -8.69 53.25
CA ALA B 274 43.67 -8.94 52.25
C ALA B 274 44.39 -9.11 50.91
N ASN B 275 44.16 -10.24 50.26
CA ASN B 275 44.80 -10.52 48.99
C ASN B 275 43.84 -10.93 47.88
N PRO B 276 43.03 -9.99 47.39
CA PRO B 276 42.11 -10.39 46.31
C PRO B 276 43.10 -10.50 45.14
N ASN B 277 42.64 -10.66 43.91
CA ASN B 277 43.61 -10.74 42.81
C ASN B 277 44.57 -11.94 42.90
N GLY B 278 44.44 -12.73 43.97
CA GLY B 278 45.30 -13.90 44.15
C GLY B 278 44.88 -15.10 43.33
N ARG B 279 45.39 -16.28 43.67
CA ARG B 279 45.07 -17.50 42.93
C ARG B 279 43.65 -17.97 43.25
N TYR B 280 42.88 -18.30 42.21
CA TYR B 280 41.53 -18.75 42.44
C TYR B 280 41.44 -20.23 42.74
N TYR B 281 41.72 -20.59 43.99
CA TYR B 281 41.63 -21.98 44.42
C TYR B 281 40.14 -22.30 44.41
N TRP B 282 39.82 -23.52 44.02
CA TRP B 282 38.44 -23.95 43.95
C TRP B 282 38.08 -24.86 45.12
N GLY B 283 37.23 -24.40 46.01
CA GLY B 283 36.82 -25.22 47.13
C GLY B 283 36.80 -24.48 48.44
N GLY B 284 37.71 -23.53 48.62
CA GLY B 284 37.78 -22.77 49.84
C GLY B 284 39.10 -22.92 50.58
N ILE B 285 39.30 -24.10 51.16
CA ILE B 285 40.52 -24.41 51.88
C ILE B 285 41.62 -24.85 50.92
N TYR B 286 42.84 -24.51 51.26
CA TYR B 286 44.00 -24.88 50.45
C TYR B 286 45.21 -24.86 51.37
N THR B 287 45.92 -25.98 51.42
CA THR B 287 47.10 -26.13 52.27
C THR B 287 48.25 -25.24 51.85
N LYS B 288 49.22 -25.09 52.74
CA LYS B 288 50.42 -24.29 52.51
C LYS B 288 51.34 -24.97 51.50
N GLU B 289 51.11 -26.27 51.28
CA GLU B 289 51.91 -27.06 50.37
C GLU B 289 51.43 -27.01 48.92
N GLN B 290 50.21 -26.57 48.71
CA GLN B 290 49.65 -26.49 47.35
C GLN B 290 50.06 -25.20 46.63
N ALA B 291 50.39 -24.17 47.40
CA ALA B 291 50.79 -22.88 46.87
C ALA B 291 52.16 -22.98 46.23
N ASP B 292 52.32 -22.32 45.07
CA ASP B 292 53.59 -22.34 44.35
C ASP B 292 54.82 -21.97 45.20
N TYR B 293 54.66 -21.08 46.18
CA TYR B 293 55.80 -20.68 47.02
C TYR B 293 55.54 -20.86 48.50
N GLY B 294 54.65 -21.78 48.86
CA GLY B 294 54.38 -22.02 50.25
C GLY B 294 53.81 -20.82 51.00
N THR B 295 53.28 -19.86 50.26
CA THR B 295 52.69 -18.67 50.85
C THR B 295 51.16 -18.72 50.78
N ASP B 296 50.51 -17.92 51.60
CA ASP B 296 49.07 -17.87 51.60
C ASP B 296 48.57 -16.96 50.48
N ASP B 297 48.60 -17.48 49.25
CA ASP B 297 48.15 -16.72 48.09
C ASP B 297 46.70 -17.08 47.78
N GLY B 298 46.12 -16.46 46.76
CA GLY B 298 44.74 -16.79 46.48
C GLY B 298 43.82 -15.81 47.20
N VAL B 299 42.62 -15.64 46.67
CA VAL B 299 41.63 -14.71 47.19
C VAL B 299 41.45 -14.84 48.67
N VAL B 300 42.34 -14.19 49.41
CA VAL B 300 42.39 -14.21 50.87
C VAL B 300 41.95 -12.93 51.55
N TRP B 301 41.13 -13.06 52.57
CA TRP B 301 40.70 -11.90 53.34
C TRP B 301 40.84 -12.37 54.78
N MET B 302 42.08 -12.45 55.23
CA MET B 302 42.41 -12.91 56.56
C MET B 302 41.42 -12.60 57.66
N ASN B 303 41.17 -11.31 57.88
CA ASN B 303 40.27 -10.87 58.93
C ASN B 303 38.94 -11.60 59.04
N TRP B 304 38.58 -12.36 58.01
CA TRP B 304 37.31 -13.07 58.05
C TRP B 304 37.38 -14.60 57.88
N LYS B 305 38.38 -15.10 57.16
CA LYS B 305 38.48 -16.53 56.94
C LYS B 305 39.88 -17.08 57.05
N GLY B 306 40.77 -16.33 57.68
CA GLY B 306 42.15 -16.79 57.85
C GLY B 306 43.01 -16.71 56.61
N SER B 307 44.25 -17.16 56.72
CA SER B 307 45.19 -17.14 55.60
C SER B 307 45.04 -18.26 54.61
N TRP B 308 44.30 -19.30 54.97
CA TRP B 308 44.17 -20.42 54.06
C TRP B 308 42.79 -20.73 53.54
N TYR B 309 42.08 -19.68 53.19
CA TYR B 309 40.74 -19.82 52.61
C TYR B 309 40.59 -18.81 51.48
N SER B 310 40.41 -19.32 50.26
CA SER B 310 40.23 -18.50 49.08
C SER B 310 38.74 -18.32 48.81
N MET B 311 38.27 -17.06 48.73
CA MET B 311 36.85 -16.78 48.51
C MET B 311 36.33 -17.31 47.17
N ARG B 312 35.04 -17.64 47.15
CA ARG B 312 34.38 -18.12 45.94
C ARG B 312 33.96 -16.91 45.11
N GLN B 313 33.80 -15.78 45.80
CA GLN B 313 33.44 -14.53 45.17
C GLN B 313 34.15 -13.41 45.89
N MET B 314 34.56 -12.40 45.13
CA MET B 314 35.26 -11.24 45.68
C MET B 314 35.14 -10.10 44.67
N ALA B 315 34.75 -8.92 45.15
CA ALA B 315 34.60 -7.78 44.26
C ALA B 315 35.03 -6.54 45.00
N MET B 316 35.25 -5.47 44.25
CA MET B 316 35.65 -4.19 44.80
C MET B 316 34.88 -3.12 44.03
N LYS B 317 33.83 -2.57 44.62
CA LYS B 317 33.03 -1.54 43.94
C LYS B 317 33.41 -0.14 44.38
N LEU B 318 33.28 0.82 43.47
CA LEU B 318 33.59 2.22 43.76
C LEU B 318 32.32 3.04 43.57
N ARG B 319 32.21 4.09 44.37
CA ARG B 319 31.04 4.98 44.35
C ARG B 319 31.49 6.29 44.99
N PRO B 320 31.00 7.43 44.48
CA PRO B 320 31.40 8.72 45.06
C PRO B 320 30.79 8.93 46.44
N LYS B 321 29.46 8.88 46.48
CA LYS B 321 28.69 9.05 47.72
C LYS B 321 27.24 8.61 47.46
N LYS C 5 71.62 -86.23 54.09
CA LYS C 5 72.00 -85.09 53.21
C LYS C 5 70.93 -83.99 53.21
N THR C 6 70.05 -84.02 54.21
CA THR C 6 69.01 -83.01 54.34
C THR C 6 69.74 -81.68 54.37
N VAL C 7 70.86 -81.66 55.07
CA VAL C 7 71.69 -80.48 55.19
C VAL C 7 72.01 -79.94 53.80
N GLN C 8 72.01 -80.83 52.81
CA GLN C 8 72.31 -80.45 51.44
C GLN C 8 71.03 -80.33 50.61
N LYS C 9 69.90 -80.67 51.23
CA LYS C 9 68.60 -80.57 50.58
C LYS C 9 68.03 -79.20 50.92
N ILE C 10 68.77 -78.47 51.75
CA ILE C 10 68.40 -77.13 52.18
C ILE C 10 69.21 -76.14 51.38
N LEU C 11 70.39 -76.57 50.96
CA LEU C 11 71.27 -75.73 50.17
C LEU C 11 70.59 -75.32 48.86
N GLU C 12 69.70 -76.18 48.37
CA GLU C 12 68.95 -75.93 47.14
C GLU C 12 67.89 -74.88 47.43
N GLU C 13 67.39 -74.89 48.66
CA GLU C 13 66.38 -73.94 49.11
C GLU C 13 66.96 -72.51 49.10
N VAL C 14 68.19 -72.36 49.56
CA VAL C 14 68.85 -71.06 49.57
C VAL C 14 69.09 -70.69 48.12
N ARG C 15 69.72 -71.62 47.42
CA ARG C 15 70.04 -71.48 46.01
C ARG C 15 68.83 -70.92 45.24
N ILE C 16 67.66 -71.51 45.42
CA ILE C 16 66.48 -71.02 44.70
C ILE C 16 66.14 -69.59 45.10
N LEU C 17 66.18 -69.28 46.39
CA LEU C 17 65.86 -67.94 46.82
C LEU C 17 66.79 -66.95 46.10
N GLU C 18 68.09 -67.21 46.11
CA GLU C 18 69.05 -66.33 45.43
C GLU C 18 68.47 -66.01 44.05
N GLN C 19 67.99 -67.05 43.37
CA GLN C 19 67.40 -66.87 42.05
C GLN C 19 66.31 -65.82 42.13
N ILE C 20 65.37 -66.04 43.05
CA ILE C 20 64.27 -65.11 43.26
C ILE C 20 64.88 -63.70 43.37
N GLY C 21 65.89 -63.58 44.23
CA GLY C 21 66.55 -62.30 44.42
C GLY C 21 66.93 -61.55 43.15
N VAL C 22 67.62 -62.24 42.24
CA VAL C 22 68.04 -61.62 41.00
C VAL C 22 66.78 -61.15 40.27
N SER C 23 65.77 -62.01 40.24
CA SER C 23 64.49 -61.72 39.62
C SER C 23 63.94 -60.40 40.20
N HIS C 24 64.00 -60.27 41.51
CA HIS C 24 63.54 -59.07 42.19
C HIS C 24 64.40 -57.87 41.81
N ASP C 25 65.69 -58.11 41.62
CA ASP C 25 66.59 -57.04 41.24
C ASP C 25 66.06 -56.43 39.93
N ALA C 26 65.83 -57.29 38.96
CA ALA C 26 65.32 -56.87 37.66
C ALA C 26 64.04 -56.04 37.77
N GLN C 27 63.24 -56.36 38.78
CA GLN C 27 61.97 -55.69 39.01
C GLN C 27 62.20 -54.29 39.57
N ILE C 28 63.05 -54.20 40.57
CA ILE C 28 63.39 -52.94 41.19
C ILE C 28 63.92 -51.98 40.14
N GLN C 29 64.55 -52.54 39.10
CA GLN C 29 65.10 -51.76 38.00
C GLN C 29 63.99 -51.22 37.15
N GLU C 30 62.96 -52.03 37.02
CA GLU C 30 61.78 -51.68 36.24
C GLU C 30 60.94 -50.63 36.96
N LEU C 31 60.93 -50.66 38.29
CA LEU C 31 60.16 -49.68 39.02
C LEU C 31 60.83 -48.31 38.90
N SER C 32 62.13 -48.29 39.11
CA SER C 32 62.90 -47.06 39.05
C SER C 32 62.79 -46.42 37.68
N GLU C 33 62.58 -47.26 36.69
CA GLU C 33 62.45 -46.80 35.32
C GLU C 33 61.12 -46.09 35.15
N MET C 34 60.11 -46.57 35.88
CA MET C 34 58.79 -45.98 35.77
C MET C 34 58.83 -44.60 36.33
N TRP C 35 59.25 -44.48 37.57
CA TRP C 35 59.34 -43.17 38.22
C TRP C 35 60.21 -42.26 37.34
N ARG C 36 61.36 -42.78 36.91
CA ARG C 36 62.27 -42.04 36.05
C ARG C 36 61.40 -41.44 34.96
N VAL C 37 60.66 -42.29 34.27
CA VAL C 37 59.78 -41.87 33.20
C VAL C 37 58.68 -40.94 33.71
N ASN C 38 58.04 -41.33 34.80
CA ASN C 38 56.99 -40.53 35.41
C ASN C 38 57.47 -39.09 35.55
N GLN C 39 58.64 -38.96 36.17
CA GLN C 39 59.25 -37.67 36.45
C GLN C 39 59.49 -36.78 35.28
N GLN C 40 59.75 -37.35 34.12
CA GLN C 40 59.98 -36.49 32.98
C GLN C 40 58.60 -36.10 32.50
N PHE C 41 57.68 -37.05 32.53
CA PHE C 41 56.31 -36.77 32.13
C PHE C 41 55.91 -35.54 32.97
N VAL C 42 55.99 -35.71 34.30
CA VAL C 42 55.68 -34.64 35.23
C VAL C 42 56.19 -33.29 34.74
N THR C 43 57.50 -33.13 34.71
CA THR C 43 58.13 -31.87 34.30
C THR C 43 57.71 -31.46 32.90
N ARG C 44 57.27 -32.42 32.09
CA ARG C 44 56.82 -32.09 30.74
C ARG C 44 55.41 -31.49 30.87
N LEU C 45 54.68 -31.91 31.90
CA LEU C 45 53.36 -31.37 32.13
C LEU C 45 53.58 -29.99 32.75
N GLN C 46 54.51 -29.90 33.69
CA GLN C 46 54.80 -28.64 34.35
C GLN C 46 55.15 -27.59 33.30
N GLN C 47 55.54 -28.07 32.12
CA GLN C 47 55.88 -27.13 31.06
C GLN C 47 54.63 -26.77 30.30
N GLN C 48 53.71 -27.73 30.20
CA GLN C 48 52.44 -27.47 29.52
C GLN C 48 51.58 -26.54 30.38
N LEU C 49 51.78 -26.57 31.69
CA LEU C 49 51.04 -25.71 32.60
C LEU C 49 51.39 -24.26 32.23
N VAL C 50 52.60 -23.83 32.60
CA VAL C 50 53.09 -22.47 32.35
C VAL C 50 52.74 -21.97 30.96
N ASP C 51 52.68 -22.89 30.01
CA ASP C 51 52.38 -22.52 28.64
C ASP C 51 50.89 -22.28 28.48
N ILE C 52 50.06 -23.22 28.94
CA ILE C 52 48.62 -23.05 28.81
C ILE C 52 48.20 -21.80 29.55
N ARG C 53 48.76 -21.59 30.75
CA ARG C 53 48.42 -20.40 31.53
C ARG C 53 48.42 -19.17 30.63
N GLN C 54 49.45 -19.10 29.81
CA GLN C 54 49.66 -18.02 28.89
C GLN C 54 48.61 -17.94 27.78
N THR C 55 48.35 -19.05 27.12
CA THR C 55 47.40 -19.04 26.00
C THR C 55 45.98 -18.73 26.42
N CYS C 56 45.65 -19.07 27.67
CA CYS C 56 44.32 -18.82 28.22
C CYS C 56 44.35 -17.56 29.07
N SER C 57 45.29 -16.68 28.74
CA SER C 57 45.45 -15.45 29.48
C SER C 57 44.80 -14.25 28.78
N ARG C 58 44.61 -14.32 27.46
CA ARG C 58 43.97 -13.22 26.73
C ARG C 58 42.48 -13.40 27.00
N SER C 59 41.72 -12.30 27.01
CA SER C 59 40.29 -12.38 27.28
C SER C 59 39.49 -12.34 26.00
N CYS C 60 38.17 -12.52 26.10
CA CYS C 60 37.32 -12.50 24.91
C CYS C 60 37.30 -11.17 24.18
N GLN C 61 36.88 -11.21 22.92
CA GLN C 61 36.79 -10.03 22.07
C GLN C 61 35.36 -9.50 22.12
N ASP C 62 35.19 -8.22 22.39
CA ASP C 62 33.85 -7.66 22.40
C ASP C 62 33.59 -7.30 20.94
N THR C 63 32.87 -8.15 20.23
CA THR C 63 32.58 -7.85 18.83
C THR C 63 31.66 -6.67 18.59
N THR C 64 30.92 -6.25 19.61
CA THR C 64 30.04 -5.10 19.45
C THR C 64 30.88 -3.83 19.61
N ALA C 65 31.67 -3.79 20.67
CA ALA C 65 32.52 -2.64 20.91
C ALA C 65 33.36 -2.46 19.67
N ASN C 66 33.88 -3.59 19.21
CA ASN C 66 34.72 -3.68 18.04
C ASN C 66 34.14 -3.03 16.78
N LYS C 67 32.82 -2.95 16.68
CA LYS C 67 32.19 -2.36 15.49
C LYS C 67 31.62 -0.96 15.64
N ILE C 68 32.05 -0.23 16.66
CA ILE C 68 31.57 1.12 16.87
C ILE C 68 32.58 2.06 16.20
N SER C 69 32.14 2.72 15.14
CA SER C 69 33.01 3.62 14.38
C SER C 69 33.55 4.86 15.10
N PRO C 70 34.83 5.23 14.80
CA PRO C 70 35.51 6.38 15.40
C PRO C 70 35.01 7.69 14.83
N ILE C 71 34.37 7.62 13.67
CA ILE C 71 33.83 8.80 12.98
C ILE C 71 32.79 9.51 13.85
N THR C 72 32.71 10.84 13.73
CA THR C 72 31.76 11.62 14.53
C THR C 72 31.00 12.70 13.78
N GLY C 73 30.48 13.67 14.51
CA GLY C 73 29.74 14.76 13.90
C GLY C 73 28.52 15.21 14.68
N LYS C 74 27.93 16.32 14.25
CA LYS C 74 26.73 16.91 14.86
C LYS C 74 25.66 15.82 14.96
N ASP C 75 25.50 15.12 13.85
CA ASP C 75 24.54 14.04 13.74
C ASP C 75 25.07 12.97 12.78
N CYS C 76 24.22 12.03 12.42
CA CYS C 76 24.59 10.97 11.52
C CYS C 76 24.85 11.46 10.10
N GLN C 77 24.26 12.59 9.73
CA GLN C 77 24.49 13.13 8.40
C GLN C 77 25.93 13.61 8.34
N GLN C 78 26.32 14.42 9.33
CA GLN C 78 27.69 14.89 9.36
C GLN C 78 28.58 13.65 9.37
N VAL C 79 28.18 12.64 10.13
CA VAL C 79 28.94 11.40 10.21
C VAL C 79 29.17 10.81 8.81
N VAL C 80 28.18 10.91 7.94
CA VAL C 80 28.33 10.40 6.59
C VAL C 80 29.36 11.27 5.88
N ASP C 81 29.15 12.59 5.96
CA ASP C 81 30.06 13.55 5.34
C ASP C 81 31.49 13.27 5.76
N ASN C 82 31.71 13.24 7.06
CA ASN C 82 33.05 13.02 7.58
C ASN C 82 33.56 11.62 7.40
N GLY C 83 32.89 10.83 6.56
CA GLY C 83 33.37 9.48 6.34
C GLY C 83 32.37 8.33 6.39
N GLY C 84 31.54 8.32 7.42
CA GLY C 84 30.55 7.27 7.58
C GLY C 84 30.01 6.70 6.29
N LYS C 85 29.92 5.38 6.22
CA LYS C 85 29.44 4.71 5.02
C LYS C 85 28.40 3.62 5.29
N ASP C 86 28.66 2.80 6.31
CA ASP C 86 27.77 1.69 6.64
C ASP C 86 26.90 1.99 7.88
N SER C 87 25.65 1.51 7.87
CA SER C 87 24.76 1.74 9.00
C SER C 87 25.27 1.07 10.25
N GLY C 88 25.19 1.75 11.37
CA GLY C 88 25.68 1.16 12.59
C GLY C 88 25.86 2.12 13.73
N LEU C 89 26.68 1.73 14.70
CA LEU C 89 26.91 2.54 15.89
C LEU C 89 28.02 3.55 15.68
N TYR C 90 27.70 4.81 15.97
CA TYR C 90 28.62 5.92 15.85
C TYR C 90 28.41 6.82 17.04
N TYR C 91 29.42 7.59 17.40
CA TYR C 91 29.26 8.51 18.51
C TYR C 91 29.06 9.88 17.89
N ILE C 92 27.88 10.45 18.07
CA ILE C 92 27.61 11.79 17.55
C ILE C 92 27.60 12.74 18.73
N LYS C 93 27.69 14.04 18.43
CA LYS C 93 27.67 15.05 19.47
C LYS C 93 26.99 16.34 19.01
N PRO C 94 25.70 16.51 19.36
CA PRO C 94 24.95 17.71 18.98
C PRO C 94 25.55 18.97 19.58
N LEU C 95 25.01 20.11 19.20
CA LEU C 95 25.50 21.41 19.66
C LEU C 95 25.75 21.61 21.17
N LYS C 96 24.70 21.79 21.94
CA LYS C 96 24.85 21.99 23.37
C LYS C 96 25.06 20.68 24.08
N ALA C 97 25.22 19.60 23.30
CA ALA C 97 25.46 18.28 23.87
C ALA C 97 26.66 18.40 24.81
N LYS C 98 26.47 18.04 26.07
CA LYS C 98 27.55 18.17 27.04
C LYS C 98 28.52 16.97 27.01
N GLN C 99 27.99 15.83 26.59
CA GLN C 99 28.76 14.60 26.51
C GLN C 99 28.28 13.90 25.24
N PRO C 100 29.19 13.60 24.30
CA PRO C 100 28.74 12.91 23.09
C PRO C 100 28.11 11.57 23.46
N PHE C 101 27.24 11.05 22.60
CA PHE C 101 26.57 9.78 22.90
C PHE C 101 26.43 8.88 21.71
N LEU C 102 26.29 7.60 22.00
CA LEU C 102 26.17 6.58 20.97
C LEU C 102 24.78 6.50 20.31
N VAL C 103 24.76 6.37 19.00
CA VAL C 103 23.50 6.27 18.28
C VAL C 103 23.60 5.35 17.07
N PHE C 104 22.45 4.93 16.56
CA PHE C 104 22.46 4.07 15.37
C PHE C 104 22.22 4.96 14.18
N CYS C 105 23.13 4.91 13.21
CA CYS C 105 23.02 5.71 12.00
C CYS C 105 22.54 4.84 10.87
N GLU C 106 21.52 5.27 10.14
CA GLU C 106 21.04 4.47 9.03
C GLU C 106 21.53 5.15 7.77
N ILE C 107 22.68 4.69 7.28
CA ILE C 107 23.27 5.29 6.08
C ILE C 107 22.84 4.61 4.79
N GLU C 108 22.16 5.39 3.94
CA GLU C 108 21.69 4.89 2.65
C GLU C 108 21.65 6.05 1.66
N ASN C 109 22.12 5.80 0.43
CA ASN C 109 22.15 6.84 -0.60
C ASN C 109 22.72 8.15 -0.07
N GLY C 110 23.87 8.08 0.60
CA GLY C 110 24.50 9.29 1.12
C GLY C 110 23.73 10.02 2.21
N ASN C 111 22.66 9.39 2.68
CA ASN C 111 21.84 9.96 3.73
C ASN C 111 22.23 9.35 5.06
N GLY C 112 22.43 10.21 6.06
CA GLY C 112 22.80 9.72 7.37
C GLY C 112 21.68 9.92 8.36
N TRP C 113 20.72 8.99 8.38
CA TRP C 113 19.60 9.10 9.30
C TRP C 113 20.05 8.74 10.71
N THR C 114 19.85 9.64 11.65
CA THR C 114 20.22 9.38 13.03
C THR C 114 18.94 8.91 13.71
N VAL C 115 18.94 7.64 14.12
CA VAL C 115 17.78 6.99 14.72
C VAL C 115 17.42 7.35 16.16
N ILE C 116 16.13 7.60 16.37
CA ILE C 116 15.58 8.04 17.63
C ILE C 116 14.87 6.97 18.45
N GLN C 117 14.05 6.16 17.78
CA GLN C 117 13.30 5.11 18.43
C GLN C 117 13.13 3.92 17.52
N HIS C 118 12.92 2.74 18.13
CA HIS C 118 12.71 1.55 17.34
C HIS C 118 12.18 0.37 18.12
N ARG C 119 11.01 -0.13 17.71
CA ARG C 119 10.35 -1.28 18.34
C ARG C 119 10.61 -2.39 17.34
N HIS C 120 10.86 -3.59 17.84
CA HIS C 120 11.23 -4.67 16.94
C HIS C 120 10.67 -6.05 17.27
N ASP C 121 10.60 -6.34 18.56
CA ASP C 121 10.17 -7.65 19.01
C ASP C 121 9.39 -7.65 20.33
N GLY C 122 9.59 -6.62 21.15
CA GLY C 122 8.89 -6.58 22.42
C GLY C 122 9.75 -7.02 23.59
N SER C 123 11.06 -6.94 23.42
CA SER C 123 11.96 -7.35 24.50
C SER C 123 12.20 -6.27 25.54
N VAL C 124 11.77 -5.04 25.27
CA VAL C 124 12.00 -3.97 26.21
C VAL C 124 10.71 -3.29 26.70
N ASN C 125 10.47 -3.32 28.01
CA ASN C 125 9.29 -2.67 28.60
C ASN C 125 9.42 -1.15 28.36
N PHE C 126 8.40 -0.55 27.76
CA PHE C 126 8.42 0.88 27.50
C PHE C 126 7.65 1.68 28.55
N THR C 127 7.17 0.99 29.58
CA THR C 127 6.47 1.66 30.65
C THR C 127 7.61 2.15 31.53
N ARG C 128 8.01 3.41 31.33
CA ARG C 128 9.11 4.01 32.09
C ARG C 128 8.83 5.42 32.57
N ASP C 129 9.64 5.88 33.51
CA ASP C 129 9.49 7.21 34.11
C ASP C 129 10.12 8.36 33.32
N TRP C 130 9.92 9.55 33.84
CA TRP C 130 10.40 10.78 33.23
C TRP C 130 11.93 10.82 33.04
N VAL C 131 12.69 10.34 34.02
CA VAL C 131 14.15 10.38 33.83
C VAL C 131 14.52 9.35 32.77
N SER C 132 13.99 8.14 32.91
CA SER C 132 14.26 7.08 31.95
C SER C 132 14.00 7.52 30.51
N TYR C 133 12.93 8.26 30.29
CA TYR C 133 12.58 8.72 28.96
C TYR C 133 13.43 9.92 28.54
N ARG C 134 14.08 10.56 29.50
CA ARG C 134 14.90 11.70 29.13
C ARG C 134 16.35 11.31 29.03
N GLU C 135 16.78 10.35 29.84
CA GLU C 135 18.16 9.91 29.76
C GLU C 135 18.23 8.83 28.68
N GLY C 136 17.10 8.18 28.45
CA GLY C 136 17.07 7.12 27.44
C GLY C 136 17.20 5.71 28.01
N PHE C 137 16.61 4.75 27.30
CA PHE C 137 16.64 3.36 27.71
C PHE C 137 16.56 2.48 26.46
N GLY C 138 16.59 1.17 26.67
CA GLY C 138 16.54 0.27 25.54
C GLY C 138 17.97 -0.14 25.19
N TYR C 139 18.13 -0.84 24.07
CA TYR C 139 19.45 -1.29 23.68
C TYR C 139 19.89 -0.91 22.27
N LEU C 140 21.21 -0.88 22.07
CA LEU C 140 21.81 -0.58 20.78
C LEU C 140 22.67 -1.74 20.31
N ALA C 141 22.67 -1.96 19.01
CA ALA C 141 23.44 -3.04 18.40
C ALA C 141 23.89 -2.62 17.01
N PRO C 142 24.88 -3.34 16.45
CA PRO C 142 25.47 -3.13 15.13
C PRO C 142 24.41 -3.18 14.03
N THR C 143 23.28 -3.81 14.32
CA THR C 143 22.18 -3.92 13.38
C THR C 143 20.93 -3.33 14.03
N LEU C 144 20.07 -2.69 13.25
CA LEU C 144 18.85 -2.09 13.82
C LEU C 144 17.81 -3.14 14.17
N THR C 145 18.14 -4.04 15.07
CA THR C 145 17.24 -5.11 15.47
C THR C 145 17.02 -5.11 16.98
N THR C 146 17.31 -3.98 17.62
CA THR C 146 17.17 -3.88 19.04
C THR C 146 16.13 -2.79 19.37
N GLU C 147 15.64 -2.73 20.60
CA GLU C 147 14.64 -1.73 20.96
C GLU C 147 15.16 -0.66 21.92
N PHE C 148 14.87 0.59 21.62
CA PHE C 148 15.33 1.66 22.47
C PHE C 148 14.56 2.95 22.26
N TRP C 149 14.89 3.91 23.10
CA TRP C 149 14.37 5.24 23.04
C TRP C 149 15.64 6.02 23.38
N LEU C 150 16.15 6.74 22.39
CA LEU C 150 17.37 7.51 22.52
C LEU C 150 17.47 8.38 23.76
N GLY C 151 16.38 9.07 24.08
CA GLY C 151 16.38 9.96 25.23
C GLY C 151 15.86 11.31 24.79
N ASN C 152 14.94 11.88 25.57
CA ASN C 152 14.36 13.15 25.22
C ASN C 152 15.31 14.33 25.20
N GLU C 153 16.28 14.39 26.11
CA GLU C 153 17.23 15.49 26.09
C GLU C 153 18.07 15.40 24.80
N LYS C 154 18.49 14.19 24.44
CA LYS C 154 19.27 14.01 23.23
C LYS C 154 18.46 14.41 22.00
N ILE C 155 17.18 14.10 22.00
CA ILE C 155 16.32 14.47 20.89
C ILE C 155 16.05 15.97 20.89
N HIS C 156 15.99 16.58 22.06
CA HIS C 156 15.78 18.02 22.14
C HIS C 156 16.99 18.72 21.50
N LEU C 157 18.16 18.52 22.11
CA LEU C 157 19.42 19.10 21.62
C LEU C 157 19.71 18.81 20.14
N LEU C 158 19.29 17.64 19.67
CA LEU C 158 19.51 17.25 18.30
C LEU C 158 18.60 18.04 17.35
N THR C 159 17.29 17.94 17.55
CA THR C 159 16.34 18.68 16.71
C THR C 159 16.47 20.18 16.97
N GLY C 160 17.43 20.55 17.82
CA GLY C 160 17.65 21.95 18.12
C GLY C 160 18.75 22.54 17.27
N GLN C 161 19.79 21.75 17.01
CA GLN C 161 20.91 22.18 16.19
C GLN C 161 20.37 22.87 14.94
N GLN C 162 19.76 22.07 14.07
CA GLN C 162 19.20 22.58 12.83
C GLN C 162 17.81 21.95 12.63
N ALA C 163 17.20 22.20 11.47
CA ALA C 163 15.90 21.62 11.21
C ALA C 163 16.08 20.19 10.71
N TYR C 164 15.25 19.28 11.22
CA TYR C 164 15.30 17.88 10.81
C TYR C 164 13.97 17.38 10.31
N ARG C 165 14.04 16.40 9.42
CA ARG C 165 12.87 15.76 8.87
C ARG C 165 12.68 14.55 9.76
N LEU C 166 11.45 14.25 10.14
CA LEU C 166 11.21 13.07 10.94
C LEU C 166 10.52 12.04 10.09
N ARG C 167 11.14 10.88 9.92
CA ARG C 167 10.50 9.81 9.17
C ARG C 167 10.13 8.73 10.17
N ILE C 168 8.91 8.23 10.05
CA ILE C 168 8.45 7.16 10.93
C ILE C 168 8.21 5.93 10.06
N ASP C 169 8.95 4.86 10.31
CA ASP C 169 8.80 3.64 9.55
C ASP C 169 7.88 2.71 10.30
N LEU C 170 6.82 2.25 9.65
CA LEU C 170 5.87 1.34 10.27
C LEU C 170 5.76 0.04 9.49
N THR C 171 5.83 -1.08 10.20
CA THR C 171 5.69 -2.39 9.55
C THR C 171 4.64 -3.18 10.32
N ASP C 172 3.68 -3.76 9.60
CA ASP C 172 2.64 -4.55 10.25
C ASP C 172 3.02 -6.04 10.25
N TRP C 173 2.16 -6.88 10.79
CA TRP C 173 2.49 -8.29 10.89
C TRP C 173 2.54 -9.12 9.63
N GLU C 174 2.34 -8.48 8.49
CA GLU C 174 2.43 -9.19 7.21
C GLU C 174 3.65 -8.59 6.55
N ASN C 175 4.49 -8.00 7.38
CA ASN C 175 5.72 -7.38 6.95
C ASN C 175 5.54 -6.34 5.84
N THR C 176 4.45 -5.59 5.95
CA THR C 176 4.12 -4.53 5.02
C THR C 176 4.69 -3.24 5.63
N HIS C 177 5.35 -2.41 4.83
CA HIS C 177 5.94 -1.19 5.32
C HIS C 177 5.27 0.08 4.84
N ARG C 178 5.25 1.09 5.69
CA ARG C 178 4.68 2.39 5.35
C ARG C 178 5.34 3.45 6.21
N TYR C 179 5.47 4.65 5.67
CA TYR C 179 6.11 5.72 6.41
C TYR C 179 5.24 6.95 6.56
N ALA C 180 5.81 7.96 7.21
CA ALA C 180 5.14 9.24 7.44
C ALA C 180 6.25 10.23 7.71
N ASP C 181 6.24 11.35 7.00
CA ASP C 181 7.28 12.37 7.15
C ASP C 181 6.72 13.70 7.68
N TYR C 182 7.34 14.18 8.76
CA TYR C 182 6.97 15.45 9.40
C TYR C 182 8.20 16.34 9.34
N GLY C 183 8.06 17.53 8.77
CA GLY C 183 9.21 18.41 8.68
C GLY C 183 9.40 19.35 9.86
N HIS C 184 10.65 19.64 10.18
CA HIS C 184 10.96 20.56 11.26
C HIS C 184 10.49 19.99 12.59
N PHE C 185 10.47 18.67 12.67
CA PHE C 185 10.08 18.01 13.89
C PHE C 185 11.09 18.39 14.95
N LYS C 186 10.63 18.72 16.14
CA LYS C 186 11.57 19.07 17.20
C LYS C 186 10.89 19.03 18.54
N LEU C 187 11.70 18.94 19.59
CA LEU C 187 11.18 18.91 20.95
C LEU C 187 11.70 20.14 21.68
N THR C 188 10.80 20.78 22.40
CA THR C 188 11.17 21.98 23.15
C THR C 188 11.93 21.49 24.37
N PRO C 189 12.62 22.37 25.08
CA PRO C 189 13.38 21.91 26.26
C PRO C 189 12.53 21.26 27.37
N GLU C 190 13.18 20.62 28.33
CA GLU C 190 12.47 19.96 29.42
C GLU C 190 11.60 20.93 30.21
N SER C 191 11.97 22.21 30.20
CA SER C 191 11.27 23.29 30.91
C SER C 191 9.83 23.38 30.41
N ASP C 192 9.67 23.19 29.10
CA ASP C 192 8.37 23.24 28.46
C ASP C 192 7.89 21.79 28.43
N GLU C 193 8.51 20.97 29.27
CA GLU C 193 8.25 19.53 29.30
C GLU C 193 9.04 19.03 28.08
N TYR C 194 8.36 18.53 27.06
CA TYR C 194 9.07 18.10 25.86
C TYR C 194 8.03 18.15 24.78
N ARG C 195 7.51 19.35 24.57
CA ARG C 195 6.45 19.55 23.60
C ARG C 195 6.83 19.10 22.19
N LEU C 196 5.91 18.39 21.59
CA LEU C 196 6.08 17.87 20.25
C LEU C 196 5.75 19.00 19.28
N PHE C 197 6.69 19.33 18.41
CA PHE C 197 6.49 20.38 17.43
C PHE C 197 7.02 20.01 16.05
N TYR C 198 6.21 20.23 15.04
CA TYR C 198 6.64 19.98 13.67
C TYR C 198 5.94 21.04 12.83
N SER C 199 6.52 21.39 11.68
CA SER C 199 5.89 22.40 10.83
C SER C 199 4.64 21.78 10.23
N MET C 200 4.77 20.58 9.70
CA MET C 200 3.63 19.92 9.10
C MET C 200 3.99 18.54 8.57
N TYR C 201 2.97 17.85 8.07
CA TYR C 201 3.12 16.52 7.52
C TYR C 201 3.47 16.70 6.06
N LEU C 202 4.68 16.29 5.70
CA LEU C 202 5.13 16.41 4.32
C LEU C 202 4.41 15.45 3.40
N ASP C 203 4.61 14.16 3.65
CA ASP C 203 4.02 13.14 2.81
C ASP C 203 4.17 11.77 3.50
N GLY C 204 3.68 10.72 2.86
CA GLY C 204 3.78 9.39 3.45
C GLY C 204 2.56 8.54 3.11
N ASP C 205 2.73 7.22 3.11
CA ASP C 205 1.62 6.35 2.79
C ASP C 205 0.99 5.70 4.00
N ALA C 206 1.44 6.08 5.19
CA ALA C 206 0.89 5.51 6.42
C ALA C 206 -0.32 6.27 6.92
N GLY C 207 -0.31 7.60 6.77
CA GLY C 207 -1.40 8.42 7.24
C GLY C 207 -0.83 9.45 8.19
N ASN C 208 -1.59 10.51 8.45
CA ASN C 208 -1.15 11.59 9.33
C ASN C 208 -1.67 11.44 10.75
N ALA C 209 -1.22 10.41 11.46
CA ALA C 209 -1.68 10.19 12.82
C ALA C 209 -1.41 11.34 13.78
N PHE C 210 -0.32 12.08 13.60
CA PHE C 210 -0.01 13.19 14.50
C PHE C 210 -1.05 14.30 14.46
N ASP C 211 -1.89 14.30 13.43
CA ASP C 211 -2.93 15.31 13.31
C ASP C 211 -4.29 14.79 13.75
N GLY C 212 -4.30 13.85 14.68
CA GLY C 212 -5.55 13.31 15.20
C GLY C 212 -6.31 12.42 14.24
N PHE C 213 -7.27 11.69 14.79
CA PHE C 213 -8.04 10.77 13.95
C PHE C 213 -9.55 10.70 14.25
N ASP C 214 -10.35 10.60 13.20
CA ASP C 214 -11.79 10.51 13.39
C ASP C 214 -12.11 9.07 13.80
N PHE C 215 -11.75 8.67 15.01
CA PHE C 215 -12.06 7.31 15.47
C PHE C 215 -13.55 6.96 15.35
N GLY C 216 -14.44 7.96 15.43
CA GLY C 216 -15.86 7.68 15.30
C GLY C 216 -16.64 7.55 16.61
N ASP C 217 -15.93 7.54 17.74
CA ASP C 217 -16.58 7.42 19.03
C ASP C 217 -17.30 8.72 19.39
N ASP C 218 -16.69 9.86 19.04
CA ASP C 218 -17.28 11.16 19.33
C ASP C 218 -16.74 12.19 18.36
N PRO C 219 -17.61 13.09 17.88
CA PRO C 219 -17.19 14.13 16.94
C PRO C 219 -15.90 14.85 17.32
N GLN C 220 -15.56 14.84 18.60
CA GLN C 220 -14.34 15.53 19.03
C GLN C 220 -13.06 14.71 19.06
N ASP C 221 -13.15 13.42 18.68
CA ASP C 221 -12.00 12.52 18.67
C ASP C 221 -10.74 13.05 18.00
N LYS C 222 -10.83 13.49 16.75
CA LYS C 222 -9.64 13.99 16.05
C LYS C 222 -8.96 15.13 16.82
N PHE C 223 -9.76 16.04 17.36
CA PHE C 223 -9.20 17.15 18.12
C PHE C 223 -8.49 16.63 19.38
N TYR C 224 -9.08 15.62 20.00
CA TYR C 224 -8.52 15.08 21.23
C TYR C 224 -7.46 14.00 21.08
N THR C 225 -7.12 13.68 19.84
CA THR C 225 -6.08 12.69 19.60
C THR C 225 -4.96 13.28 18.77
N THR C 226 -5.01 14.57 18.52
CA THR C 226 -3.95 15.20 17.72
C THR C 226 -2.78 15.39 18.67
N HIS C 227 -1.57 15.15 18.18
CA HIS C 227 -0.39 15.28 19.05
C HIS C 227 0.40 16.56 18.85
N LEU C 228 0.16 17.27 17.75
CA LEU C 228 0.87 18.51 17.49
C LEU C 228 0.77 19.46 18.69
N GLY C 229 1.91 19.99 19.12
CA GLY C 229 1.91 20.90 20.26
C GLY C 229 1.74 20.25 21.62
N MET C 230 1.50 18.93 21.68
CA MET C 230 1.32 18.22 22.95
C MET C 230 2.59 18.11 23.81
N LEU C 231 2.41 18.04 25.12
CA LEU C 231 3.54 17.92 26.05
C LEU C 231 3.78 16.45 26.31
N PHE C 232 5.02 16.11 26.62
CA PHE C 232 5.36 14.71 26.89
C PHE C 232 4.81 14.28 28.24
N SER C 233 4.50 13.00 28.38
CA SER C 233 3.99 12.50 29.67
C SER C 233 4.37 11.06 29.90
N THR C 234 4.74 10.76 31.14
CA THR C 234 5.10 9.40 31.54
C THR C 234 4.05 8.91 32.53
N PRO C 235 4.09 7.61 32.90
CA PRO C 235 3.11 7.05 33.84
C PRO C 235 3.06 7.70 35.22
N GLU C 236 4.05 8.50 35.57
CA GLU C 236 4.02 9.13 36.89
C GLU C 236 4.00 10.64 36.75
N ARG C 237 4.03 11.12 35.52
CA ARG C 237 4.02 12.56 35.27
C ARG C 237 3.00 12.92 34.20
N ASP C 238 1.79 13.31 34.64
CA ASP C 238 0.66 13.66 33.77
C ASP C 238 0.72 15.08 33.20
N ASN C 239 0.68 15.20 31.88
CA ASN C 239 0.69 16.48 31.20
C ASN C 239 -0.29 16.47 30.05
N ASP C 240 -1.26 15.56 30.09
CA ASP C 240 -2.23 15.45 29.03
C ASP C 240 -3.39 16.43 29.13
N LYS C 241 -4.44 16.17 28.36
CA LYS C 241 -5.63 17.00 28.33
C LYS C 241 -6.81 16.17 28.86
N TYR C 242 -6.48 15.08 29.54
CA TYR C 242 -7.46 14.14 30.08
C TYR C 242 -7.64 14.36 31.57
N GLU C 243 -8.84 14.11 32.07
CA GLU C 243 -9.12 14.29 33.49
C GLU C 243 -8.36 13.19 34.21
N GLY C 244 -8.05 12.13 33.47
CA GLY C 244 -7.31 11.01 34.00
C GLY C 244 -5.88 11.08 33.46
N SER C 245 -5.17 9.95 33.49
CA SER C 245 -3.80 9.91 32.99
C SER C 245 -3.59 8.90 31.86
N CYS C 246 -3.54 9.42 30.62
CA CYS C 246 -3.36 8.58 29.44
C CYS C 246 -2.09 7.72 29.57
N ALA C 247 -0.97 8.36 29.88
CA ALA C 247 0.29 7.66 30.01
C ALA C 247 0.25 6.53 31.02
N GLU C 248 -0.28 6.79 32.21
CA GLU C 248 -0.33 5.71 33.21
C GLU C 248 -1.30 4.61 32.77
N GLN C 249 -2.45 5.00 32.23
CA GLN C 249 -3.41 4.03 31.77
C GLN C 249 -2.83 3.18 30.67
N ASP C 250 -2.02 3.80 29.81
CA ASP C 250 -1.44 3.06 28.70
C ASP C 250 0.01 2.61 28.90
N GLY C 251 0.53 2.82 30.10
CA GLY C 251 1.89 2.42 30.44
C GLY C 251 2.94 2.78 29.41
N SER C 252 3.06 4.09 29.13
CA SER C 252 4.03 4.55 28.15
C SER C 252 4.55 5.97 28.40
N GLY C 253 5.42 6.43 27.50
CA GLY C 253 5.98 7.76 27.56
C GLY C 253 5.71 8.29 26.16
N TRP C 254 4.66 9.10 26.00
CA TRP C 254 4.31 9.63 24.67
C TRP C 254 3.72 11.03 24.81
N TRP C 255 3.44 11.68 23.68
CA TRP C 255 2.86 13.04 23.67
C TRP C 255 1.34 12.96 23.68
N MET C 256 0.81 12.46 24.80
CA MET C 256 -0.62 12.27 24.98
C MET C 256 -1.45 13.55 25.02
N ASN C 257 -2.57 13.54 24.30
CA ASN C 257 -3.51 14.66 24.25
C ASN C 257 -4.69 14.12 25.06
N ARG C 258 -5.87 13.98 24.48
CA ARG C 258 -6.92 13.35 25.27
C ARG C 258 -6.67 11.94 24.81
N CYS C 259 -5.41 11.58 25.07
CA CYS C 259 -4.76 10.32 24.77
C CYS C 259 -4.05 10.27 23.42
N HIS C 260 -4.42 9.40 22.50
CA HIS C 260 -3.63 9.33 21.27
C HIS C 260 -4.21 8.76 19.99
N ALA C 261 -3.57 9.11 18.88
CA ALA C 261 -3.98 8.61 17.58
C ALA C 261 -2.81 7.75 17.07
N GLY C 262 -1.60 8.15 17.48
CA GLY C 262 -0.39 7.44 17.10
C GLY C 262 0.30 7.12 18.41
N HIS C 263 0.60 5.85 18.65
CA HIS C 263 1.21 5.47 19.93
C HIS C 263 2.39 4.50 19.75
N LEU C 264 3.48 4.98 19.16
CA LEU C 264 4.63 4.13 18.90
C LEU C 264 5.35 3.54 20.11
N ASN C 265 5.08 4.05 21.30
CA ASN C 265 5.73 3.52 22.50
C ASN C 265 4.77 2.65 23.32
N GLY C 266 3.68 2.23 22.69
CA GLY C 266 2.70 1.39 23.35
C GLY C 266 3.22 -0.01 23.67
N LYS C 267 2.36 -0.83 24.27
CA LYS C 267 2.75 -2.19 24.61
C LYS C 267 2.81 -3.07 23.36
N TYR C 268 3.83 -3.93 23.34
CA TYR C 268 4.02 -4.84 22.22
C TYR C 268 3.03 -5.99 22.32
N TYR C 269 2.38 -6.31 21.21
CA TYR C 269 1.42 -7.42 21.17
C TYR C 269 1.80 -8.21 19.92
N PHE C 270 2.09 -9.51 20.05
CA PHE C 270 2.43 -10.27 18.86
C PHE C 270 1.19 -10.56 18.02
N GLY C 271 1.29 -10.44 16.71
CA GLY C 271 0.15 -10.72 15.86
C GLY C 271 -0.68 -9.54 15.38
N GLY C 272 -0.50 -8.38 16.00
CA GLY C 272 -1.25 -7.22 15.58
C GLY C 272 -2.54 -7.04 16.32
N ASN C 273 -3.50 -7.91 16.06
CA ASN C 273 -4.81 -7.84 16.72
C ASN C 273 -4.70 -8.21 18.20
N TYR C 274 -5.22 -7.35 19.08
CA TYR C 274 -5.18 -7.60 20.50
C TYR C 274 -6.45 -7.08 21.20
N ARG C 275 -6.82 -7.73 22.30
CA ARG C 275 -8.00 -7.36 23.09
C ARG C 275 -7.60 -6.73 24.40
N LYS C 276 -8.56 -6.05 25.03
CA LYS C 276 -8.32 -5.40 26.31
C LYS C 276 -8.23 -6.47 27.40
N THR C 277 -9.38 -7.04 27.75
CA THR C 277 -9.52 -8.06 28.78
C THR C 277 -8.21 -8.46 29.44
N ASP C 278 -8.05 -8.05 30.69
CA ASP C 278 -6.84 -8.34 31.44
C ASP C 278 -7.00 -7.56 32.74
N VAL C 279 -6.27 -6.45 32.84
CA VAL C 279 -6.34 -5.60 34.02
C VAL C 279 -7.58 -4.74 33.80
N GLU C 280 -7.61 -3.54 34.37
CA GLU C 280 -8.75 -2.66 34.19
C GLU C 280 -8.40 -1.31 33.62
N PHE C 281 -8.18 -1.29 32.31
CA PHE C 281 -7.88 -0.09 31.55
C PHE C 281 -8.24 -0.44 30.12
N PRO C 282 -9.53 -0.72 29.89
CA PRO C 282 -10.15 -1.10 28.61
C PRO C 282 -9.85 -0.14 27.49
N TYR C 283 -8.62 0.34 27.44
CA TYR C 283 -8.23 1.27 26.41
C TYR C 283 -7.03 0.75 25.65
N ASP C 284 -6.97 1.12 24.37
CA ASP C 284 -5.90 0.73 23.47
C ASP C 284 -4.52 1.26 23.91
N ASP C 285 -3.65 0.32 24.30
CA ASP C 285 -2.31 0.68 24.76
C ASP C 285 -1.26 0.06 23.87
N GLY C 286 -1.65 -0.32 22.68
CA GLY C 286 -0.70 -0.93 21.77
C GLY C 286 0.10 0.05 20.95
N ILE C 287 0.87 -0.49 20.02
CA ILE C 287 1.69 0.31 19.14
C ILE C 287 0.82 0.63 17.92
N ILE C 288 0.03 1.70 17.99
CA ILE C 288 -0.84 2.00 16.87
C ILE C 288 -0.51 3.27 16.06
N TRP C 289 -1.13 3.32 14.88
CA TRP C 289 -1.02 4.40 13.93
C TRP C 289 -2.35 4.39 13.15
N ALA C 290 -3.40 4.80 13.85
CA ALA C 290 -4.79 4.85 13.37
C ALA C 290 -5.07 5.22 11.93
N THR C 291 -4.25 6.06 11.32
CA THR C 291 -4.50 6.40 9.93
C THR C 291 -4.29 5.19 9.01
N TRP C 292 -3.70 4.13 9.54
CA TRP C 292 -3.47 2.90 8.76
C TRP C 292 -4.35 1.80 9.35
N HIS C 293 -3.88 1.16 10.42
CA HIS C 293 -4.63 0.11 11.10
C HIS C 293 -5.35 0.82 12.27
N ASP C 294 -6.31 0.16 12.90
CA ASP C 294 -7.03 0.82 13.98
C ASP C 294 -6.59 0.39 15.36
N ARG C 295 -6.92 1.24 16.34
CA ARG C 295 -6.55 1.06 17.74
C ARG C 295 -6.29 -0.34 18.29
N TRP C 296 -6.97 -1.36 17.79
CA TRP C 296 -6.69 -2.69 18.33
C TRP C 296 -5.81 -3.60 17.48
N TYR C 297 -4.91 -2.92 16.77
CA TYR C 297 -3.93 -3.58 15.93
C TYR C 297 -2.59 -2.90 16.24
N SER C 298 -1.71 -3.62 16.92
CA SER C 298 -0.39 -3.09 17.27
C SER C 298 0.57 -3.44 16.16
N LEU C 299 1.35 -2.47 15.72
CA LEU C 299 2.32 -2.70 14.66
C LEU C 299 3.43 -3.68 15.08
N LYS C 300 4.07 -4.31 14.10
CA LYS C 300 5.11 -5.29 14.37
C LYS C 300 6.48 -4.70 14.61
N MET C 301 6.84 -3.73 13.79
CA MET C 301 8.12 -3.07 13.88
C MET C 301 7.86 -1.59 13.72
N THR C 302 8.68 -0.77 14.37
CA THR C 302 8.50 0.66 14.31
C THR C 302 9.83 1.37 14.42
N THR C 303 9.96 2.51 13.75
CA THR C 303 11.17 3.31 13.86
C THR C 303 10.97 4.78 13.52
N MET C 304 11.56 5.62 14.37
CA MET C 304 11.51 7.08 14.25
C MET C 304 12.94 7.55 13.99
N LYS C 305 13.20 8.08 12.80
CA LYS C 305 14.55 8.54 12.48
C LYS C 305 14.60 10.00 12.04
N LEU C 306 15.73 10.66 12.29
CA LEU C 306 15.92 12.06 11.94
C LEU C 306 16.92 12.27 10.81
N LEU C 307 16.60 13.18 9.89
CA LEU C 307 17.47 13.53 8.77
C LEU C 307 17.38 15.04 8.56
N PRO C 308 18.53 15.70 8.36
CA PRO C 308 18.49 17.15 8.16
C PRO C 308 17.41 17.59 7.20
N MET C 309 16.64 18.60 7.62
CA MET C 309 15.55 19.16 6.85
C MET C 309 16.06 19.80 5.55
N GLY C 310 17.37 19.72 5.35
CA GLY C 310 17.95 20.30 4.15
C GLY C 310 18.66 19.25 3.32
N ARG C 311 17.89 18.32 2.76
CA ARG C 311 18.43 17.25 1.94
C ARG C 311 17.46 16.90 0.81
N ASP C 312 17.91 16.12 -0.17
CA ASP C 312 17.07 15.74 -1.30
C ASP C 312 15.78 15.08 -0.82
N LEU C 313 15.79 13.75 -0.81
CA LEU C 313 14.67 12.92 -0.36
C LEU C 313 13.67 12.57 -1.45
N SER C 314 13.52 11.27 -1.67
CA SER C 314 12.61 10.69 -2.66
C SER C 314 13.26 9.40 -3.17
N GLY C 315 14.50 9.18 -2.74
CA GLY C 315 15.23 7.99 -3.16
C GLY C 315 14.66 6.71 -2.57
N HIS C 316 13.49 6.31 -3.05
CA HIS C 316 12.83 5.09 -2.59
C HIS C 316 11.97 4.46 -3.68
N GLY C 317 11.83 5.15 -4.80
CA GLY C 317 11.03 4.63 -5.90
C GLY C 317 9.60 4.30 -5.51
N GLY C 318 9.33 3.03 -5.27
CA GLY C 318 7.99 2.61 -4.88
C GLY C 318 7.20 1.88 -5.95
N GLN C 319 5.90 2.12 -5.97
CA GLN C 319 4.97 1.52 -6.93
C GLN C 319 4.92 0.00 -6.89
N GLN C 320 6.02 -0.67 -7.21
CA GLN C 320 6.04 -2.11 -7.26
C GLN C 320 7.28 -2.78 -6.65
N GLN C 321 7.47 -4.05 -7.02
CA GLN C 321 8.56 -4.91 -6.58
C GLN C 321 9.97 -4.31 -6.70
N SER C 322 10.97 -5.20 -6.65
CA SER C 322 12.37 -4.83 -6.78
C SER C 322 12.93 -3.91 -5.72
N LYS C 323 12.39 -3.98 -4.51
CA LYS C 323 12.87 -3.12 -3.42
C LYS C 323 13.24 -3.90 -2.15
N GLY C 324 14.32 -4.67 -2.24
CA GLY C 324 14.77 -5.45 -1.10
C GLY C 324 16.12 -6.10 -1.37
N ASN C 325 17.14 -5.65 -0.65
CA ASN C 325 18.49 -6.19 -0.81
C ASN C 325 18.67 -7.48 -0.01
N SER C 326 19.43 -7.40 1.08
CA SER C 326 19.70 -8.57 1.92
C SER C 326 18.48 -8.95 2.75
N TYR D 20 -59.63 78.32 -84.29
CA TYR D 20 -59.98 77.69 -82.99
C TYR D 20 -60.75 76.39 -83.18
N SER D 21 -61.81 76.43 -83.98
CA SER D 21 -62.63 75.25 -84.24
C SER D 21 -61.82 74.14 -84.91
N GLU D 22 -60.50 74.35 -85.00
CA GLU D 22 -59.61 73.37 -85.60
C GLU D 22 -58.35 73.21 -84.74
N VAL D 23 -58.11 74.18 -83.86
CA VAL D 23 -56.96 74.13 -82.96
C VAL D 23 -57.43 73.46 -81.67
N LEU D 24 -58.71 73.65 -81.35
CA LEU D 24 -59.31 73.04 -80.17
C LEU D 24 -59.61 71.59 -80.53
N ARG D 25 -60.27 71.39 -81.67
CA ARG D 25 -60.59 70.05 -82.14
C ARG D 25 -59.30 69.24 -82.22
N GLU D 26 -58.23 69.90 -82.64
CA GLU D 26 -56.94 69.24 -82.74
C GLU D 26 -56.39 69.01 -81.33
N LEU D 27 -56.76 69.90 -80.41
CA LEU D 27 -56.33 69.76 -79.03
C LEU D 27 -57.10 68.55 -78.53
N GLU D 28 -58.35 68.46 -78.95
CA GLU D 28 -59.21 67.36 -78.56
C GLU D 28 -58.61 66.03 -78.96
N ARG D 29 -57.92 65.99 -80.10
CA ARG D 29 -57.31 64.75 -80.56
C ARG D 29 -56.09 64.38 -79.71
N ARG D 30 -55.16 65.31 -79.52
CA ARG D 30 -53.99 65.00 -78.70
C ARG D 30 -54.43 64.71 -77.28
N ILE D 31 -55.73 64.88 -77.05
CA ILE D 31 -56.32 64.60 -75.74
C ILE D 31 -56.67 63.13 -75.76
N ILE D 32 -57.45 62.73 -76.77
CA ILE D 32 -57.82 61.34 -76.94
C ILE D 32 -56.50 60.59 -76.97
N HIS D 33 -55.55 61.13 -77.73
CA HIS D 33 -54.20 60.57 -77.87
C HIS D 33 -53.75 59.96 -76.54
N LEU D 34 -53.58 60.81 -75.53
CA LEU D 34 -53.17 60.34 -74.20
C LEU D 34 -54.12 59.23 -73.74
N GLN D 35 -55.42 59.54 -73.69
CA GLN D 35 -56.43 58.57 -73.28
C GLN D 35 -56.07 57.20 -73.85
N ARG D 36 -55.60 57.22 -75.09
CA ARG D 36 -55.22 56.00 -75.78
C ARG D 36 -54.00 55.44 -75.04
N ARG D 37 -52.91 56.20 -75.02
CA ARG D 37 -51.69 55.78 -74.36
C ARG D 37 -52.04 55.22 -72.99
N ILE D 38 -52.95 55.92 -72.30
CA ILE D 38 -53.40 55.49 -70.99
C ILE D 38 -53.89 54.05 -71.05
N ASN D 39 -54.94 53.82 -71.81
CA ASN D 39 -55.48 52.47 -71.94
C ASN D 39 -54.40 51.43 -72.11
N MET D 40 -53.28 51.81 -72.71
CA MET D 40 -52.20 50.86 -72.90
C MET D 40 -51.41 50.76 -71.61
N GLN D 41 -51.33 51.86 -70.87
CA GLN D 41 -50.63 51.86 -69.59
C GLN D 41 -51.37 50.81 -68.76
N LEU D 42 -52.68 50.99 -68.64
CA LEU D 42 -53.54 50.08 -67.89
C LEU D 42 -53.44 48.65 -68.39
N GLN D 43 -53.49 48.48 -69.71
CA GLN D 43 -53.40 47.16 -70.30
C GLN D 43 -52.10 46.48 -69.90
N GLN D 44 -51.02 47.24 -69.83
CA GLN D 44 -49.72 46.70 -69.45
C GLN D 44 -49.72 46.38 -67.95
N LEU D 45 -50.35 47.26 -67.18
CA LEU D 45 -50.42 47.09 -65.74
C LEU D 45 -51.33 45.96 -65.30
N THR D 46 -52.44 45.75 -66.00
CA THR D 46 -53.35 44.66 -65.63
C THR D 46 -52.60 43.33 -65.66
N LEU D 47 -51.79 43.14 -66.70
CA LEU D 47 -50.99 41.93 -66.86
C LEU D 47 -49.89 41.83 -65.81
N LEU D 48 -49.32 42.98 -65.43
CA LEU D 48 -48.25 43.01 -64.43
C LEU D 48 -48.85 42.67 -63.04
N GLN D 49 -50.07 43.12 -62.83
CA GLN D 49 -50.80 42.89 -61.60
C GLN D 49 -51.09 41.42 -61.43
N HIS D 50 -51.29 40.73 -62.54
CA HIS D 50 -51.58 39.32 -62.51
C HIS D 50 -50.31 38.51 -62.30
N ASN D 51 -49.22 38.98 -62.88
CA ASN D 51 -47.93 38.30 -62.78
C ASN D 51 -47.30 38.45 -61.40
N ILE D 52 -47.75 39.47 -60.65
CA ILE D 52 -47.24 39.69 -59.31
C ILE D 52 -48.10 38.86 -58.37
N LYS D 53 -49.30 38.51 -58.84
CA LYS D 53 -50.21 37.67 -58.06
C LYS D 53 -49.65 36.27 -58.11
N THR D 54 -48.99 35.95 -59.22
CA THR D 54 -48.37 34.65 -59.39
C THR D 54 -47.08 34.59 -58.59
N GLN D 55 -46.09 35.41 -58.94
CA GLN D 55 -44.80 35.43 -58.24
C GLN D 55 -44.93 35.34 -56.72
N VAL D 56 -45.69 36.26 -56.15
CA VAL D 56 -45.92 36.31 -54.72
C VAL D 56 -46.29 34.92 -54.24
N SER D 57 -47.24 34.30 -54.94
CA SER D 57 -47.74 32.96 -54.65
C SER D 57 -46.70 31.84 -54.67
N GLN D 58 -45.75 31.90 -55.60
CA GLN D 58 -44.74 30.87 -55.70
C GLN D 58 -43.58 31.14 -54.77
N ILE D 59 -43.08 32.37 -54.75
CA ILE D 59 -41.98 32.71 -53.87
C ILE D 59 -42.42 32.43 -52.44
N LEU D 60 -43.68 32.74 -52.15
CA LEU D 60 -44.24 32.46 -50.82
C LEU D 60 -44.08 30.96 -50.64
N ARG D 61 -44.73 30.23 -51.52
CA ARG D 61 -44.69 28.78 -51.55
C ARG D 61 -43.25 28.27 -51.43
N VAL D 62 -42.46 28.49 -52.46
CA VAL D 62 -41.07 28.02 -52.44
C VAL D 62 -40.37 28.38 -51.13
N GLU D 63 -40.82 29.42 -50.46
CA GLU D 63 -40.19 29.77 -49.20
C GLU D 63 -40.49 28.64 -48.24
N VAL D 64 -41.77 28.45 -47.92
CA VAL D 64 -42.20 27.41 -47.00
C VAL D 64 -41.61 26.05 -47.36
N ASP D 65 -41.51 25.76 -48.65
CA ASP D 65 -40.94 24.48 -49.08
C ASP D 65 -39.45 24.43 -48.77
N ILE D 66 -38.81 25.60 -48.74
CA ILE D 66 -37.37 25.65 -48.46
C ILE D 66 -37.06 25.64 -46.96
N ASP D 67 -37.99 26.13 -46.15
CA ASP D 67 -37.80 26.12 -44.69
C ASP D 67 -37.79 24.66 -44.24
N VAL D 68 -38.75 23.90 -44.74
CA VAL D 68 -38.93 22.49 -44.44
C VAL D 68 -37.79 21.57 -44.87
N ALA D 69 -37.17 21.84 -46.02
CA ALA D 69 -36.08 21.01 -46.51
C ALA D 69 -34.74 21.29 -45.80
N LEU D 70 -34.59 22.49 -45.28
CA LEU D 70 -33.36 22.81 -44.60
C LEU D 70 -33.25 22.06 -43.28
N ARG D 71 -34.38 21.90 -42.57
CA ARG D 71 -34.36 21.20 -41.29
C ARG D 71 -33.84 19.78 -41.54
N ALA D 72 -34.34 19.16 -42.59
CA ALA D 72 -33.94 17.81 -42.92
C ALA D 72 -32.41 17.68 -42.91
N CYS D 73 -31.72 18.83 -42.94
CA CYS D 73 -30.25 18.83 -42.98
C CYS D 73 -29.60 18.62 -41.61
N LYS D 74 -30.34 18.96 -40.57
CA LYS D 74 -29.90 18.83 -39.18
C LYS D 74 -29.50 17.38 -38.85
N GLY D 75 -30.22 16.41 -39.43
CA GLY D 75 -29.89 15.02 -39.19
C GLY D 75 -29.13 14.50 -40.39
N SER D 76 -28.43 15.39 -41.09
CA SER D 76 -27.69 14.99 -42.30
C SER D 76 -26.29 15.54 -42.52
N CYS D 77 -26.12 16.84 -42.26
CA CYS D 77 -24.85 17.52 -42.49
C CYS D 77 -24.06 17.70 -41.20
N ALA D 78 -22.74 17.82 -41.29
CA ALA D 78 -21.92 18.02 -40.08
C ALA D 78 -22.49 19.26 -39.37
N ARG D 79 -21.84 20.41 -39.47
CA ARG D 79 -22.40 21.61 -38.84
C ARG D 79 -23.76 21.86 -39.51
N TYR D 80 -24.60 22.66 -38.86
CA TYR D 80 -25.93 22.93 -39.40
C TYR D 80 -26.37 24.37 -39.14
N LEU D 81 -27.08 24.95 -40.11
CA LEU D 81 -27.57 26.32 -39.96
C LEU D 81 -29.00 26.31 -39.46
N GLU D 82 -29.87 27.13 -40.06
CA GLU D 82 -31.28 27.18 -39.65
C GLU D 82 -32.01 28.42 -40.15
N TYR D 83 -32.80 28.23 -41.20
CA TYR D 83 -33.59 29.30 -41.80
C TYR D 83 -34.84 29.44 -40.92
N ARG D 84 -35.75 30.33 -41.30
CA ARG D 84 -36.99 30.56 -40.55
C ARG D 84 -37.75 31.77 -41.12
N LEU D 85 -39.08 31.71 -41.07
CA LEU D 85 -39.90 32.80 -41.57
C LEU D 85 -39.61 34.17 -40.94
N ASP D 86 -40.38 35.18 -41.32
CA ASP D 86 -40.20 36.54 -40.83
C ASP D 86 -41.53 37.27 -40.60
N LYS D 87 -41.50 38.59 -40.79
CA LYS D 87 -42.64 39.47 -40.62
C LYS D 87 -43.70 39.25 -41.69
N GLU D 88 -43.36 39.64 -42.92
CA GLU D 88 -44.23 39.53 -44.09
C GLU D 88 -45.33 40.57 -44.17
N LYS D 89 -44.94 41.84 -44.17
CA LYS D 89 -45.90 42.91 -44.33
C LYS D 89 -46.13 42.87 -45.85
N ASN D 90 -45.56 41.83 -46.44
CA ASN D 90 -45.62 41.53 -47.85
C ASN D 90 -47.06 41.29 -48.28
N LEU D 91 -47.74 40.39 -47.56
CA LEU D 91 -49.13 40.04 -47.86
C LEU D 91 -50.04 41.25 -47.82
N GLN D 92 -49.69 42.22 -46.99
CA GLN D 92 -50.48 43.44 -46.89
C GLN D 92 -50.28 44.19 -48.20
N LEU D 93 -49.08 44.06 -48.77
CA LEU D 93 -48.72 44.73 -50.03
C LEU D 93 -49.44 44.11 -51.22
N GLU D 94 -49.55 42.78 -51.24
CA GLU D 94 -50.23 42.08 -52.32
C GLU D 94 -51.69 42.52 -52.35
N LYS D 95 -52.27 42.73 -51.18
CA LYS D 95 -53.65 43.16 -51.10
C LYS D 95 -53.79 44.41 -51.95
N ALA D 96 -52.94 45.40 -51.69
CA ALA D 96 -52.98 46.64 -52.46
C ALA D 96 -52.37 46.40 -53.82
N ALA D 97 -51.06 46.09 -53.83
CA ALA D 97 -50.29 45.84 -55.06
C ALA D 97 -51.10 45.09 -56.10
N SER D 98 -52.19 44.48 -55.65
CA SER D 98 -53.10 43.74 -56.53
C SER D 98 -54.48 44.36 -56.54
N TYR D 99 -55.17 44.29 -55.41
CA TYR D 99 -56.52 44.83 -55.31
C TYR D 99 -56.74 46.21 -55.91
N ILE D 100 -55.68 46.86 -56.38
CA ILE D 100 -55.85 48.17 -56.99
C ILE D 100 -56.43 47.94 -58.38
N ALA D 101 -57.64 47.38 -58.40
CA ALA D 101 -58.35 47.11 -59.65
C ALA D 101 -58.60 48.43 -60.38
N ASN D 102 -58.14 49.52 -59.78
CA ASN D 102 -58.27 50.84 -60.38
C ASN D 102 -57.68 50.81 -61.79
N LEU D 103 -56.87 49.78 -62.05
CA LEU D 103 -56.23 49.59 -63.34
C LEU D 103 -57.27 49.59 -64.44
N LYS D 104 -57.85 48.42 -64.69
CA LYS D 104 -58.86 48.28 -65.73
C LYS D 104 -59.95 49.34 -65.66
N PHE D 105 -59.60 50.53 -66.12
CA PHE D 105 -60.48 51.70 -66.17
C PHE D 105 -60.23 52.34 -67.54
N GLU D 106 -60.64 51.63 -68.60
CA GLU D 106 -60.44 52.13 -69.95
C GLU D 106 -61.27 53.37 -70.24
N ARG D 107 -61.00 54.00 -71.39
CA ARG D 107 -61.71 55.20 -71.79
C ARG D 107 -62.58 54.97 -73.01
N PHE D 108 -63.78 55.56 -73.00
CA PHE D 108 -64.72 55.44 -74.09
C PHE D 108 -64.46 56.66 -74.99
N GLU D 109 -65.05 56.67 -76.18
CA GLU D 109 -64.84 57.78 -77.10
C GLU D 109 -63.36 57.85 -77.46
N ALA E 7 -69.98 72.56 -73.16
CA ALA E 7 -69.25 73.78 -72.73
C ALA E 7 -67.83 73.43 -72.28
N GLN E 8 -67.18 74.37 -71.58
CA GLN E 8 -65.83 74.16 -71.09
C GLN E 8 -65.81 72.95 -70.16
N LYS E 9 -66.89 72.79 -69.40
CA LYS E 9 -67.01 71.68 -68.47
C LYS E 9 -67.30 70.39 -69.22
N GLU E 10 -66.85 70.33 -70.47
CA GLU E 10 -67.02 69.15 -71.30
C GLU E 10 -65.64 68.63 -71.68
N ILE E 11 -64.66 69.53 -71.63
CA ILE E 11 -63.27 69.19 -71.93
C ILE E 11 -62.63 68.81 -70.60
N GLU E 12 -63.20 69.31 -69.52
CA GLU E 12 -62.71 69.02 -68.18
C GLU E 12 -62.80 67.52 -67.93
N ASN E 13 -64.00 66.98 -68.03
CA ASN E 13 -64.24 65.55 -67.81
C ASN E 13 -63.59 64.69 -68.90
N ARG E 14 -62.44 65.17 -69.37
CA ARG E 14 -61.64 64.51 -70.40
C ARG E 14 -60.19 64.81 -70.00
N TYR E 15 -60.06 65.76 -69.07
CA TYR E 15 -58.76 66.19 -68.57
C TYR E 15 -58.76 66.08 -67.05
N LYS E 16 -59.94 65.92 -66.47
CA LYS E 16 -60.10 65.79 -65.03
C LYS E 16 -59.99 64.33 -64.68
N GLU E 17 -59.97 63.49 -65.72
CA GLU E 17 -59.85 62.06 -65.52
C GLU E 17 -58.43 61.67 -65.90
N VAL E 18 -58.06 61.99 -67.14
CA VAL E 18 -56.74 61.67 -67.66
C VAL E 18 -55.62 62.16 -66.74
N LYS E 19 -55.72 63.40 -66.27
CA LYS E 19 -54.72 63.96 -65.38
C LYS E 19 -54.67 63.16 -64.07
N ILE E 20 -55.83 62.65 -63.65
CA ILE E 20 -55.94 61.87 -62.42
C ILE E 20 -55.45 60.45 -62.56
N ARG E 21 -55.84 59.77 -63.65
CA ARG E 21 -55.41 58.39 -63.86
C ARG E 21 -53.90 58.35 -64.03
N ILE E 22 -53.36 59.32 -64.75
CA ILE E 22 -51.93 59.40 -64.98
C ILE E 22 -51.15 59.51 -63.69
N GLU E 23 -51.63 60.33 -62.77
CA GLU E 23 -50.92 60.55 -61.52
C GLU E 23 -51.43 59.77 -60.31
N SER E 24 -52.60 59.16 -60.44
CA SER E 24 -53.17 58.38 -59.34
C SER E 24 -53.02 56.88 -59.61
N THR E 25 -53.92 56.35 -60.42
CA THR E 25 -53.92 54.93 -60.75
C THR E 25 -52.58 54.47 -61.33
N VAL E 26 -52.15 55.10 -62.41
CA VAL E 26 -50.90 54.73 -63.06
C VAL E 26 -49.69 55.00 -62.15
N ALA E 27 -49.50 56.26 -61.77
CA ALA E 27 -48.39 56.65 -60.90
C ALA E 27 -48.36 55.81 -59.64
N GLY E 28 -49.55 55.51 -59.13
CA GLY E 28 -49.65 54.72 -57.93
C GLY E 28 -49.26 53.28 -58.12
N SER E 29 -49.94 52.59 -59.03
CA SER E 29 -49.64 51.19 -59.26
C SER E 29 -48.16 51.00 -59.49
N LEU E 30 -47.54 51.93 -60.20
CA LEU E 30 -46.11 51.83 -60.48
C LEU E 30 -45.37 51.95 -59.16
N ARG E 31 -45.75 52.94 -58.38
CA ARG E 31 -45.16 53.19 -57.08
C ARG E 31 -45.18 51.89 -56.26
N SER E 32 -46.38 51.43 -55.96
CA SER E 32 -46.58 50.22 -55.18
C SER E 32 -45.86 49.01 -55.74
N MET E 33 -46.21 48.62 -56.96
CA MET E 33 -45.59 47.46 -57.59
C MET E 33 -44.08 47.40 -57.41
N LYS E 34 -43.38 48.43 -57.89
CA LYS E 34 -41.93 48.50 -57.75
C LYS E 34 -41.44 47.80 -56.48
N SER E 35 -41.69 48.44 -55.34
CA SER E 35 -41.26 47.88 -54.06
C SER E 35 -41.62 46.41 -53.90
N VAL E 36 -42.89 46.06 -54.09
CA VAL E 36 -43.33 44.68 -53.97
C VAL E 36 -42.37 43.79 -54.76
N LEU E 37 -42.02 44.22 -55.96
CA LEU E 37 -41.11 43.45 -56.81
C LEU E 37 -39.71 43.45 -56.20
N GLU E 38 -39.35 44.57 -55.58
CA GLU E 38 -38.04 44.72 -54.97
C GLU E 38 -37.97 43.83 -53.73
N HIS E 39 -39.01 43.89 -52.91
CA HIS E 39 -39.07 43.09 -51.69
C HIS E 39 -38.86 41.60 -52.01
N LEU E 40 -39.49 41.13 -53.08
CA LEU E 40 -39.34 39.73 -53.44
C LEU E 40 -37.86 39.45 -53.68
N ARG E 41 -37.27 40.16 -54.65
CA ARG E 41 -35.85 39.99 -54.96
C ARG E 41 -35.05 39.98 -53.65
N ALA E 42 -35.58 40.67 -52.65
CA ALA E 42 -34.92 40.72 -51.36
C ALA E 42 -35.13 39.38 -50.69
N LYS E 43 -36.39 39.02 -50.47
CA LYS E 43 -36.72 37.76 -49.85
C LYS E 43 -35.90 36.63 -50.47
N MET E 44 -35.96 36.50 -51.79
CA MET E 44 -35.23 35.45 -52.50
C MET E 44 -33.73 35.54 -52.28
N GLN E 45 -33.22 36.75 -52.12
CA GLN E 45 -31.78 36.94 -51.94
C GLN E 45 -31.33 36.23 -50.67
N ARG E 46 -32.22 36.15 -49.69
CA ARG E 46 -31.92 35.48 -48.43
C ARG E 46 -31.81 33.97 -48.66
N MET E 47 -32.91 33.38 -49.09
CA MET E 47 -32.98 31.95 -49.35
C MET E 47 -31.76 31.35 -50.04
N GLU E 48 -31.24 32.03 -51.05
CA GLU E 48 -30.09 31.54 -51.80
C GLU E 48 -28.84 31.48 -50.92
N GLU E 49 -28.61 32.49 -50.10
CA GLU E 49 -27.45 32.46 -49.23
C GLU E 49 -27.72 31.48 -48.09
N ALA E 50 -28.99 31.09 -47.95
CA ALA E 50 -29.40 30.14 -46.94
C ALA E 50 -29.05 28.76 -47.46
N ILE E 51 -29.69 28.35 -48.55
CA ILE E 51 -29.42 27.05 -49.11
C ILE E 51 -27.94 26.85 -49.36
N LYS E 52 -27.27 27.90 -49.83
CA LYS E 52 -25.84 27.79 -50.13
C LYS E 52 -24.91 27.80 -48.92
N THR E 53 -25.33 28.40 -47.82
CA THR E 53 -24.49 28.40 -46.63
C THR E 53 -24.52 26.96 -46.11
N GLN E 54 -25.72 26.39 -46.07
CA GLN E 54 -25.94 25.02 -45.60
C GLN E 54 -25.24 24.05 -46.54
N LYS E 55 -25.51 24.19 -47.84
CA LYS E 55 -24.88 23.33 -48.82
C LYS E 55 -23.36 23.34 -48.57
N GLU E 56 -22.84 24.54 -48.35
CA GLU E 56 -21.43 24.74 -48.09
C GLU E 56 -21.00 23.82 -46.94
N LEU E 57 -21.93 23.59 -46.02
CA LEU E 57 -21.66 22.76 -44.86
C LEU E 57 -22.02 21.28 -45.06
N CYS E 58 -23.01 20.99 -45.89
CA CYS E 58 -23.43 19.61 -46.10
C CYS E 58 -22.42 18.76 -46.87
N SER E 59 -21.22 19.29 -47.02
CA SER E 59 -20.14 18.59 -47.71
C SER E 59 -19.84 17.36 -46.89
N ALA E 60 -19.80 17.56 -45.57
CA ALA E 60 -19.55 16.50 -44.61
C ALA E 60 -20.86 16.13 -43.92
N PRO E 61 -21.11 14.83 -43.72
CA PRO E 61 -22.36 14.45 -43.06
C PRO E 61 -22.19 14.60 -41.55
N CYS E 62 -23.31 14.57 -40.84
CA CYS E 62 -23.29 14.66 -39.39
C CYS E 62 -22.87 13.30 -38.84
N THR E 63 -22.42 13.28 -37.61
CA THR E 63 -22.01 12.02 -37.02
C THR E 63 -22.50 11.94 -35.57
N VAL E 64 -22.63 10.72 -35.07
CA VAL E 64 -23.06 10.49 -33.70
C VAL E 64 -22.02 9.58 -33.11
N ASN E 65 -21.25 10.09 -32.14
CA ASN E 65 -20.20 9.26 -31.53
C ASN E 65 -20.61 8.91 -30.11
N CYS E 66 -21.77 8.29 -29.93
CA CYS E 66 -22.17 7.98 -28.56
C CYS E 66 -21.95 6.53 -28.13
N ARG E 67 -21.60 6.39 -26.87
CA ARG E 67 -21.31 5.11 -26.23
C ARG E 67 -22.52 4.17 -26.28
N VAL E 68 -22.27 2.88 -26.45
CA VAL E 68 -23.37 1.91 -26.52
C VAL E 68 -23.68 1.17 -25.21
N PRO E 69 -24.95 1.20 -24.77
CA PRO E 69 -25.43 0.55 -23.54
C PRO E 69 -25.16 -0.95 -23.52
N VAL E 70 -24.55 -1.43 -22.44
CA VAL E 70 -24.24 -2.85 -22.30
C VAL E 70 -25.48 -3.73 -22.43
N VAL E 71 -26.44 -3.50 -21.53
CA VAL E 71 -27.69 -4.22 -21.53
C VAL E 71 -28.35 -4.24 -22.91
N SER E 72 -28.92 -5.37 -23.29
CA SER E 72 -29.58 -5.50 -24.58
C SER E 72 -30.69 -6.53 -24.36
N GLY E 73 -31.36 -6.91 -25.43
CA GLY E 73 -32.42 -7.89 -25.32
C GLY E 73 -32.78 -8.39 -26.69
N MET E 74 -34.07 -8.42 -26.99
CA MET E 74 -34.54 -8.86 -28.29
C MET E 74 -35.64 -7.91 -28.71
N HIS E 75 -35.97 -7.00 -27.80
CA HIS E 75 -37.02 -6.02 -28.00
C HIS E 75 -36.86 -5.07 -26.81
N CYS E 76 -37.35 -3.85 -26.92
CA CYS E 76 -37.26 -2.89 -25.84
C CYS E 76 -37.83 -3.39 -24.51
N GLU E 77 -38.87 -4.22 -24.59
CA GLU E 77 -39.48 -4.72 -23.39
C GLU E 77 -38.52 -5.68 -22.69
N ASP E 78 -37.86 -6.51 -23.47
CA ASP E 78 -36.92 -7.47 -22.91
C ASP E 78 -35.84 -6.73 -22.11
N ILE E 79 -35.44 -5.57 -22.62
CA ILE E 79 -34.43 -4.75 -21.97
C ILE E 79 -34.96 -4.22 -20.65
N TYR E 80 -36.15 -3.64 -20.69
CA TYR E 80 -36.77 -3.11 -19.47
C TYR E 80 -36.75 -4.23 -18.44
N ARG E 81 -37.11 -5.43 -18.90
CA ARG E 81 -37.12 -6.61 -18.06
C ARG E 81 -35.72 -6.86 -17.51
N ASN E 82 -34.70 -6.62 -18.33
CA ASN E 82 -33.32 -6.83 -17.90
C ASN E 82 -32.70 -5.65 -17.18
N GLY E 83 -33.44 -4.56 -16.98
CA GLY E 83 -32.87 -3.43 -16.27
C GLY E 83 -32.72 -2.11 -17.01
N GLY E 84 -33.10 -2.09 -18.29
CA GLY E 84 -33.01 -0.87 -19.05
C GLY E 84 -34.20 -0.02 -18.63
N ARG E 85 -34.00 0.88 -17.69
CA ARG E 85 -35.11 1.69 -17.23
C ARG E 85 -35.13 3.14 -17.68
N THR E 86 -34.14 3.54 -18.47
CA THR E 86 -34.12 4.90 -18.99
C THR E 86 -34.45 4.86 -20.49
N SER E 87 -35.01 5.95 -20.99
CA SER E 87 -35.35 6.07 -22.40
C SER E 87 -34.14 6.58 -23.17
N GLU E 88 -33.71 5.79 -24.16
CA GLU E 88 -32.57 6.10 -24.98
C GLU E 88 -32.42 5.09 -26.10
N ALA E 89 -31.23 5.04 -26.67
CA ALA E 89 -30.94 4.12 -27.75
C ALA E 89 -30.26 2.85 -27.23
N TYR E 90 -30.70 1.71 -27.73
CA TYR E 90 -30.13 0.42 -27.36
C TYR E 90 -30.08 -0.50 -28.56
N TYR E 91 -29.32 -1.58 -28.44
CA TYR E 91 -29.27 -2.55 -29.51
C TYR E 91 -30.23 -3.65 -29.06
N ILE E 92 -31.01 -4.15 -30.00
CA ILE E 92 -31.93 -5.25 -29.72
C ILE E 92 -31.62 -6.29 -30.77
N GLN E 93 -32.06 -7.52 -30.53
CA GLN E 93 -31.83 -8.61 -31.46
C GLN E 93 -33.03 -9.56 -31.35
N PRO E 94 -34.14 -9.22 -32.04
CA PRO E 94 -35.35 -10.05 -32.01
C PRO E 94 -35.18 -11.46 -32.60
N ASP E 95 -34.23 -11.61 -33.51
CA ASP E 95 -33.99 -12.91 -34.12
C ASP E 95 -32.55 -13.32 -33.93
N LEU E 96 -32.36 -14.58 -33.57
CA LEU E 96 -31.04 -15.12 -33.34
C LEU E 96 -30.25 -15.14 -34.66
N PHE E 97 -30.96 -15.16 -35.78
CA PHE E 97 -30.31 -15.22 -37.09
C PHE E 97 -30.30 -13.85 -37.79
N SER E 98 -30.15 -12.77 -37.02
CA SER E 98 -30.13 -11.43 -37.61
C SER E 98 -29.34 -10.47 -36.72
N GLU E 99 -28.29 -9.86 -37.28
CA GLU E 99 -27.44 -8.91 -36.55
C GLU E 99 -28.26 -7.90 -35.74
N PRO E 100 -27.80 -7.58 -34.52
CA PRO E 100 -28.49 -6.63 -33.64
C PRO E 100 -28.56 -5.22 -34.25
N TYR E 101 -29.64 -4.50 -33.98
CA TYR E 101 -29.77 -3.15 -34.53
C TYR E 101 -30.20 -2.12 -33.48
N LYS E 102 -29.64 -0.92 -33.61
CA LYS E 102 -29.92 0.19 -32.71
C LYS E 102 -31.40 0.60 -32.84
N VAL E 103 -31.95 1.17 -31.78
CA VAL E 103 -33.34 1.56 -31.80
C VAL E 103 -33.62 2.41 -30.56
N PHE E 104 -34.67 3.22 -30.61
CA PHE E 104 -34.98 4.06 -29.45
C PHE E 104 -36.06 3.40 -28.63
N CYS E 105 -35.75 3.15 -27.36
CA CYS E 105 -36.69 2.52 -26.45
C CYS E 105 -37.31 3.56 -25.56
N ASP E 106 -38.62 3.50 -25.43
CA ASP E 106 -39.29 4.42 -24.54
C ASP E 106 -39.63 3.63 -23.28
N MET E 107 -38.92 3.93 -22.21
CA MET E 107 -39.11 3.23 -20.94
C MET E 107 -39.76 4.17 -19.91
N GLU E 108 -40.65 5.05 -20.36
CA GLU E 108 -41.31 5.96 -19.43
C GLU E 108 -42.77 6.21 -19.74
N SER E 109 -43.10 6.17 -21.03
CA SER E 109 -44.48 6.38 -21.45
C SER E 109 -45.27 5.10 -21.21
N HIS E 110 -46.56 5.26 -20.92
CA HIS E 110 -47.46 4.12 -20.72
C HIS E 110 -46.80 2.78 -20.42
N GLY E 111 -46.40 2.57 -19.17
CA GLY E 111 -45.82 1.28 -18.80
C GLY E 111 -44.37 1.05 -19.18
N GLY E 112 -44.00 1.40 -20.42
CA GLY E 112 -42.64 1.21 -20.86
C GLY E 112 -42.45 -0.01 -21.73
N GLY E 113 -41.21 -0.33 -22.03
CA GLY E 113 -40.91 -1.47 -22.88
C GLY E 113 -41.31 -1.21 -24.31
N TRP E 114 -41.42 0.06 -24.68
CA TRP E 114 -41.84 0.44 -26.03
C TRP E 114 -40.70 0.59 -27.03
N THR E 115 -40.79 -0.14 -28.13
CA THR E 115 -39.79 -0.05 -29.19
C THR E 115 -40.34 0.96 -30.18
N VAL E 116 -39.64 2.08 -30.34
CA VAL E 116 -40.12 3.08 -31.28
C VAL E 116 -39.90 2.62 -32.70
N VAL E 117 -40.99 2.59 -33.46
CA VAL E 117 -40.95 2.17 -34.86
C VAL E 117 -40.88 3.38 -35.82
N GLN E 118 -41.47 4.49 -35.37
CA GLN E 118 -41.52 5.75 -36.13
C GLN E 118 -41.56 6.90 -35.15
N ASN E 119 -41.02 8.04 -35.55
CA ASN E 119 -40.99 9.20 -34.66
C ASN E 119 -40.71 10.54 -35.36
N ARG E 120 -41.53 11.53 -35.01
CA ARG E 120 -41.41 12.88 -35.53
C ARG E 120 -41.28 13.78 -34.31
N VAL E 121 -40.39 14.77 -34.36
CA VAL E 121 -40.23 15.68 -33.24
C VAL E 121 -39.69 17.06 -33.62
N ASP E 122 -38.87 17.13 -34.67
CA ASP E 122 -38.29 18.40 -35.05
C ASP E 122 -38.14 18.53 -36.56
N GLY E 123 -38.79 17.63 -37.29
CA GLY E 123 -38.71 17.66 -38.74
C GLY E 123 -37.26 17.60 -39.20
N SER E 124 -36.44 16.85 -38.47
CA SER E 124 -35.03 16.71 -38.80
C SER E 124 -34.72 15.69 -39.90
N SER E 125 -35.74 14.94 -40.33
CA SER E 125 -35.55 13.93 -41.39
C SER E 125 -36.64 14.04 -42.44
N ASN E 126 -36.38 13.48 -43.62
CA ASN E 126 -37.33 13.53 -44.72
C ASN E 126 -38.02 12.18 -44.88
N PHE E 127 -39.34 12.19 -44.92
CA PHE E 127 -40.12 10.97 -45.05
C PHE E 127 -40.71 10.73 -46.42
N ALA E 128 -40.42 11.60 -47.37
CA ALA E 128 -40.95 11.40 -48.72
C ALA E 128 -40.02 10.42 -49.44
N ARG E 129 -39.89 9.21 -48.88
CA ARG E 129 -39.01 8.21 -49.46
C ARG E 129 -39.79 7.15 -50.23
N ASP E 130 -39.04 6.29 -50.93
CA ASP E 130 -39.61 5.22 -51.74
C ASP E 130 -39.71 3.89 -51.03
N TRP E 131 -40.44 2.96 -51.64
CA TRP E 131 -40.66 1.62 -51.10
C TRP E 131 -39.45 0.90 -50.49
N ASN E 132 -38.26 1.08 -51.05
CA ASN E 132 -37.07 0.40 -50.50
C ASN E 132 -36.52 1.11 -49.29
N THR E 133 -36.59 2.43 -49.31
CA THR E 133 -36.08 3.21 -48.19
C THR E 133 -36.95 2.89 -46.98
N TYR E 134 -38.25 2.83 -47.20
CA TYR E 134 -39.18 2.54 -46.12
C TYR E 134 -39.03 1.11 -45.65
N LYS E 135 -38.69 0.21 -46.56
CA LYS E 135 -38.52 -1.18 -46.20
C LYS E 135 -37.25 -1.43 -45.39
N ALA E 136 -36.18 -0.75 -45.79
CA ALA E 136 -34.89 -0.91 -45.13
C ALA E 136 -34.67 -0.09 -43.87
N GLU E 137 -35.49 0.95 -43.66
CA GLU E 137 -35.36 1.82 -42.49
C GLU E 137 -34.54 3.04 -42.92
N PHE E 138 -34.96 4.22 -42.46
CA PHE E 138 -34.27 5.46 -42.79
C PHE E 138 -34.40 6.47 -41.67
N GLY E 139 -33.33 7.22 -41.42
CA GLY E 139 -33.36 8.24 -40.38
C GLY E 139 -32.35 8.06 -39.27
N ASN E 140 -32.45 8.91 -38.24
CA ASN E 140 -31.55 8.85 -37.11
C ASN E 140 -32.27 8.34 -35.88
N ILE E 141 -31.79 7.25 -35.29
CA ILE E 141 -32.44 6.73 -34.12
C ILE E 141 -32.36 7.75 -32.98
N ALA E 142 -31.16 8.28 -32.72
CA ALA E 142 -31.01 9.23 -31.61
C ALA E 142 -29.87 10.25 -31.76
N PHE E 143 -29.76 11.17 -30.80
CA PHE E 143 -28.73 12.20 -30.84
C PHE E 143 -27.92 12.34 -29.55
N GLY E 144 -26.64 12.68 -29.67
CA GLY E 144 -25.78 12.86 -28.51
C GLY E 144 -26.28 13.99 -27.63
N ASN E 145 -26.45 13.71 -26.35
CA ASN E 145 -26.90 14.71 -25.39
C ASN E 145 -25.72 15.53 -24.87
N GLY E 146 -24.55 15.30 -25.44
CA GLY E 146 -23.38 16.02 -24.99
C GLY E 146 -22.50 15.16 -24.11
N LYS E 147 -23.13 14.33 -23.28
CA LYS E 147 -22.40 13.44 -22.39
C LYS E 147 -22.12 12.14 -23.13
N SER E 148 -22.27 12.17 -24.45
CA SER E 148 -22.01 10.99 -25.26
C SER E 148 -23.00 9.84 -25.05
N ILE E 149 -24.12 10.16 -24.41
CA ILE E 149 -25.19 9.18 -24.18
C ILE E 149 -26.32 9.61 -25.12
N CYS E 150 -26.75 8.72 -26.01
CA CYS E 150 -27.79 9.06 -26.98
C CYS E 150 -29.24 8.88 -26.51
N ASN E 151 -29.72 9.86 -25.76
CA ASN E 151 -31.09 9.84 -25.24
C ASN E 151 -32.02 10.86 -25.90
N ILE E 152 -31.50 11.58 -26.88
CA ILE E 152 -32.30 12.54 -27.61
C ILE E 152 -32.82 11.80 -28.85
N PRO E 153 -34.13 11.50 -28.87
CA PRO E 153 -34.67 10.79 -30.04
C PRO E 153 -34.61 11.63 -31.29
N GLY E 154 -34.25 10.99 -32.39
CA GLY E 154 -34.16 11.67 -33.67
C GLY E 154 -35.32 11.15 -34.49
N GLU E 155 -35.54 11.71 -35.68
CA GLU E 155 -36.65 11.25 -36.51
C GLU E 155 -36.19 10.05 -37.31
N TYR E 156 -37.10 9.10 -37.52
CA TYR E 156 -36.76 7.91 -38.31
C TYR E 156 -37.94 6.96 -38.44
N TRP E 157 -37.73 5.91 -39.22
CA TRP E 157 -38.74 4.89 -39.44
C TRP E 157 -37.97 3.61 -39.63
N LEU E 158 -37.92 2.80 -38.58
CA LEU E 158 -37.24 1.51 -38.61
C LEU E 158 -37.86 0.86 -39.84
N GLY E 159 -37.13 0.02 -40.56
CA GLY E 159 -37.73 -0.59 -41.74
C GLY E 159 -39.05 -1.32 -41.54
N THR E 160 -39.99 -1.17 -42.48
CA THR E 160 -41.29 -1.84 -42.42
C THR E 160 -41.07 -3.36 -42.34
N LYS E 161 -40.05 -3.83 -43.04
CA LYS E 161 -39.69 -5.25 -43.05
C LYS E 161 -39.40 -5.67 -41.63
N THR E 162 -38.52 -4.91 -40.98
CA THR E 162 -38.11 -5.17 -39.61
C THR E 162 -39.36 -5.27 -38.75
N VAL E 163 -40.19 -4.24 -38.81
CA VAL E 163 -41.44 -4.22 -38.07
C VAL E 163 -42.20 -5.51 -38.37
N HIS E 164 -42.39 -5.79 -39.65
CA HIS E 164 -43.10 -7.00 -40.07
C HIS E 164 -42.60 -8.24 -39.36
N GLN E 165 -41.29 -8.48 -39.46
CA GLN E 165 -40.65 -9.63 -38.82
C GLN E 165 -40.95 -9.66 -37.32
N LEU E 166 -40.85 -8.50 -36.68
CA LEU E 166 -41.09 -8.40 -35.27
C LEU E 166 -42.50 -8.87 -34.92
N THR E 167 -43.49 -8.46 -35.71
CA THR E 167 -44.87 -8.84 -35.42
C THR E 167 -45.19 -10.27 -35.83
N LYS E 168 -44.43 -10.81 -36.78
CA LYS E 168 -44.66 -12.18 -37.22
C LYS E 168 -44.13 -13.15 -36.17
N GLN E 169 -43.11 -12.74 -35.43
CA GLN E 169 -42.52 -13.58 -34.40
C GLN E 169 -43.46 -13.60 -33.20
N HIS E 170 -44.05 -12.45 -32.89
CA HIS E 170 -44.98 -12.32 -31.78
C HIS E 170 -45.89 -11.14 -32.04
N THR E 171 -47.21 -11.33 -31.89
CA THR E 171 -48.14 -10.25 -32.11
C THR E 171 -47.88 -9.10 -31.13
N GLN E 172 -47.84 -7.89 -31.67
CA GLN E 172 -47.57 -6.71 -30.87
C GLN E 172 -48.84 -5.93 -30.52
N GLN E 173 -48.63 -4.80 -29.87
CA GLN E 173 -49.69 -3.88 -29.52
C GLN E 173 -49.01 -2.54 -29.79
N VAL E 174 -49.64 -1.72 -30.60
CA VAL E 174 -49.05 -0.44 -30.91
C VAL E 174 -49.61 0.62 -30.00
N LEU E 175 -48.92 1.75 -29.98
CA LEU E 175 -49.31 2.88 -29.18
C LEU E 175 -48.80 4.11 -29.92
N PHE E 176 -49.73 5.01 -30.24
CA PHE E 176 -49.38 6.24 -30.93
C PHE E 176 -49.40 7.37 -29.93
N ASP E 177 -48.40 8.24 -29.99
CA ASP E 177 -48.30 9.42 -29.11
C ASP E 177 -48.13 10.65 -29.99
N MET E 178 -48.73 11.77 -29.58
CA MET E 178 -48.60 12.99 -30.35
C MET E 178 -48.80 14.20 -29.46
N SER E 179 -48.15 15.30 -29.83
CA SER E 179 -48.26 16.54 -29.08
C SER E 179 -48.42 17.73 -30.02
N ASP E 180 -49.37 18.61 -29.73
CA ASP E 180 -49.57 19.79 -30.56
C ASP E 180 -48.58 20.89 -30.19
N TRP E 181 -48.54 21.95 -30.99
CA TRP E 181 -47.62 23.05 -30.75
C TRP E 181 -48.06 23.98 -29.62
N GLU E 182 -49.24 23.71 -29.07
CA GLU E 182 -49.79 24.51 -27.96
C GLU E 182 -49.25 23.99 -26.63
N GLY E 183 -49.25 22.68 -26.44
CA GLY E 183 -48.76 22.11 -25.19
C GLY E 183 -49.50 20.85 -24.79
N SER E 184 -50.66 20.61 -25.40
CA SER E 184 -51.46 19.44 -25.08
C SER E 184 -50.89 18.23 -25.81
N SER E 185 -51.43 17.05 -25.52
CA SER E 185 -50.98 15.81 -26.13
C SER E 185 -51.90 14.66 -25.78
N VAL E 186 -52.35 13.92 -26.79
CA VAL E 186 -53.23 12.76 -26.58
C VAL E 186 -52.43 11.52 -26.95
N TYR E 187 -53.08 10.38 -26.91
CA TYR E 187 -52.41 9.12 -27.25
C TYR E 187 -53.47 8.14 -27.72
N ALA E 188 -53.03 7.15 -28.48
CA ALA E 188 -53.94 6.14 -29.01
C ALA E 188 -53.21 4.82 -29.05
N GLN E 189 -53.88 3.76 -28.60
CA GLN E 189 -53.28 2.44 -28.61
C GLN E 189 -54.23 1.36 -29.06
N TYR E 190 -53.64 0.28 -29.58
CA TYR E 190 -54.38 -0.86 -30.08
C TYR E 190 -53.74 -2.10 -29.50
N ALA E 191 -54.58 -2.94 -28.91
CA ALA E 191 -54.11 -4.18 -28.31
C ALA E 191 -53.35 -5.04 -29.31
N SER E 192 -53.80 -5.09 -30.56
CA SER E 192 -53.10 -5.90 -31.55
C SER E 192 -52.57 -5.15 -32.78
N PHE E 193 -51.37 -5.54 -33.21
CA PHE E 193 -50.72 -4.94 -34.35
C PHE E 193 -49.92 -6.01 -35.08
N ARG E 194 -49.96 -5.98 -36.41
CA ARG E 194 -49.25 -6.95 -37.22
C ARG E 194 -49.46 -6.66 -38.69
N PRO E 195 -48.40 -6.72 -39.50
CA PRO E 195 -48.54 -6.47 -40.92
C PRO E 195 -48.05 -7.72 -41.68
N GLU E 196 -48.68 -8.00 -42.81
CA GLU E 196 -48.30 -9.15 -43.62
C GLU E 196 -46.98 -8.83 -44.29
N ASN E 197 -46.38 -9.82 -44.95
CA ASN E 197 -45.09 -9.64 -45.61
C ASN E 197 -45.14 -8.69 -46.79
N GLU E 198 -43.96 -8.31 -47.28
CA GLU E 198 -43.86 -7.41 -48.42
C GLU E 198 -44.78 -7.91 -49.52
N ALA E 199 -44.71 -9.21 -49.78
CA ALA E 199 -45.53 -9.83 -50.80
C ALA E 199 -46.94 -9.25 -50.78
N GLN E 200 -47.51 -9.14 -49.59
CA GLN E 200 -48.88 -8.62 -49.45
C GLN E 200 -48.91 -7.09 -49.39
N GLY E 201 -47.78 -6.45 -49.60
CA GLY E 201 -47.74 -5.00 -49.53
C GLY E 201 -47.79 -4.54 -48.08
N TYR E 202 -47.32 -5.42 -47.20
CA TYR E 202 -47.28 -5.15 -45.77
C TYR E 202 -48.61 -4.66 -45.23
N ARG E 203 -49.67 -5.41 -45.53
CA ARG E 203 -51.02 -5.07 -45.09
C ARG E 203 -51.14 -4.86 -43.58
N LEU E 204 -51.85 -3.81 -43.20
CA LEU E 204 -52.06 -3.43 -41.80
C LEU E 204 -53.29 -4.05 -41.14
N TRP E 205 -53.07 -4.66 -39.98
CA TRP E 205 -54.12 -5.30 -39.21
C TRP E 205 -53.96 -4.95 -37.74
N VAL E 206 -54.90 -4.19 -37.20
CA VAL E 206 -54.84 -3.81 -35.80
C VAL E 206 -56.16 -4.12 -35.10
N GLU E 207 -56.08 -4.44 -33.80
CA GLU E 207 -57.27 -4.77 -33.01
C GLU E 207 -57.43 -3.98 -31.71
N ASP E 208 -58.68 -3.75 -31.34
CA ASP E 208 -59.02 -3.07 -30.10
C ASP E 208 -58.37 -1.74 -29.78
N TYR E 209 -59.11 -0.67 -30.08
CA TYR E 209 -58.65 0.69 -29.82
C TYR E 209 -58.87 1.03 -28.36
N SER E 210 -58.25 2.11 -27.91
CA SER E 210 -58.38 2.58 -26.55
C SER E 210 -57.57 3.87 -26.59
N GLY E 211 -57.88 4.80 -25.70
CA GLY E 211 -57.13 6.04 -25.71
C GLY E 211 -58.00 7.24 -25.93
N ASN E 212 -57.39 8.42 -25.90
CA ASN E 212 -58.11 9.66 -26.05
C ASN E 212 -57.87 10.37 -27.38
N ALA E 213 -57.20 9.71 -28.32
CA ALA E 213 -56.91 10.35 -29.60
C ALA E 213 -58.00 10.22 -30.66
N GLY E 214 -58.61 9.04 -30.73
CA GLY E 214 -59.66 8.79 -31.70
C GLY E 214 -59.25 7.60 -32.51
N ASN E 215 -60.14 6.61 -32.59
CA ASN E 215 -59.86 5.38 -33.32
C ASN E 215 -59.77 5.63 -34.84
N ALA E 216 -58.71 6.31 -35.26
CA ALA E 216 -58.51 6.64 -36.66
C ALA E 216 -58.12 5.45 -37.52
N LEU E 217 -57.65 4.37 -36.92
CA LEU E 217 -57.24 3.22 -37.71
C LEU E 217 -58.38 2.27 -38.07
N LEU E 218 -59.35 2.11 -37.16
CA LEU E 218 -60.48 1.22 -37.38
C LEU E 218 -61.79 1.95 -37.70
N GLU E 219 -61.86 3.22 -37.34
CA GLU E 219 -63.04 4.04 -37.58
C GLU E 219 -62.79 5.13 -38.63
N GLY E 220 -61.52 5.51 -38.79
CA GLY E 220 -61.19 6.56 -39.73
C GLY E 220 -61.58 7.91 -39.16
N ALA E 221 -61.63 8.93 -40.01
CA ALA E 221 -62.02 10.27 -39.57
C ALA E 221 -63.49 10.27 -39.23
N THR E 222 -63.79 9.97 -37.96
CA THR E 222 -65.17 9.91 -37.49
C THR E 222 -65.99 11.21 -37.57
N GLN E 223 -65.39 12.25 -38.15
CA GLN E 223 -66.07 13.54 -38.32
C GLN E 223 -66.55 13.59 -39.76
N LEU E 224 -66.75 12.42 -40.35
CA LEU E 224 -67.22 12.31 -41.72
C LEU E 224 -68.43 11.40 -41.77
N MET E 225 -69.07 11.35 -42.93
CA MET E 225 -70.26 10.52 -43.10
C MET E 225 -70.07 9.44 -44.17
N GLY E 226 -70.88 8.39 -44.09
CA GLY E 226 -70.83 7.29 -45.04
C GLY E 226 -69.47 6.97 -45.61
N ASP E 227 -69.38 6.97 -46.94
CA ASP E 227 -68.13 6.68 -47.63
C ASP E 227 -66.99 7.55 -47.14
N ASN E 228 -67.27 8.84 -46.97
CA ASN E 228 -66.24 9.77 -46.54
C ASN E 228 -65.48 9.30 -45.31
N ARG E 229 -66.14 8.55 -44.44
CA ARG E 229 -65.48 8.05 -43.24
C ARG E 229 -64.81 6.70 -43.54
N THR E 230 -65.58 5.73 -44.02
CA THR E 230 -65.02 4.41 -44.32
C THR E 230 -63.76 4.47 -45.18
N MET E 231 -63.74 5.34 -46.19
CA MET E 231 -62.57 5.41 -47.06
C MET E 231 -61.35 6.06 -46.41
N THR E 232 -61.40 6.23 -45.08
CA THR E 232 -60.27 6.80 -44.37
C THR E 232 -59.83 5.83 -43.28
N ILE E 233 -60.27 4.58 -43.42
CA ILE E 233 -59.95 3.51 -42.49
C ILE E 233 -58.66 2.86 -42.95
N HIS E 234 -57.68 2.82 -42.04
CA HIS E 234 -56.37 2.24 -42.33
C HIS E 234 -56.25 0.74 -42.04
N ASN E 235 -57.20 0.17 -41.32
CA ASN E 235 -57.10 -1.26 -41.02
C ASN E 235 -57.35 -2.12 -42.24
N GLY E 236 -56.44 -3.04 -42.51
CA GLY E 236 -56.60 -3.91 -43.65
C GLY E 236 -55.96 -3.40 -44.92
N MET E 237 -55.45 -2.17 -44.86
CA MET E 237 -54.82 -1.54 -46.02
C MET E 237 -53.36 -1.96 -46.24
N GLN E 238 -52.90 -1.84 -47.48
CA GLN E 238 -51.51 -2.17 -47.81
C GLN E 238 -50.71 -0.87 -47.70
N PHE E 239 -49.40 -0.98 -47.79
CA PHE E 239 -48.53 0.18 -47.67
C PHE E 239 -48.24 0.79 -49.05
N SER E 240 -48.08 2.11 -49.08
CA SER E 240 -47.79 2.80 -50.34
C SER E 240 -46.64 3.79 -50.18
N THR E 241 -46.00 4.10 -51.29
CA THR E 241 -44.89 5.04 -51.34
C THR E 241 -45.09 5.85 -52.60
N PHE E 242 -44.33 6.93 -52.81
CA PHE E 242 -44.57 7.70 -54.02
C PHE E 242 -44.29 6.85 -55.26
N ASP E 243 -43.50 5.81 -55.09
CA ASP E 243 -43.15 4.94 -56.21
C ASP E 243 -43.77 3.55 -56.06
N ARG E 244 -45.04 3.51 -55.66
CA ARG E 244 -45.76 2.24 -55.48
C ARG E 244 -47.14 2.45 -54.90
N ASP E 245 -48.14 2.51 -55.77
CA ASP E 245 -49.50 2.75 -55.35
C ASP E 245 -50.25 1.47 -55.03
N ASN E 246 -50.68 1.35 -53.77
CA ASN E 246 -51.42 0.20 -53.28
C ASN E 246 -52.65 0.65 -52.51
N ASP E 247 -52.93 1.95 -52.53
CA ASP E 247 -54.08 2.47 -51.81
C ASP E 247 -55.37 1.94 -52.38
N ASN E 248 -56.49 2.45 -51.89
CA ASN E 248 -57.79 2.03 -52.38
C ASN E 248 -58.43 3.09 -53.22
N TRP E 249 -57.58 3.93 -53.79
CA TRP E 249 -58.04 5.04 -54.61
C TRP E 249 -57.84 4.74 -56.10
N ASN E 250 -58.83 4.12 -56.72
CA ASN E 250 -58.80 3.79 -58.15
C ASN E 250 -57.51 3.09 -58.56
N PRO E 251 -57.47 1.77 -58.44
CA PRO E 251 -56.32 0.90 -58.77
C PRO E 251 -55.51 1.19 -60.04
N GLY E 252 -56.14 1.11 -61.20
CA GLY E 252 -55.43 1.34 -62.45
C GLY E 252 -54.98 2.76 -62.73
N ASP E 253 -55.79 3.73 -62.31
CA ASP E 253 -55.52 5.15 -62.51
C ASP E 253 -54.27 5.61 -61.74
N PRO E 254 -53.18 5.94 -62.47
CA PRO E 254 -51.90 6.40 -61.92
C PRO E 254 -51.97 7.82 -61.38
N THR E 255 -53.13 8.43 -61.57
CA THR E 255 -53.41 9.80 -61.13
C THR E 255 -53.86 9.80 -59.66
N LYS E 256 -54.40 8.67 -59.22
CA LYS E 256 -54.89 8.54 -57.85
C LYS E 256 -53.86 7.86 -56.96
N HIS E 257 -52.90 8.65 -56.51
CA HIS E 257 -51.83 8.16 -55.67
C HIS E 257 -51.79 8.91 -54.35
N CYS E 258 -52.47 8.39 -53.32
CA CYS E 258 -52.48 9.07 -52.02
C CYS E 258 -51.05 9.37 -51.54
N SER E 259 -50.15 8.41 -51.70
CA SER E 259 -48.78 8.59 -51.29
C SER E 259 -48.12 9.80 -52.00
N ARG E 260 -48.52 10.07 -53.24
CA ARG E 260 -47.97 11.20 -53.99
C ARG E 260 -48.49 12.51 -53.45
N GLU E 261 -49.79 12.54 -53.16
CA GLU E 261 -50.43 13.74 -52.65
C GLU E 261 -50.21 14.01 -51.17
N ASP E 262 -50.04 12.97 -50.36
CA ASP E 262 -49.87 13.20 -48.93
C ASP E 262 -48.45 13.10 -48.34
N ALA E 263 -47.47 13.21 -49.22
CA ALA E 263 -46.04 13.23 -48.88
C ALA E 263 -45.41 12.23 -47.92
N GLY E 264 -45.88 10.99 -47.91
CA GLY E 264 -45.26 10.03 -46.99
C GLY E 264 -45.64 8.60 -47.26
N GLY E 265 -44.82 7.68 -46.73
CA GLY E 265 -45.10 6.27 -46.90
C GLY E 265 -46.05 5.86 -45.80
N TRP E 266 -47.25 5.43 -46.19
CA TRP E 266 -48.25 5.04 -45.20
C TRP E 266 -49.17 3.91 -45.68
N TRP E 267 -50.18 3.62 -44.85
CA TRP E 267 -51.14 2.58 -45.17
C TRP E 267 -52.37 3.34 -45.65
N TYR E 268 -52.24 4.01 -46.79
CA TYR E 268 -53.32 4.80 -47.36
C TYR E 268 -54.47 3.94 -47.89
N ASN E 269 -55.67 4.48 -47.77
CA ASN E 269 -56.90 3.84 -48.22
C ASN E 269 -57.76 4.99 -48.70
N ARG E 270 -57.88 5.17 -50.00
CA ARG E 270 -58.67 6.29 -50.50
C ARG E 270 -58.18 7.48 -49.67
N CYS E 271 -56.90 7.34 -49.30
CA CYS E 271 -56.09 8.27 -48.54
C CYS E 271 -56.05 8.14 -47.02
N HIS E 272 -56.54 9.10 -46.24
CA HIS E 272 -56.40 8.90 -44.80
C HIS E 272 -57.25 9.60 -43.75
N ALA E 273 -56.98 9.20 -42.52
CA ALA E 273 -57.60 9.74 -41.32
C ALA E 273 -56.39 10.16 -40.50
N ALA E 274 -55.43 9.25 -40.38
CA ALA E 274 -54.19 9.50 -39.65
C ALA E 274 -53.05 9.45 -40.66
N ASN E 275 -52.29 10.54 -40.72
CA ASN E 275 -51.19 10.63 -41.65
C ASN E 275 -49.86 11.03 -41.02
N PRO E 276 -49.25 10.12 -40.24
CA PRO E 276 -47.96 10.49 -39.64
C PRO E 276 -47.06 10.36 -40.88
N ASN E 277 -45.75 10.45 -40.71
CA ASN E 277 -44.87 10.32 -41.90
C ASN E 277 -45.10 11.41 -42.95
N GLY E 278 -46.05 12.31 -42.70
CA GLY E 278 -46.36 13.39 -43.64
C GLY E 278 -45.37 14.55 -43.60
N ARG E 279 -45.75 15.70 -44.15
CA ARG E 279 -44.88 16.88 -44.16
C ARG E 279 -44.79 17.52 -42.78
N TYR E 280 -43.57 17.82 -42.33
CA TYR E 280 -43.44 18.43 -41.02
C TYR E 280 -43.59 19.95 -41.05
N TYR E 281 -44.85 20.41 -41.09
CA TYR E 281 -45.16 21.82 -41.08
C TYR E 281 -44.78 22.31 -39.70
N TRP E 282 -44.24 23.52 -39.62
CA TRP E 282 -43.82 24.07 -38.35
C TRP E 282 -44.79 25.15 -37.86
N GLY E 283 -45.48 24.85 -36.76
CA GLY E 283 -46.42 25.82 -36.22
C GLY E 283 -47.75 25.22 -35.81
N GLY E 284 -48.20 24.21 -36.55
CA GLY E 284 -49.46 23.56 -36.23
C GLY E 284 -50.47 23.65 -37.35
N ILE E 285 -50.98 24.86 -37.59
CA ILE E 285 -51.95 25.10 -38.65
C ILE E 285 -51.22 25.30 -39.96
N TYR E 286 -51.86 24.88 -41.05
CA TYR E 286 -51.31 25.04 -42.40
C TYR E 286 -52.49 24.98 -43.36
N THR E 287 -52.64 26.03 -44.17
CA THR E 287 -53.73 26.14 -45.13
C THR E 287 -53.66 25.09 -46.24
N LYS E 288 -54.77 24.94 -46.96
CA LYS E 288 -54.88 24.00 -48.06
C LYS E 288 -54.05 24.46 -49.26
N GLU E 289 -53.70 25.75 -49.25
CA GLU E 289 -52.94 26.35 -50.34
C GLU E 289 -51.42 26.21 -50.20
N GLN E 290 -50.95 25.89 -49.00
CA GLN E 290 -49.52 25.74 -48.76
C GLN E 290 -49.02 24.34 -49.16
N ALA E 291 -49.93 23.37 -49.15
CA ALA E 291 -49.60 21.99 -49.50
C ALA E 291 -49.27 21.86 -50.98
N ASP E 292 -48.25 21.08 -51.30
CA ASP E 292 -47.85 20.90 -52.70
C ASP E 292 -48.99 20.47 -53.64
N TYR E 293 -49.97 19.72 -53.14
CA TYR E 293 -51.07 19.29 -54.01
C TYR E 293 -52.44 19.64 -53.47
N GLY E 294 -52.51 20.69 -52.64
CA GLY E 294 -53.79 21.09 -52.10
C GLY E 294 -54.47 20.04 -51.21
N THR E 295 -53.68 19.06 -50.77
CA THR E 295 -54.21 18.01 -49.90
C THR E 295 -53.76 18.22 -48.45
N ASP E 296 -54.49 17.59 -47.53
CA ASP E 296 -54.15 17.71 -46.12
C ASP E 296 -53.02 16.72 -45.80
N ASP E 297 -51.80 17.10 -46.16
CA ASP E 297 -50.63 16.28 -45.90
C ASP E 297 -49.95 16.76 -44.61
N GLY E 298 -48.87 16.12 -44.20
CA GLY E 298 -48.24 16.54 -42.97
C GLY E 298 -48.80 15.76 -41.80
N VAL E 299 -48.02 15.67 -40.73
CA VAL E 299 -48.38 14.92 -39.53
C VAL E 299 -49.78 15.25 -39.06
N VAL E 300 -50.74 14.55 -39.65
CA VAL E 300 -52.17 14.72 -39.37
C VAL E 300 -52.81 13.55 -38.64
N TRP E 301 -53.59 13.88 -37.61
CA TRP E 301 -54.32 12.87 -36.90
C TRP E 301 -55.72 13.46 -36.77
N MET E 302 -56.44 13.46 -37.90
CA MET E 302 -57.79 14.02 -37.98
C MET E 302 -58.65 13.92 -36.72
N ASN E 303 -58.90 12.69 -36.27
CA ASN E 303 -59.73 12.43 -35.11
C ASN E 303 -59.47 13.30 -33.89
N TRP E 304 -58.34 14.01 -33.88
CA TRP E 304 -58.02 14.85 -32.73
C TRP E 304 -57.77 16.33 -33.02
N LYS E 305 -57.25 16.63 -34.21
CA LYS E 305 -56.95 18.03 -34.55
C LYS E 305 -57.36 18.43 -35.96
N GLY E 306 -58.24 17.65 -36.58
CA GLY E 306 -58.69 17.98 -37.92
C GLY E 306 -57.69 17.68 -39.01
N SER E 307 -58.06 18.01 -40.25
CA SER E 307 -57.19 17.76 -41.39
C SER E 307 -56.11 18.80 -41.62
N TRP E 308 -56.19 19.95 -40.95
CA TRP E 308 -55.20 20.98 -41.19
C TRP E 308 -54.35 21.39 -40.01
N TYR E 309 -53.92 20.38 -39.26
CA TYR E 309 -53.05 20.62 -38.12
C TYR E 309 -51.99 19.52 -38.09
N SER E 310 -50.73 19.92 -38.24
CA SER E 310 -49.61 19.00 -38.23
C SER E 310 -49.01 18.97 -36.82
N MET E 311 -48.93 17.77 -36.24
CA MET E 311 -48.40 17.61 -34.87
C MET E 311 -46.94 18.06 -34.73
N ARG E 312 -46.58 18.52 -33.54
CA ARG E 312 -45.22 18.95 -33.25
C ARG E 312 -44.42 17.69 -32.88
N GLN E 313 -45.13 16.65 -32.45
CA GLN E 313 -44.52 15.40 -32.07
C GLN E 313 -45.48 14.27 -32.46
N MET E 314 -44.89 13.15 -32.86
CA MET E 314 -45.67 11.99 -33.26
C MET E 314 -44.76 10.78 -33.24
N ALA E 315 -45.23 9.71 -32.60
CA ALA E 315 -44.43 8.50 -32.52
C ALA E 315 -45.36 7.30 -32.61
N MET E 316 -44.74 6.14 -32.82
CA MET E 316 -45.47 4.90 -32.93
C MET E 316 -44.60 3.85 -32.24
N LYS E 317 -44.98 3.46 -31.01
CA LYS E 317 -44.20 2.47 -30.27
C LYS E 317 -44.84 1.08 -30.36
N LEU E 318 -44.00 0.06 -30.31
CA LEU E 318 -44.44 -1.33 -30.37
C LEU E 318 -44.03 -2.04 -29.08
N ARG E 319 -44.87 -2.96 -28.66
CA ARG E 319 -44.64 -3.74 -27.44
C ARG E 319 -45.46 -5.02 -27.56
N PRO E 320 -44.95 -6.15 -27.05
CA PRO E 320 -45.70 -7.40 -27.15
C PRO E 320 -46.90 -7.41 -26.21
N LYS E 321 -46.64 -7.20 -24.93
CA LYS E 321 -47.67 -7.16 -23.88
C LYS E 321 -47.06 -6.59 -22.60
N LYS F 5 -58.43 81.75 -72.77
CA LYS F 5 -57.11 81.50 -72.11
C LYS F 5 -57.03 80.07 -71.60
N THR F 6 -58.15 79.56 -71.08
CA THR F 6 -58.21 78.20 -70.56
C THR F 6 -58.12 77.22 -71.73
N VAL F 7 -57.97 77.77 -72.93
CA VAL F 7 -57.85 76.98 -74.13
C VAL F 7 -56.38 76.82 -74.50
N GLN F 8 -55.64 77.92 -74.40
CA GLN F 8 -54.21 77.92 -74.71
C GLN F 8 -53.38 77.25 -73.61
N LYS F 9 -53.98 77.07 -72.44
CA LYS F 9 -53.30 76.43 -71.31
C LYS F 9 -53.41 74.91 -71.39
N ILE F 10 -54.32 74.44 -72.26
CA ILE F 10 -54.52 73.01 -72.45
C ILE F 10 -53.48 72.52 -73.46
N LEU F 11 -52.64 73.45 -73.89
CA LEU F 11 -51.58 73.15 -74.84
C LEU F 11 -50.39 72.53 -74.11
N GLU F 12 -49.75 73.34 -73.27
CA GLU F 12 -48.60 72.88 -72.50
C GLU F 12 -48.98 71.88 -71.41
N GLU F 13 -49.98 72.20 -70.60
CA GLU F 13 -50.42 71.30 -69.54
C GLU F 13 -50.47 69.89 -70.11
N VAL F 14 -51.25 69.72 -71.17
CA VAL F 14 -51.39 68.44 -71.82
C VAL F 14 -50.02 67.94 -72.27
N ARG F 15 -49.30 68.77 -73.02
CA ARG F 15 -47.98 68.41 -73.52
C ARG F 15 -47.12 67.82 -72.39
N ILE F 16 -47.41 68.23 -71.16
CA ILE F 16 -46.68 67.74 -70.01
C ILE F 16 -47.16 66.32 -69.70
N LEU F 17 -48.48 66.15 -69.57
CA LEU F 17 -49.05 64.85 -69.27
C LEU F 17 -48.64 63.82 -70.33
N GLU F 18 -48.02 64.29 -71.40
CA GLU F 18 -47.57 63.39 -72.47
C GLU F 18 -46.08 63.12 -72.32
N GLN F 19 -45.32 64.13 -71.92
CA GLN F 19 -43.88 63.98 -71.74
C GLN F 19 -43.64 63.06 -70.54
N ILE F 20 -44.55 63.10 -69.58
CA ILE F 20 -44.45 62.28 -68.39
C ILE F 20 -44.70 60.82 -68.72
N GLY F 21 -45.82 60.55 -69.38
CA GLY F 21 -46.14 59.19 -69.77
C GLY F 21 -44.94 58.44 -70.32
N VAL F 22 -44.11 59.13 -71.10
CA VAL F 22 -42.90 58.52 -71.67
C VAL F 22 -42.15 57.79 -70.56
N SER F 23 -41.93 58.47 -69.45
CA SER F 23 -41.24 57.86 -68.32
C SER F 23 -42.06 56.66 -67.87
N HIS F 24 -43.36 56.85 -67.67
CA HIS F 24 -44.23 55.77 -67.25
C HIS F 24 -44.11 54.51 -68.10
N ASP F 25 -43.82 54.68 -69.40
CA ASP F 25 -43.66 53.53 -70.29
C ASP F 25 -42.21 53.07 -70.21
N ALA F 26 -41.36 53.93 -69.66
CA ALA F 26 -39.94 53.62 -69.49
C ALA F 26 -39.82 52.95 -68.12
N GLN F 27 -40.89 53.05 -67.34
CA GLN F 27 -40.97 52.48 -66.00
C GLN F 27 -41.77 51.19 -66.05
N ILE F 28 -42.89 51.20 -66.79
CA ILE F 28 -43.71 50.01 -66.90
C ILE F 28 -42.82 48.95 -67.51
N GLN F 29 -41.85 49.41 -68.31
CA GLN F 29 -40.89 48.50 -68.95
C GLN F 29 -39.95 47.93 -67.90
N GLU F 30 -39.58 48.77 -66.94
CA GLU F 30 -38.68 48.37 -65.86
C GLU F 30 -39.35 47.25 -65.04
N LEU F 31 -40.61 47.48 -64.65
CA LEU F 31 -41.36 46.52 -63.87
C LEU F 31 -41.39 45.16 -64.55
N SER F 32 -41.44 45.16 -65.88
CA SER F 32 -41.46 43.91 -66.62
C SER F 32 -40.15 43.15 -66.43
N GLU F 33 -39.04 43.79 -66.83
CA GLU F 33 -37.70 43.19 -66.71
C GLU F 33 -37.50 42.57 -65.32
N MET F 34 -37.62 43.39 -64.29
CA MET F 34 -37.46 42.90 -62.92
C MET F 34 -38.30 41.65 -62.70
N TRP F 35 -39.59 41.76 -63.00
CA TRP F 35 -40.51 40.66 -62.83
C TRP F 35 -39.99 39.38 -63.43
N ARG F 36 -39.21 39.52 -64.50
CA ARG F 36 -38.63 38.36 -65.18
C ARG F 36 -37.40 37.86 -64.42
N VAL F 37 -36.41 38.73 -64.26
CA VAL F 37 -35.20 38.37 -63.54
C VAL F 37 -35.69 37.61 -62.31
N ASN F 38 -36.80 38.09 -61.75
CA ASN F 38 -37.44 37.48 -60.59
C ASN F 38 -37.87 36.08 -60.98
N GLN F 39 -38.83 36.01 -61.90
CA GLN F 39 -39.36 34.74 -62.35
C GLN F 39 -38.20 33.84 -62.78
N GLN F 40 -37.06 34.45 -63.09
CA GLN F 40 -35.91 33.69 -63.52
C GLN F 40 -35.28 33.11 -62.25
N PHE F 41 -35.13 33.95 -61.25
CA PHE F 41 -34.56 33.60 -59.97
C PHE F 41 -35.46 32.55 -59.31
N VAL F 42 -36.75 32.88 -59.15
CA VAL F 42 -37.72 32.00 -58.53
C VAL F 42 -37.54 30.58 -59.05
N THR F 43 -37.19 30.49 -60.32
CA THR F 43 -36.97 29.21 -60.98
C THR F 43 -35.62 28.66 -60.61
N ARG F 44 -34.64 29.55 -60.47
CA ARG F 44 -33.30 29.12 -60.10
C ARG F 44 -33.34 28.51 -58.71
N LEU F 45 -34.29 28.96 -57.89
CA LEU F 45 -34.43 28.44 -56.54
C LEU F 45 -35.10 27.06 -56.56
N GLN F 46 -36.21 26.93 -57.29
CA GLN F 46 -36.92 25.66 -57.40
C GLN F 46 -35.88 24.58 -57.65
N GLN F 47 -34.87 24.95 -58.42
CA GLN F 47 -33.75 24.08 -58.76
C GLN F 47 -32.91 23.82 -57.51
N GLN F 48 -32.53 24.89 -56.81
CA GLN F 48 -31.74 24.79 -55.59
C GLN F 48 -32.54 24.06 -54.52
N LEU F 49 -33.84 23.91 -54.78
CA LEU F 49 -34.76 23.25 -53.87
C LEU F 49 -34.58 21.74 -53.87
N VAL F 50 -34.31 21.17 -55.04
CA VAL F 50 -34.13 19.73 -55.16
C VAL F 50 -32.73 19.29 -54.71
N ASP F 51 -31.70 20.02 -55.13
CA ASP F 51 -30.35 19.65 -54.72
C ASP F 51 -30.30 19.57 -53.20
N ILE F 52 -31.04 20.45 -52.54
CA ILE F 52 -31.06 20.49 -51.09
C ILE F 52 -31.92 19.35 -50.53
N ARG F 53 -33.11 19.17 -51.09
CA ARG F 53 -34.00 18.10 -50.65
C ARG F 53 -33.20 16.80 -50.63
N GLN F 54 -32.30 16.67 -51.59
CA GLN F 54 -31.51 15.46 -51.72
C GLN F 54 -30.27 15.32 -50.84
N THR F 55 -29.38 16.30 -50.92
CA THR F 55 -28.16 16.22 -50.12
C THR F 55 -28.48 16.09 -48.65
N CYS F 56 -29.69 16.46 -48.26
CA CYS F 56 -30.09 16.37 -46.86
C CYS F 56 -30.95 15.15 -46.56
N SER F 57 -30.95 14.17 -47.46
CA SER F 57 -31.73 12.94 -47.28
C SER F 57 -30.92 11.89 -46.52
N ARG F 58 -29.60 11.93 -46.70
CA ARG F 58 -28.66 11.03 -46.04
C ARG F 58 -28.73 11.31 -44.53
N SER F 59 -28.46 10.32 -43.70
CA SER F 59 -28.50 10.51 -42.25
C SER F 59 -27.12 10.39 -41.63
N CYS F 60 -26.98 10.89 -40.41
CA CYS F 60 -25.70 10.88 -39.70
C CYS F 60 -24.99 9.55 -39.65
N GLN F 61 -23.68 9.60 -39.44
CA GLN F 61 -22.84 8.42 -39.33
C GLN F 61 -22.67 8.07 -37.85
N ASP F 62 -22.92 6.82 -37.49
CA ASP F 62 -22.72 6.43 -36.11
C ASP F 62 -21.24 6.05 -36.03
N THR F 63 -20.41 6.96 -35.54
CA THR F 63 -18.97 6.67 -35.46
C THR F 63 -18.61 5.60 -34.42
N THR F 64 -19.51 5.31 -33.50
CA THR F 64 -19.24 4.29 -32.51
C THR F 64 -19.53 2.95 -33.15
N ALA F 65 -20.72 2.83 -33.73
CA ALA F 65 -21.11 1.59 -34.39
C ALA F 65 -20.02 1.28 -35.38
N ASN F 66 -19.63 2.32 -36.09
CA ASN F 66 -18.62 2.27 -37.13
C ASN F 66 -17.29 1.65 -36.69
N LYS F 67 -16.98 1.73 -35.38
CA LYS F 67 -15.71 1.20 -34.87
C LYS F 67 -15.78 -0.11 -34.11
N ILE F 68 -16.86 -0.87 -34.31
CA ILE F 68 -17.01 -2.15 -33.63
C ILE F 68 -16.52 -3.22 -34.59
N SER F 69 -15.39 -3.86 -34.25
CA SER F 69 -14.79 -4.88 -35.12
C SER F 69 -15.61 -6.15 -35.39
N PRO F 70 -15.53 -6.68 -36.61
CA PRO F 70 -16.24 -7.90 -37.03
C PRO F 70 -15.59 -9.15 -36.47
N ILE F 71 -14.34 -9.02 -36.03
CA ILE F 71 -13.60 -10.15 -35.47
C ILE F 71 -14.30 -10.71 -34.22
N THR F 72 -14.16 -12.02 -34.00
CA THR F 72 -14.82 -12.65 -32.84
C THR F 72 -13.95 -13.67 -32.09
N GLY F 73 -14.61 -14.53 -31.33
CA GLY F 73 -13.91 -15.55 -30.56
C GLY F 73 -14.49 -15.81 -29.19
N LYS F 74 -13.99 -16.87 -28.55
CA LYS F 74 -14.40 -17.26 -27.19
C LYS F 74 -14.33 -16.04 -26.27
N ASP F 75 -13.20 -15.35 -26.37
CA ASP F 75 -12.93 -14.17 -25.58
C ASP F 75 -12.05 -13.24 -26.39
N CYS F 76 -11.56 -12.19 -25.73
CA CYS F 76 -10.70 -11.21 -26.37
C CYS F 76 -9.34 -11.76 -26.77
N GLN F 77 -8.92 -12.85 -26.14
CA GLN F 77 -7.64 -13.44 -26.48
C GLN F 77 -7.81 -14.09 -27.85
N GLN F 78 -8.85 -14.92 -27.98
CA GLN F 78 -9.10 -15.55 -29.26
C GLN F 78 -9.23 -14.44 -30.29
N VAL F 79 -9.91 -13.36 -29.91
CA VAL F 79 -10.10 -12.22 -30.81
C VAL F 79 -8.75 -11.71 -31.32
N VAL F 80 -7.73 -11.70 -30.46
CA VAL F 80 -6.42 -11.25 -30.90
C VAL F 80 -5.89 -12.26 -31.90
N ASP F 81 -5.93 -13.53 -31.51
CA ASP F 81 -5.48 -14.63 -32.37
C ASP F 81 -6.11 -14.52 -33.76
N ASN F 82 -7.45 -14.48 -33.77
CA ASN F 82 -8.18 -14.41 -35.01
C ASN F 82 -8.08 -13.08 -35.73
N GLY F 83 -7.14 -12.23 -35.32
CA GLY F 83 -6.98 -10.96 -36.00
C GLY F 83 -6.87 -9.70 -35.15
N GLY F 84 -7.75 -9.56 -34.17
CA GLY F 84 -7.75 -8.39 -33.30
C GLY F 84 -6.38 -7.80 -33.06
N LYS F 85 -6.28 -6.48 -33.14
CA LYS F 85 -5.00 -5.80 -32.93
C LYS F 85 -5.09 -4.57 -32.02
N ASP F 86 -6.12 -3.77 -32.22
CA ASP F 86 -6.31 -2.56 -31.43
C ASP F 86 -7.39 -2.70 -30.37
N SER F 87 -7.17 -2.09 -29.20
CA SER F 87 -8.14 -2.16 -28.11
C SER F 87 -9.46 -1.49 -28.50
N GLY F 88 -10.56 -2.14 -28.16
CA GLY F 88 -11.86 -1.57 -28.49
C GLY F 88 -13.01 -2.54 -28.37
N LEU F 89 -14.10 -2.21 -29.05
CA LEU F 89 -15.30 -3.01 -29.01
C LEU F 89 -15.27 -4.16 -30.01
N TYR F 90 -15.53 -5.35 -29.49
CA TYR F 90 -15.57 -6.57 -30.28
C TYR F 90 -16.74 -7.39 -29.76
N TYR F 91 -17.27 -8.27 -30.61
CA TYR F 91 -18.34 -9.13 -30.17
C TYR F 91 -17.69 -10.49 -29.90
N ILE F 92 -17.69 -10.91 -28.64
CA ILE F 92 -17.15 -12.22 -28.30
C ILE F 92 -18.31 -13.12 -27.98
N LYS F 93 -18.07 -14.42 -27.95
CA LYS F 93 -19.10 -15.39 -27.61
C LYS F 93 -18.54 -16.60 -26.87
N PRO F 94 -18.69 -16.60 -25.53
CA PRO F 94 -18.20 -17.71 -24.70
C PRO F 94 -18.92 -19.02 -25.04
N LEU F 95 -18.48 -20.11 -24.41
CA LEU F 95 -19.00 -21.44 -24.65
C LEU F 95 -20.52 -21.61 -24.64
N LYS F 96 -21.11 -21.64 -23.47
CA LYS F 96 -22.55 -21.82 -23.37
C LYS F 96 -23.27 -20.52 -23.67
N ALA F 97 -22.52 -19.50 -24.06
CA ALA F 97 -23.10 -18.21 -24.37
C ALA F 97 -24.22 -18.45 -25.37
N LYS F 98 -25.44 -18.01 -25.04
CA LYS F 98 -26.57 -18.23 -25.94
C LYS F 98 -26.68 -17.16 -27.04
N GLN F 99 -26.18 -15.98 -26.73
CA GLN F 99 -26.21 -14.88 -27.67
C GLN F 99 -24.87 -14.16 -27.47
N PRO F 100 -24.09 -14.01 -28.54
CA PRO F 100 -22.79 -13.32 -28.37
C PRO F 100 -23.05 -11.90 -27.88
N PHE F 101 -22.06 -11.30 -27.21
CA PHE F 101 -22.25 -9.96 -26.70
C PHE F 101 -21.03 -9.08 -26.87
N LEU F 102 -21.29 -7.77 -26.80
CA LEU F 102 -20.26 -6.75 -26.98
C LEU F 102 -19.37 -6.54 -25.74
N VAL F 103 -18.07 -6.43 -25.95
CA VAL F 103 -17.17 -6.20 -24.83
C VAL F 103 -15.97 -5.36 -25.25
N PHE F 104 -15.28 -4.78 -24.26
CA PHE F 104 -14.10 -3.99 -24.56
C PHE F 104 -12.88 -4.86 -24.39
N CYS F 105 -12.09 -4.96 -25.45
CA CYS F 105 -10.88 -5.78 -25.42
C CYS F 105 -9.67 -4.87 -25.25
N GLU F 106 -8.81 -5.19 -24.31
CA GLU F 106 -7.63 -4.37 -24.12
C GLU F 106 -6.46 -5.14 -24.72
N ILE F 107 -6.15 -4.85 -25.97
CA ILE F 107 -5.07 -5.56 -26.66
C ILE F 107 -3.72 -4.87 -26.49
N GLU F 108 -2.77 -5.59 -25.91
CA GLU F 108 -1.42 -5.08 -25.71
C GLU F 108 -0.46 -6.26 -25.66
N ASN F 109 0.68 -6.13 -26.34
CA ASN F 109 1.68 -7.19 -26.40
C ASN F 109 1.07 -8.54 -26.70
N GLY F 110 0.21 -8.59 -27.73
CA GLY F 110 -0.41 -9.84 -28.13
C GLY F 110 -1.37 -10.43 -27.12
N ASN F 111 -1.65 -9.67 -26.08
CA ASN F 111 -2.56 -10.10 -25.03
C ASN F 111 -3.95 -9.51 -25.27
N GLY F 112 -4.96 -10.36 -25.22
CA GLY F 112 -6.32 -9.88 -25.43
C GLY F 112 -7.12 -9.90 -24.14
N TRP F 113 -6.94 -8.88 -23.32
CA TRP F 113 -7.69 -8.82 -22.06
C TRP F 113 -9.15 -8.46 -22.33
N THR F 114 -10.07 -9.32 -21.87
CA THR F 114 -11.49 -9.05 -22.05
C THR F 114 -11.94 -8.39 -20.74
N VAL F 115 -12.35 -7.13 -20.85
CA VAL F 115 -12.74 -6.33 -19.70
C VAL F 115 -14.10 -6.64 -19.10
N ILE F 116 -14.11 -6.69 -17.76
CA ILE F 116 -15.29 -7.02 -16.98
C ILE F 116 -15.97 -5.84 -16.29
N GLN F 117 -15.17 -4.97 -15.69
CA GLN F 117 -15.69 -3.80 -14.97
C GLN F 117 -14.73 -2.62 -15.09
N HIS F 118 -15.28 -1.41 -14.96
CA HIS F 118 -14.46 -0.22 -15.03
C HIS F 118 -15.13 1.04 -14.54
N ARG F 119 -14.54 1.64 -13.51
CA ARG F 119 -15.02 2.89 -12.91
C ARG F 119 -14.08 3.94 -13.46
N HIS F 120 -14.59 5.13 -13.77
CA HIS F 120 -13.74 6.12 -14.40
C HIS F 120 -14.00 7.56 -13.98
N ASP F 121 -15.27 7.90 -13.79
CA ASP F 121 -15.64 9.27 -13.46
C ASP F 121 -16.80 9.38 -12.47
N GLY F 122 -17.66 8.38 -12.43
CA GLY F 122 -18.79 8.46 -11.52
C GLY F 122 -20.07 8.83 -12.22
N SER F 123 -20.13 8.60 -13.53
CA SER F 123 -21.32 8.92 -14.28
C SER F 123 -22.41 7.86 -14.21
N VAL F 124 -22.07 6.67 -13.72
CA VAL F 124 -23.06 5.61 -13.62
C VAL F 124 -23.33 5.10 -12.21
N ASN F 125 -24.57 5.24 -11.76
CA ASN F 125 -24.98 4.74 -10.43
C ASN F 125 -24.77 3.20 -10.40
N PHE F 126 -24.06 2.72 -9.39
CA PHE F 126 -23.81 1.28 -9.30
C PHE F 126 -24.72 0.61 -8.28
N THR F 127 -25.66 1.39 -7.74
CA THR F 127 -26.62 0.85 -6.82
C THR F 127 -27.67 0.26 -7.75
N ARG F 128 -27.55 -1.04 -8.03
CA ARG F 128 -28.46 -1.76 -8.90
C ARG F 128 -28.91 -3.12 -8.34
N ASP F 129 -29.97 -3.67 -8.95
CA ASP F 129 -30.56 -4.93 -8.54
C ASP F 129 -29.90 -6.18 -9.12
N TRP F 130 -30.38 -7.34 -8.68
CA TRP F 130 -29.87 -8.62 -9.11
C TRP F 130 -29.93 -8.85 -10.61
N VAL F 131 -31.01 -8.43 -11.28
CA VAL F 131 -31.06 -8.66 -12.71
C VAL F 131 -30.05 -7.72 -13.37
N SER F 132 -30.10 -6.46 -12.98
CA SER F 132 -29.19 -5.47 -13.53
C SER F 132 -27.72 -5.90 -13.44
N TYR F 133 -27.35 -6.52 -12.34
CA TYR F 133 -26.00 -6.97 -12.16
C TYR F 133 -25.74 -8.26 -12.92
N ARG F 134 -26.79 -8.96 -13.33
CA ARG F 134 -26.57 -10.20 -14.03
C ARG F 134 -26.70 -10.00 -15.52
N GLU F 135 -27.55 -9.06 -15.95
CA GLU F 135 -27.69 -8.79 -17.37
C GLU F 135 -26.63 -7.78 -17.74
N GLY F 136 -26.23 -6.97 -16.77
CA GLY F 136 -25.21 -5.98 -17.03
C GLY F 136 -25.76 -4.58 -17.23
N PHE F 137 -24.96 -3.58 -16.86
CA PHE F 137 -25.35 -2.19 -17.01
C PHE F 137 -24.10 -1.36 -17.22
N GLY F 138 -24.30 -0.05 -17.39
CA GLY F 138 -23.16 0.82 -17.64
C GLY F 138 -23.05 1.04 -19.15
N TYR F 139 -21.96 1.67 -19.57
CA TYR F 139 -21.79 1.96 -20.99
C TYR F 139 -20.46 1.50 -21.58
N LEU F 140 -20.48 1.28 -22.90
CA LEU F 140 -19.31 0.85 -23.66
C LEU F 140 -18.96 1.88 -24.75
N ALA F 141 -17.66 2.08 -24.94
CA ALA F 141 -17.16 3.03 -25.93
C ALA F 141 -15.85 2.53 -26.54
N PRO F 142 -15.48 3.11 -27.70
CA PRO F 142 -14.26 2.77 -28.45
C PRO F 142 -12.99 2.93 -27.60
N THR F 143 -13.12 3.68 -26.51
CA THR F 143 -12.00 3.90 -25.60
C THR F 143 -12.45 3.52 -24.20
N LEU F 144 -11.58 2.92 -23.41
CA LEU F 144 -11.95 2.51 -22.05
C LEU F 144 -12.10 3.69 -21.12
N THR F 145 -13.05 4.57 -21.43
CA THR F 145 -13.28 5.76 -20.61
C THR F 145 -14.73 5.81 -20.14
N THR F 146 -15.42 4.70 -20.22
CA THR F 146 -16.81 4.65 -19.82
C THR F 146 -16.96 3.73 -18.61
N GLU F 147 -18.11 3.77 -17.93
CA GLU F 147 -18.32 2.90 -16.76
C GLU F 147 -19.33 1.80 -17.00
N PHE F 148 -19.01 0.59 -16.59
CA PHE F 148 -19.94 -0.51 -16.78
C PHE F 148 -19.61 -1.69 -15.90
N TRP F 149 -20.51 -2.67 -15.96
CA TRP F 149 -20.38 -3.93 -15.28
C TRP F 149 -20.92 -4.84 -16.37
N LEU F 150 -20.03 -5.65 -16.92
CA LEU F 150 -20.38 -6.56 -18.01
C LEU F 150 -21.64 -7.41 -17.81
N GLY F 151 -21.79 -7.94 -16.60
CA GLY F 151 -22.93 -8.78 -16.30
C GLY F 151 -22.43 -10.07 -15.70
N ASN F 152 -23.03 -10.48 -14.59
CA ASN F 152 -22.62 -11.69 -13.93
C ASN F 152 -22.75 -12.98 -14.76
N GLU F 153 -23.82 -13.10 -15.55
CA GLU F 153 -23.96 -14.32 -16.33
C GLU F 153 -22.82 -14.40 -17.34
N LYS F 154 -22.51 -13.27 -17.97
CA LYS F 154 -21.43 -13.21 -18.96
C LYS F 154 -20.07 -13.55 -18.30
N ILE F 155 -19.89 -13.09 -17.06
CA ILE F 155 -18.66 -13.37 -16.35
C ILE F 155 -18.63 -14.84 -15.92
N HIS F 156 -19.79 -15.40 -15.61
CA HIS F 156 -19.86 -16.79 -15.21
C HIS F 156 -19.41 -17.65 -16.38
N LEU F 157 -20.19 -17.57 -17.47
CA LEU F 157 -19.93 -18.33 -18.70
C LEU F 157 -18.51 -18.14 -19.25
N LEU F 158 -17.98 -16.94 -19.04
CA LEU F 158 -16.65 -16.62 -19.52
C LEU F 158 -15.58 -17.33 -18.70
N THR F 159 -15.56 -17.06 -17.40
CA THR F 159 -14.60 -17.70 -16.51
C THR F 159 -14.89 -19.19 -16.41
N GLY F 160 -15.88 -19.64 -17.17
CA GLY F 160 -16.23 -21.04 -17.15
C GLY F 160 -15.55 -21.78 -18.29
N GLN F 161 -15.46 -21.15 -19.45
CA GLN F 161 -14.82 -21.74 -20.63
C GLN F 161 -13.51 -22.38 -20.22
N GLN F 162 -12.55 -21.55 -19.85
CA GLN F 162 -11.25 -22.03 -19.44
C GLN F 162 -10.83 -21.22 -18.21
N ALA F 163 -9.61 -21.43 -17.75
CA ALA F 163 -9.10 -20.72 -16.59
C ALA F 163 -8.63 -19.32 -17.02
N TYR F 164 -8.99 -18.31 -16.23
CA TYR F 164 -8.59 -16.94 -16.53
C TYR F 164 -7.87 -16.30 -15.35
N ARG F 165 -7.00 -15.37 -15.67
CA ARG F 165 -6.26 -14.62 -14.68
C ARG F 165 -7.10 -13.35 -14.54
N LEU F 166 -7.27 -12.88 -13.31
CA LEU F 166 -8.01 -11.65 -13.10
C LEU F 166 -7.03 -10.57 -12.68
N ARG F 167 -6.97 -9.50 -13.46
CA ARG F 167 -6.12 -8.40 -13.07
C ARG F 167 -7.05 -7.26 -12.71
N ILE F 168 -6.75 -6.60 -11.60
CA ILE F 168 -7.53 -5.47 -11.16
C ILE F 168 -6.61 -4.26 -11.21
N ASP F 169 -6.97 -3.28 -12.03
CA ASP F 169 -6.18 -2.06 -12.14
C ASP F 169 -6.77 -0.99 -11.23
N LEU F 170 -5.95 -0.44 -10.34
CA LEU F 170 -6.41 0.62 -9.45
C LEU F 170 -5.61 1.91 -9.63
N THR F 171 -6.32 3.03 -9.74
CA THR F 171 -5.66 4.32 -9.88
C THR F 171 -6.22 5.28 -8.83
N ASP F 172 -5.34 5.92 -8.05
CA ASP F 172 -5.81 6.87 -7.04
C ASP F 172 -5.87 8.29 -7.61
N TRP F 173 -6.23 9.26 -6.78
CA TRP F 173 -6.37 10.62 -7.27
C TRP F 173 -5.11 11.40 -7.60
N GLU F 174 -3.96 10.74 -7.54
CA GLU F 174 -2.72 11.39 -7.90
C GLU F 174 -2.27 10.63 -9.12
N ASN F 175 -3.24 10.00 -9.76
CA ASN F 175 -3.01 9.19 -10.95
C ASN F 175 -1.88 8.17 -10.79
N THR F 176 -1.85 7.53 -9.62
CA THR F 176 -0.88 6.50 -9.31
C THR F 176 -1.59 5.18 -9.62
N HIS F 177 -0.90 4.24 -10.26
CA HIS F 177 -1.50 2.97 -10.62
C HIS F 177 -0.91 1.78 -9.86
N ARG F 178 -1.77 0.80 -9.58
CA ARG F 178 -1.36 -0.43 -8.92
C ARG F 178 -2.31 -1.53 -9.30
N TYR F 179 -1.82 -2.75 -9.37
CA TYR F 179 -2.67 -3.86 -9.76
C TYR F 179 -2.70 -4.97 -8.71
N ALA F 180 -3.40 -6.05 -9.05
CA ALA F 180 -3.54 -7.22 -8.19
C ALA F 180 -3.99 -8.33 -9.10
N ASP F 181 -3.31 -9.46 -9.06
CA ASP F 181 -3.65 -10.59 -9.91
C ASP F 181 -4.11 -11.84 -9.14
N TYR F 182 -5.28 -12.36 -9.52
CA TYR F 182 -5.84 -13.54 -8.90
C TYR F 182 -6.01 -14.59 -9.98
N GLY F 183 -5.40 -15.76 -9.80
CA GLY F 183 -5.51 -16.80 -10.81
C GLY F 183 -6.72 -17.71 -10.68
N HIS F 184 -7.23 -18.16 -11.82
CA HIS F 184 -8.37 -19.07 -11.84
C HIS F 184 -9.62 -18.41 -11.26
N PHE F 185 -9.67 -17.09 -11.38
CA PHE F 185 -10.81 -16.34 -10.91
C PHE F 185 -12.01 -16.82 -11.69
N LYS F 186 -13.14 -17.03 -11.02
CA LYS F 186 -14.32 -17.47 -11.73
C LYS F 186 -15.53 -17.29 -10.85
N LEU F 187 -16.69 -17.25 -11.48
CA LEU F 187 -17.94 -17.14 -10.76
C LEU F 187 -18.74 -18.42 -10.98
N THR F 188 -19.33 -18.92 -9.92
CA THR F 188 -20.15 -20.12 -10.01
C THR F 188 -21.47 -19.68 -10.64
N PRO F 189 -22.31 -20.62 -11.09
CA PRO F 189 -23.59 -20.22 -11.71
C PRO F 189 -24.53 -19.45 -10.78
N GLU F 190 -25.57 -18.85 -11.34
CA GLU F 190 -26.52 -18.08 -10.55
C GLU F 190 -27.20 -18.92 -9.44
N SER F 191 -27.25 -20.24 -9.66
CA SER F 191 -27.84 -21.20 -8.73
C SER F 191 -27.13 -21.13 -7.38
N ASP F 192 -25.82 -20.96 -7.45
CA ASP F 192 -24.97 -20.86 -6.28
C ASP F 192 -24.84 -19.38 -5.98
N GLU F 193 -25.76 -18.60 -6.57
CA GLU F 193 -25.74 -17.15 -6.48
C GLU F 193 -24.66 -16.78 -7.51
N TYR F 194 -23.55 -16.19 -7.07
CA TYR F 194 -22.47 -15.92 -8.01
C TYR F 194 -21.23 -15.87 -7.14
N ARG F 195 -20.94 -17.01 -6.52
CA ARG F 195 -19.82 -17.10 -5.63
C ARG F 195 -18.51 -16.75 -6.30
N LEU F 196 -17.73 -15.95 -5.58
CA LEU F 196 -16.44 -15.50 -6.04
C LEU F 196 -15.45 -16.62 -5.69
N PHE F 197 -14.72 -17.09 -6.69
CA PHE F 197 -13.75 -18.12 -6.49
C PHE F 197 -12.48 -17.86 -7.28
N TYR F 198 -11.33 -18.02 -6.62
CA TYR F 198 -10.05 -17.86 -7.29
C TYR F 198 -9.12 -18.84 -6.63
N SER F 199 -8.08 -19.29 -7.32
CA SER F 199 -7.16 -20.24 -6.71
C SER F 199 -6.37 -19.51 -5.66
N MET F 200 -5.84 -18.34 -6.02
CA MET F 200 -5.06 -17.56 -5.08
C MET F 200 -4.59 -16.27 -5.70
N TYR F 201 -3.94 -15.46 -4.87
CA TYR F 201 -3.39 -14.17 -5.27
C TYR F 201 -2.00 -14.42 -5.82
N LEU F 202 -1.84 -14.19 -7.11
CA LEU F 202 -0.57 -14.41 -7.76
C LEU F 202 0.48 -13.39 -7.33
N ASP F 203 0.20 -12.13 -7.62
CA ASP F 203 1.13 -11.07 -7.31
C ASP F 203 0.44 -9.71 -7.52
N GLY F 204 1.14 -8.63 -7.23
CA GLY F 204 0.55 -7.32 -7.43
C GLY F 204 1.09 -6.34 -6.41
N ASP F 205 1.11 -5.06 -6.75
CA ASP F 205 1.63 -4.06 -5.82
C ASP F 205 0.54 -3.31 -5.09
N ALA F 206 -0.72 -3.69 -5.30
CA ALA F 206 -1.84 -3.00 -4.64
C ALA F 206 -2.15 -3.61 -3.27
N GLY F 207 -2.03 -4.93 -3.17
CA GLY F 207 -2.33 -5.59 -1.92
C GLY F 207 -3.37 -6.63 -2.20
N ASN F 208 -3.51 -7.59 -1.28
CA ASN F 208 -4.45 -8.71 -1.42
C ASN F 208 -5.77 -8.44 -0.70
N ALA F 209 -6.52 -7.47 -1.17
CA ALA F 209 -7.78 -7.15 -0.53
C ALA F 209 -8.80 -8.30 -0.51
N PHE F 210 -8.79 -9.18 -1.51
CA PHE F 210 -9.75 -10.28 -1.54
C PHE F 210 -9.56 -11.25 -0.35
N ASP F 211 -8.40 -11.19 0.28
CA ASP F 211 -8.12 -12.05 1.42
C ASP F 211 -8.33 -11.35 2.75
N GLY F 212 -9.28 -10.40 2.79
CA GLY F 212 -9.57 -9.71 4.02
C GLY F 212 -8.49 -8.76 4.52
N PHE F 213 -8.84 -7.91 5.47
CA PHE F 213 -7.90 -6.94 5.98
C PHE F 213 -8.00 -6.65 7.49
N ASP F 214 -6.84 -6.52 8.14
CA ASP F 214 -6.80 -6.24 9.56
C ASP F 214 -7.12 -4.76 9.78
N PHE F 215 -8.36 -4.35 9.50
CA PHE F 215 -8.74 -2.94 9.69
C PHE F 215 -8.37 -2.40 11.07
N GLY F 216 -8.33 -3.27 12.08
CA GLY F 216 -7.98 -2.83 13.43
C GLY F 216 -9.15 -2.55 14.37
N ASP F 217 -10.37 -2.63 13.86
CA ASP F 217 -11.55 -2.39 14.68
C ASP F 217 -11.81 -3.59 15.60
N ASP F 218 -11.57 -4.78 15.10
CA ASP F 218 -11.75 -5.99 15.89
C ASP F 218 -10.90 -7.12 15.34
N PRO F 219 -10.28 -7.90 16.23
CA PRO F 219 -9.43 -9.02 15.81
C PRO F 219 -10.02 -9.86 14.69
N GLN F 220 -11.34 -9.85 14.54
CA GLN F 220 -11.97 -10.69 13.51
C GLN F 220 -12.20 -10.03 12.13
N ASP F 221 -11.82 -8.77 12.01
CA ASP F 221 -11.97 -8.02 10.77
C ASP F 221 -11.50 -8.73 9.50
N LYS F 222 -10.26 -9.21 9.48
CA LYS F 222 -9.76 -9.87 8.27
C LYS F 222 -10.63 -11.04 7.83
N PHE F 223 -11.03 -11.86 8.80
CA PHE F 223 -11.89 -13.00 8.52
C PHE F 223 -13.25 -12.53 7.98
N TYR F 224 -13.77 -11.43 8.54
CA TYR F 224 -15.06 -10.91 8.12
C TYR F 224 -15.07 -9.99 6.91
N THR F 225 -13.90 -9.73 6.33
CA THR F 225 -13.84 -8.88 5.16
C THR F 225 -13.20 -9.61 4.01
N THR F 226 -12.93 -10.90 4.17
CA THR F 226 -12.33 -11.68 3.09
C THR F 226 -13.45 -12.01 2.11
N HIS F 227 -13.18 -11.90 0.81
CA HIS F 227 -14.20 -12.18 -0.18
C HIS F 227 -14.15 -13.55 -0.84
N LEU F 228 -13.04 -14.26 -0.68
CA LEU F 228 -12.91 -15.58 -1.28
C LEU F 228 -14.08 -16.48 -0.86
N GLY F 229 -14.70 -17.13 -1.83
CA GLY F 229 -15.81 -17.99 -1.52
C GLY F 229 -17.14 -17.28 -1.22
N MET F 230 -17.13 -15.96 -1.14
CA MET F 230 -18.35 -15.20 -0.84
C MET F 230 -19.39 -15.22 -1.97
N LEU F 231 -20.66 -15.06 -1.60
CA LEU F 231 -21.76 -15.06 -2.56
C LEU F 231 -22.03 -13.64 -2.96
N PHE F 232 -22.57 -13.44 -4.16
CA PHE F 232 -22.86 -12.09 -4.64
C PHE F 232 -24.10 -11.55 -3.93
N SER F 233 -24.19 -10.24 -3.81
CA SER F 233 -25.36 -9.63 -3.18
C SER F 233 -25.65 -8.24 -3.69
N THR F 234 -26.92 -7.94 -3.88
CA THR F 234 -27.35 -6.65 -4.35
C THR F 234 -28.14 -6.00 -3.23
N PRO F 235 -28.51 -4.72 -3.39
CA PRO F 235 -29.26 -4.02 -2.35
C PRO F 235 -30.62 -4.61 -1.99
N GLU F 236 -31.14 -5.50 -2.83
CA GLU F 236 -32.44 -6.10 -2.51
C GLU F 236 -32.35 -7.60 -2.34
N ARG F 237 -31.13 -8.12 -2.42
CA ARG F 237 -30.89 -9.55 -2.28
C ARG F 237 -29.66 -9.80 -1.42
N ASP F 238 -29.91 -10.02 -0.12
CA ASP F 238 -28.88 -10.26 0.88
C ASP F 238 -28.35 -11.68 0.91
N ASN F 239 -27.04 -11.84 0.78
CA ASN F 239 -26.38 -13.15 0.81
C ASN F 239 -25.08 -13.06 1.59
N ASP F 240 -24.95 -12.03 2.42
CA ASP F 240 -23.75 -11.83 3.21
C ASP F 240 -23.68 -12.66 4.49
N LYS F 241 -22.76 -12.27 5.37
CA LYS F 241 -22.55 -12.95 6.64
C LYS F 241 -22.85 -11.96 7.75
N TYR F 242 -23.58 -10.91 7.39
CA TYR F 242 -23.96 -9.84 8.31
C TYR F 242 -25.40 -10.00 8.76
N GLU F 243 -25.70 -9.60 10.00
CA GLU F 243 -27.06 -9.69 10.50
C GLU F 243 -27.89 -8.66 9.73
N GLY F 244 -27.19 -7.66 9.20
CA GLY F 244 -27.84 -6.63 8.39
C GLY F 244 -27.54 -6.90 6.94
N SER F 245 -27.64 -5.86 6.10
CA SER F 245 -27.36 -6.01 4.67
C SER F 245 -26.26 -5.07 4.16
N CYS F 246 -25.05 -5.61 3.99
CA CYS F 246 -23.90 -4.83 3.51
C CYS F 246 -24.23 -4.15 2.17
N ALA F 247 -24.70 -4.93 1.20
CA ALA F 247 -25.04 -4.37 -0.11
C ALA F 247 -26.04 -3.22 -0.04
N GLU F 248 -27.11 -3.36 0.73
CA GLU F 248 -28.08 -2.27 0.77
C GLU F 248 -27.50 -1.07 1.50
N GLN F 249 -26.81 -1.33 2.60
CA GLN F 249 -26.18 -0.25 3.36
C GLN F 249 -25.16 0.50 2.49
N ASP F 250 -24.44 -0.23 1.66
CA ASP F 250 -23.44 0.39 0.82
C ASP F 250 -23.87 0.64 -0.61
N GLY F 251 -25.15 0.39 -0.90
CA GLY F 251 -25.69 0.62 -2.24
C GLY F 251 -24.84 0.09 -3.38
N SER F 252 -24.60 -1.22 -3.38
CA SER F 252 -23.78 -1.82 -4.43
C SER F 252 -24.10 -3.28 -4.69
N GLY F 253 -23.37 -3.84 -5.65
CA GLY F 253 -23.51 -5.24 -6.01
C GLY F 253 -22.09 -5.79 -5.90
N TRP F 254 -21.79 -6.46 -4.80
CA TRP F 254 -20.44 -6.98 -4.60
C TRP F 254 -20.50 -8.30 -3.81
N TRP F 255 -19.34 -8.95 -3.66
CA TRP F 255 -19.25 -10.21 -2.92
C TRP F 255 -19.02 -9.97 -1.44
N MET F 256 -20.02 -9.35 -0.81
CA MET F 256 -19.97 -8.99 0.60
C MET F 256 -19.89 -10.17 1.57
N ASN F 257 -19.03 -10.04 2.57
CA ASN F 257 -18.84 -11.05 3.62
C ASN F 257 -19.44 -10.32 4.81
N ARG F 258 -18.66 -10.04 5.84
CA ARG F 258 -19.26 -9.26 6.94
C ARG F 258 -18.85 -7.91 6.44
N CYS F 259 -19.28 -7.72 5.19
CA CYS F 259 -19.10 -6.55 4.35
C CYS F 259 -17.89 -6.63 3.44
N HIS F 260 -16.91 -5.73 3.56
CA HIS F 260 -15.82 -5.78 2.58
C HIS F 260 -14.45 -5.18 2.89
N ALA F 261 -13.46 -5.62 2.12
CA ALA F 261 -12.09 -5.14 2.26
C ALA F 261 -11.78 -4.47 0.92
N GLY F 262 -12.38 -5.00 -0.13
CA GLY F 262 -12.20 -4.47 -1.47
C GLY F 262 -13.60 -4.18 -1.99
N HIS F 263 -13.87 -2.93 -2.38
CA HIS F 263 -15.21 -2.59 -2.84
C HIS F 263 -15.22 -1.77 -4.16
N LEU F 264 -14.82 -2.41 -5.25
CA LEU F 264 -14.74 -1.75 -6.54
C LEU F 264 -16.03 -1.23 -7.15
N ASN F 265 -17.19 -1.65 -6.62
CA ASN F 265 -18.46 -1.16 -7.14
C ASN F 265 -19.10 -0.17 -6.17
N GLY F 266 -18.29 0.38 -5.27
CA GLY F 266 -18.80 1.35 -4.30
C GLY F 266 -19.21 2.67 -4.93
N LYS F 267 -19.66 3.62 -4.10
CA LYS F 267 -20.06 4.92 -4.61
C LYS F 267 -18.81 5.75 -4.98
N TYR F 268 -18.93 6.50 -6.08
CA TYR F 268 -17.84 7.33 -6.55
C TYR F 268 -17.78 8.62 -5.75
N TYR F 269 -16.59 8.95 -5.27
CA TYR F 269 -16.34 10.17 -4.51
C TYR F 269 -15.16 10.86 -5.17
N PHE F 270 -15.33 12.11 -5.59
CA PHE F 270 -14.21 12.80 -6.22
C PHE F 270 -13.18 13.23 -5.16
N GLY F 271 -11.90 13.01 -5.46
CA GLY F 271 -10.86 13.40 -4.53
C GLY F 271 -10.26 12.33 -3.64
N GLY F 272 -10.91 11.17 -3.57
CA GLY F 272 -10.38 10.11 -2.73
C GLY F 272 -10.93 10.12 -1.32
N ASN F 273 -10.51 11.11 -0.52
CA ASN F 273 -10.98 11.22 0.86
C ASN F 273 -12.45 11.61 0.94
N TYR F 274 -13.24 10.85 1.69
CA TYR F 274 -14.66 11.15 1.85
C TYR F 274 -15.14 10.82 3.26
N ARG F 275 -16.18 11.52 3.70
CA ARG F 275 -16.75 11.33 5.02
C ARG F 275 -18.12 10.69 4.93
N LYS F 276 -18.60 10.17 6.05
CA LYS F 276 -19.90 9.54 6.11
C LYS F 276 -20.98 10.61 6.06
N THR F 277 -21.13 11.33 7.17
CA THR F 277 -22.12 12.40 7.33
C THR F 277 -22.97 12.65 6.10
N ASP F 278 -24.23 12.26 6.19
CA ASP F 278 -25.18 12.43 5.09
C ASP F 278 -26.45 11.70 5.55
N VAL F 279 -26.68 10.53 4.98
CA VAL F 279 -27.83 9.71 5.35
C VAL F 279 -27.41 9.00 6.63
N GLU F 280 -27.99 7.85 6.90
CA GLU F 280 -27.65 7.10 8.11
C GLU F 280 -27.14 5.70 7.85
N PHE F 281 -25.89 5.62 7.44
CA PHE F 281 -25.20 4.37 7.17
C PHE F 281 -23.72 4.71 7.25
N PRO F 282 -23.28 5.15 8.45
CA PRO F 282 -21.92 5.55 8.81
C PRO F 282 -20.86 4.54 8.46
N TYR F 283 -21.02 3.90 7.31
CA TYR F 283 -20.07 2.90 6.88
C TYR F 283 -19.51 3.24 5.52
N ASP F 284 -18.27 2.82 5.31
CA ASP F 284 -17.56 3.07 4.07
C ASP F 284 -18.22 2.40 2.86
N ASP F 285 -18.73 3.22 1.95
CA ASP F 285 -19.40 2.72 0.76
C ASP F 285 -18.69 3.18 -0.49
N GLY F 286 -17.42 3.57 -0.34
CA GLY F 286 -16.68 4.02 -1.48
C GLY F 286 -16.01 2.91 -2.28
N ILE F 287 -15.20 3.32 -3.25
CA ILE F 287 -14.47 2.40 -4.09
C ILE F 287 -13.14 2.16 -3.39
N ILE F 288 -13.09 1.21 -2.47
CA ILE F 288 -11.83 0.98 -1.75
C ILE F 288 -11.09 -0.31 -2.06
N TRP F 289 -9.85 -0.35 -1.60
CA TRP F 289 -8.95 -1.47 -1.72
C TRP F 289 -7.96 -1.30 -0.55
N ALA F 290 -8.49 -1.56 0.64
CA ALA F 290 -7.79 -1.45 1.92
C ALA F 290 -6.32 -1.83 2.01
N THR F 291 -5.87 -2.78 1.20
CA THR F 291 -4.46 -3.16 1.27
C THR F 291 -3.58 -2.02 0.73
N TRP F 292 -4.19 -0.99 0.16
CA TRP F 292 -3.45 0.16 -0.36
C TRP F 292 -3.86 1.37 0.46
N HIS F 293 -4.99 1.98 0.08
CA HIS F 293 -5.54 3.14 0.81
C HIS F 293 -6.57 2.57 1.79
N ASP F 294 -7.02 3.36 2.76
CA ASP F 294 -7.99 2.85 3.70
C ASP F 294 -9.45 3.26 3.43
N ARG F 295 -10.35 2.49 4.02
CA ARG F 295 -11.80 2.65 3.86
C ARG F 295 -12.37 4.02 3.51
N TRP F 296 -11.75 5.11 3.96
CA TRP F 296 -12.33 6.39 3.60
C TRP F 296 -11.63 7.15 2.48
N TYR F 297 -11.07 6.37 1.57
CA TYR F 297 -10.39 6.87 0.40
C TYR F 297 -10.92 6.06 -0.76
N SER F 298 -11.71 6.69 -1.62
CA SER F 298 -12.28 6.01 -2.78
C SER F 298 -11.33 6.21 -3.95
N LEU F 299 -11.01 5.12 -4.67
CA LEU F 299 -10.12 5.19 -5.81
C LEU F 299 -10.71 6.02 -6.94
N LYS F 300 -9.84 6.58 -7.77
CA LYS F 300 -10.25 7.43 -8.88
C LYS F 300 -10.72 6.67 -10.10
N MET F 301 -9.97 5.64 -10.48
CA MET F 301 -10.29 4.85 -11.63
C MET F 301 -10.09 3.39 -11.23
N THR F 302 -10.87 2.49 -11.83
CA THR F 302 -10.80 1.08 -11.48
C THR F 302 -11.12 0.20 -12.67
N THR F 303 -10.48 -0.96 -12.76
CA THR F 303 -10.78 -1.88 -13.84
C THR F 303 -10.45 -3.33 -13.51
N MET F 304 -11.39 -4.21 -13.85
CA MET F 304 -11.28 -5.64 -13.64
C MET F 304 -11.27 -6.28 -15.01
N LYS F 305 -10.14 -6.88 -15.38
CA LYS F 305 -10.04 -7.52 -16.70
C LYS F 305 -9.62 -9.00 -16.62
N LEU F 306 -10.05 -9.77 -17.62
CA LEU F 306 -9.74 -11.22 -17.69
C LEU F 306 -8.78 -11.59 -18.81
N LEU F 307 -7.83 -12.46 -18.51
CA LEU F 307 -6.86 -12.96 -19.50
C LEU F 307 -6.66 -14.45 -19.26
N PRO F 308 -6.65 -15.26 -20.34
CA PRO F 308 -6.45 -16.70 -20.15
C PRO F 308 -5.34 -17.03 -19.17
N MET F 309 -5.66 -17.91 -18.24
CA MET F 309 -4.73 -18.36 -17.22
C MET F 309 -3.56 -19.08 -17.84
N GLY F 310 -3.56 -19.19 -19.16
CA GLY F 310 -2.48 -19.86 -19.85
C GLY F 310 -1.77 -18.94 -20.81
N ARG F 311 -1.17 -17.87 -20.31
CA ARG F 311 -0.44 -16.93 -21.16
C ARG F 311 0.99 -16.79 -20.68
N ASP F 312 1.53 -15.59 -20.80
CA ASP F 312 2.89 -15.33 -20.39
C ASP F 312 3.00 -14.06 -19.55
N LEU F 313 2.57 -12.95 -20.13
CA LEU F 313 2.64 -11.68 -19.44
C LEU F 313 4.02 -11.50 -18.81
N SER F 314 4.05 -11.00 -17.58
CA SER F 314 5.30 -10.78 -16.85
C SER F 314 6.24 -9.84 -17.61
N GLY F 315 5.98 -8.55 -17.45
CA GLY F 315 6.80 -7.54 -18.12
C GLY F 315 6.34 -6.14 -17.76
N HIS F 316 5.77 -6.00 -16.57
CA HIS F 316 5.27 -4.72 -16.09
C HIS F 316 6.33 -3.88 -15.37
N GLY F 317 7.53 -4.44 -15.25
CA GLY F 317 8.62 -3.73 -14.59
C GLY F 317 8.21 -3.14 -13.25
N GLY F 318 7.79 -1.88 -13.27
CA GLY F 318 7.36 -1.23 -12.04
C GLY F 318 8.42 -0.44 -11.30
N GLN F 319 8.31 -0.46 -9.98
CA GLN F 319 9.23 0.24 -9.09
C GLN F 319 9.06 1.75 -9.24
N GLN F 320 10.15 2.48 -9.50
CA GLN F 320 10.06 3.93 -9.65
C GLN F 320 9.27 4.26 -10.92
N GLN F 321 9.08 5.55 -11.19
CA GLN F 321 8.32 5.96 -12.37
C GLN F 321 8.79 5.30 -13.67
N SER F 322 9.35 6.09 -14.58
CA SER F 322 9.81 5.60 -15.87
C SER F 322 8.60 5.11 -16.68
N LYS F 323 7.56 4.71 -15.95
CA LYS F 323 6.30 4.22 -16.52
C LYS F 323 5.46 5.40 -17.00
N GLY F 324 5.50 5.64 -18.31
CA GLY F 324 4.74 6.72 -18.90
C GLY F 324 5.49 7.32 -20.07
N ASN F 325 4.95 7.14 -21.27
CA ASN F 325 5.58 7.66 -22.49
C ASN F 325 4.96 8.99 -22.88
N SER F 326 3.74 8.93 -23.41
CA SER F 326 3.03 10.13 -23.83
C SER F 326 1.72 10.28 -23.06
N GLY G 1 -6.05 5.98 21.79
CA GLY G 1 -7.36 6.38 21.25
C GLY G 1 -7.93 7.47 22.11
N HIS G 2 -9.22 7.79 21.92
CA HIS G 2 -9.85 8.82 22.72
C HIS G 2 -10.38 8.17 23.98
N ARG G 3 -10.71 8.97 24.99
CA ARG G 3 -11.22 8.41 26.22
C ARG G 3 -12.64 8.84 26.59
N PRO G 4 -13.49 9.15 25.59
CA PRO G 4 -14.86 9.59 25.86
C PRO G 4 -15.33 9.35 27.28
N GLY H 1 -14.75 -0.95 6.32
CA GLY H 1 -15.37 -1.90 5.37
C GLY H 1 -16.29 -2.87 6.07
N HIS H 2 -15.85 -3.36 7.21
CA HIS H 2 -16.61 -4.31 8.00
C HIS H 2 -17.70 -3.67 8.86
N ARG H 3 -18.15 -4.41 9.86
CA ARG H 3 -19.20 -3.93 10.76
C ARG H 3 -18.89 -4.21 12.23
N PRO H 4 -19.42 -3.37 13.13
CA PRO H 4 -19.20 -3.50 14.56
C PRO H 4 -19.40 -4.92 15.05
N GLY I 1 50.01 -13.24 54.21
CA GLY I 1 50.17 -12.66 55.56
C GLY I 1 51.49 -11.94 55.75
N HIS I 2 52.03 -12.03 56.96
CA HIS I 2 53.30 -11.38 57.30
C HIS I 2 54.49 -12.21 56.80
N ARG I 3 55.70 -11.70 57.04
CA ARG I 3 56.90 -12.39 56.62
C ARG I 3 57.95 -12.46 57.72
N PRO I 4 58.89 -13.41 57.61
CA PRO I 4 59.96 -13.56 58.61
C PRO I 4 60.86 -12.32 58.60
N GLY J 1 -57.32 13.19 -44.82
CA GLY J 1 -58.74 13.45 -45.17
C GLY J 1 -59.22 12.52 -46.26
N HIS J 2 -60.53 12.44 -46.44
CA HIS J 2 -61.08 11.57 -47.48
C HIS J 2 -60.80 12.23 -48.81
N ARG J 3 -61.01 11.49 -49.90
CA ARG J 3 -60.77 12.03 -51.23
C ARG J 3 -62.05 12.05 -52.06
N PRO J 4 -62.34 13.20 -52.72
CA PRO J 4 -63.50 13.43 -53.56
C PRO J 4 -63.98 12.21 -54.35
C1 NAG K . 55.61 -13.09 64.36
C2 NAG K . 55.38 -13.13 65.88
C3 NAG K . 56.42 -14.05 66.56
C4 NAG K . 56.55 -15.41 65.84
C5 NAG K . 56.86 -15.15 64.38
C6 NAG K . 57.07 -16.41 63.58
C7 NAG K . 55.05 -11.47 67.64
C8 NAG K . 53.79 -10.63 67.79
N2 NAG K . 55.45 -11.78 66.41
O3 NAG K . 56.05 -14.29 67.92
O4 NAG K . 57.59 -16.17 66.42
O5 NAG K . 55.76 -14.42 63.80
O6 NAG K . 55.84 -16.91 63.09
O7 NAG K . 55.65 -11.83 68.65
CA CA L . 60.65 -5.86 48.19
C1 NAG M . 6.73 -3.63 33.46
C2 NAG M . 5.75 -4.60 34.12
C3 NAG M . 4.65 -3.83 34.85
C4 NAG M . 5.30 -2.87 35.84
C5 NAG M . 6.25 -1.93 35.08
C6 NAG M . 6.96 -1.00 36.00
C7 NAG M . 5.99 -6.25 32.39
C8 NAG M . 5.39 -6.96 31.20
N2 NAG M . 5.18 -5.49 33.13
O3 NAG M . 3.79 -4.72 35.54
O4 NAG M . 4.31 -2.13 36.54
O5 NAG M . 7.27 -2.71 34.41
O6 NAG M . 7.78 -1.71 36.90
O7 NAG M . 7.19 -6.40 32.65
CA CA N . -4.71 14.38 33.30
C1 NAG O . -68.57 13.62 -49.01
C2 NAG O . -69.99 13.80 -48.42
C3 NAG O . -70.86 14.66 -49.38
C4 NAG O . -70.12 15.92 -49.85
C5 NAG O . -68.80 15.51 -50.47
C6 NAG O . -68.00 16.68 -51.02
C7 NAG O . -71.70 12.33 -47.47
C8 NAG O . -71.57 11.64 -46.13
N2 NAG O . -70.59 12.48 -48.21
O3 NAG O . -72.08 15.03 -48.74
O4 NAG O . -70.90 16.61 -50.82
O5 NAG O . -68.00 14.86 -49.45
O6 NAG O . -67.20 17.27 -50.02
O7 NAG O . -72.81 12.70 -47.86
CA CA P . -54.67 4.37 -56.48
C1 NAG Q . -27.82 6.63 -6.91
C2 NAG Q . -28.54 7.97 -6.77
C3 NAG Q . -29.25 8.06 -5.44
C4 NAG Q . -30.13 6.83 -5.19
C5 NAG Q . -29.38 5.52 -5.47
C6 NAG Q . -30.29 4.31 -5.45
C7 NAG Q . -26.67 9.09 -7.82
C8 NAG Q . -25.26 8.66 -7.41
N2 NAG Q . -27.60 9.08 -6.87
O3 NAG Q . -30.07 9.22 -5.46
O4 NAG Q . -30.59 6.84 -3.84
O5 NAG Q . -28.77 5.56 -6.78
O6 NAG Q . -30.48 3.77 -6.74
O7 NAG Q . -26.90 9.43 -8.99
CA CA R . -27.46 -10.28 6.07
#